data_3QLU
#
_entry.id   3QLU
#
_cell.length_a   65.626
_cell.length_b   139.548
_cell.length_c   195.410
_cell.angle_alpha   90.00
_cell.angle_beta   90.00
_cell.angle_gamma   90.00
#
_symmetry.space_group_name_H-M   'P 21 21 21'
#
loop_
_entity.id
_entity.type
_entity.pdbx_description
1 polymer 'Glutamate receptor, ionotropic kainate 5'
2 polymer 'Glutamate receptor, ionotropic kainate 2'
3 non-polymer 2-acetamido-2-deoxy-beta-D-glucopyranose
4 non-polymer 'CHLORIDE ION'
5 non-polymer GLYCEROL
6 water water
#
loop_
_entity_poly.entity_id
_entity_poly.type
_entity_poly.pdbx_seq_one_letter_code
_entity_poly.pdbx_strand_id
1 'polypeptide(L)'
;VLSSLRMAAILDDQTVCGRGERLALALAREQINGIIEVPAKARVEVDIFELQRDSQYETTDTMCQILPKGVVSVLGPSSS
PASASTVSHICGEKEIPHIKVGPEETPRLQYLRFASVSLYPSNEDVSLAVSRILKSFNYPSASLICAKAECLLRLEELVR
GFLISKETLSVRMLDDSRDPTPLLKEIRDDKVSTIIIDANASISHLVLRKASELGMTSAFYKYILTTMDFPILHLDGIVE
DSSNILGFSMFNTSHPFYPEFVRSLNMSWRENCEASTYPGPALSAALMFDAVHVVVSAVRELNRSQEIGVKPLACTSANI
WPHGTSLMNYLRMVEYDGLTGRVEFNSKGQRTNYTLRILEKSRQGHREIGVWYSNRTLAMNATTLDILELVPR
;
A,B
2 'polypeptide(L)'
;TTHVLRFGGIFEYVESGPMGAEELAFRFAVNTINRNRTLLPNTTLTYDTQKINLYDSFEASKKACDQLSLGVAAIFGPSH
SSSANAVQSICNALGVPHIQTRWKHQVSDNKDSFYVSLYPDFSSLSRAILDLVQFFKWKTVTVVYDDSTGLIRLQELIKA
PSRYNLRLKIRQLPADTKDAKPLLKEMKRGKEFHVIFDCSHEMAAGILKQALNMSMMTEYYHYIFTTLDLFALDVEPYRY
SGVNMTGFRILNTENTQVSSIIEKWSMERLQAPPKPDSGLLDGFMTTDAALMYDAVHVVSVAVQQFPQMTVSSLQCNRHK
PWRFGTRFMSLIKEAHWEGLTGRITFNKTNGLRTDFDLDVISLKEEGLEKIGTWDPASGLNMTESQKGKLELVPR
;
C,D
#
# COMPACT_ATOMS: atom_id res chain seq x y z
N LEU A 2 -9.40 2.58 24.32
CA LEU A 2 -8.46 3.19 25.25
C LEU A 2 -7.52 4.17 24.54
N SER A 3 -6.54 3.62 23.82
CA SER A 3 -5.53 4.42 23.13
C SER A 3 -6.15 5.40 22.11
N SER A 4 -7.23 4.97 21.48
CA SER A 4 -7.92 5.80 20.50
C SER A 4 -9.16 5.10 19.94
N LEU A 5 -10.14 5.90 19.52
CA LEU A 5 -11.28 5.37 18.78
C LEU A 5 -10.84 5.08 17.37
N ARG A 6 -10.55 3.83 17.07
CA ARG A 6 -10.29 3.46 15.71
C ARG A 6 -11.53 2.80 15.17
N MET A 7 -11.98 3.22 13.99
CA MET A 7 -13.06 2.54 13.29
C MET A 7 -12.61 2.26 11.85
N ALA A 8 -13.14 1.20 11.26
CA ALA A 8 -12.79 0.86 9.88
C ALA A 8 -13.89 1.34 8.94
N ALA A 9 -13.53 1.71 7.72
CA ALA A 9 -14.53 2.04 6.70
C ALA A 9 -14.19 1.30 5.43
N ILE A 10 -15.18 0.64 4.86
CA ILE A 10 -15.01 -0.11 3.63
C ILE A 10 -15.56 0.72 2.48
N LEU A 11 -14.72 1.03 1.49
CA LEU A 11 -15.13 1.89 0.38
C LEU A 11 -15.14 1.13 -0.93
N ASP A 12 -16.31 1.06 -1.57
CA ASP A 12 -16.40 0.56 -2.94
C ASP A 12 -16.32 1.73 -3.91
N ASP A 13 -15.94 2.88 -3.39
CA ASP A 13 -15.82 4.09 -4.19
C ASP A 13 -14.53 4.07 -5.02
N GLN A 14 -14.61 4.54 -6.26
CA GLN A 14 -13.41 4.75 -7.06
C GLN A 14 -12.65 5.97 -6.57
N THR A 15 -11.34 6.01 -6.84
CA THR A 15 -10.50 7.14 -6.44
C THR A 15 -10.66 8.31 -7.41
N VAL A 16 -10.86 8.00 -8.68
CA VAL A 16 -10.99 9.02 -9.73
C VAL A 16 -12.44 9.29 -10.12
N CYS A 17 -12.87 10.53 -9.91
CA CYS A 17 -14.26 10.94 -10.10
C CYS A 17 -15.16 10.17 -9.15
N GLY A 18 -14.66 9.92 -7.95
CA GLY A 18 -15.42 9.18 -6.97
C GLY A 18 -16.55 10.00 -6.39
N ARG A 19 -17.17 9.49 -5.33
CA ARG A 19 -18.27 10.20 -4.69
C ARG A 19 -17.73 11.04 -3.52
N GLY A 20 -16.44 10.95 -3.29
CA GLY A 20 -15.80 11.75 -2.25
C GLY A 20 -15.82 11.09 -0.89
N GLU A 21 -16.01 9.77 -0.86
CA GLU A 21 -16.18 9.10 0.41
C GLU A 21 -14.96 9.18 1.28
N ARG A 22 -13.77 9.01 0.69
CA ARG A 22 -12.53 9.02 1.46
C ARG A 22 -12.25 10.39 2.05
N LEU A 23 -12.62 11.43 1.30
CA LEU A 23 -12.40 12.79 1.76
C LEU A 23 -13.41 13.17 2.83
N ALA A 24 -14.63 12.67 2.71
CA ALA A 24 -15.68 12.97 3.67
C ALA A 24 -15.34 12.39 5.04
N LEU A 25 -14.68 11.23 5.04
CA LEU A 25 -14.26 10.59 6.27
C LEU A 25 -13.15 11.42 6.91
N ALA A 26 -12.24 11.91 6.09
CA ALA A 26 -11.14 12.74 6.57
C ALA A 26 -11.67 14.02 7.21
N LEU A 27 -12.66 14.66 6.57
CA LEU A 27 -13.20 15.91 7.05
C LEU A 27 -13.79 15.78 8.45
N ALA A 28 -14.58 14.74 8.66
CA ALA A 28 -15.19 14.48 9.96
C ALA A 28 -14.13 14.19 11.03
N ARG A 29 -13.09 13.49 10.63
CA ARG A 29 -12.03 13.13 11.55
CA ARG A 29 -12.01 13.11 11.52
C ARG A 29 -11.24 14.34 12.00
N GLU A 30 -11.02 15.28 11.09
CA GLU A 30 -10.23 16.46 11.39
C GLU A 30 -11.07 17.47 12.17
N GLN A 31 -12.33 17.60 11.79
CA GLN A 31 -13.24 18.48 12.48
C GLN A 31 -13.35 18.10 13.96
N ILE A 32 -13.45 16.81 14.23
CA ILE A 32 -13.65 16.31 15.59
C ILE A 32 -12.35 16.40 16.39
N ASN A 33 -11.26 15.93 15.81
CA ASN A 33 -9.95 15.96 16.46
C ASN A 33 -9.42 17.38 16.64
N GLY A 34 -9.95 18.33 15.88
CA GLY A 34 -9.48 19.70 15.92
C GLY A 34 -10.03 20.44 17.11
N ILE A 35 -11.18 19.98 17.60
CA ILE A 35 -11.78 20.52 18.81
C ILE A 35 -11.05 19.98 20.04
N ILE A 36 -10.29 20.83 20.72
CA ILE A 36 -9.62 20.42 21.95
C ILE A 36 -10.55 20.57 23.13
N GLU A 37 -10.48 19.62 24.07
CA GLU A 37 -11.35 19.64 25.23
C GLU A 37 -10.57 19.45 26.53
N VAL A 38 -11.15 19.97 27.61
CA VAL A 38 -10.63 19.81 28.95
C VAL A 38 -11.73 19.17 29.82
N PRO A 39 -11.59 17.87 30.14
CA PRO A 39 -10.40 17.05 29.85
C PRO A 39 -10.28 16.63 28.38
N ALA A 40 -9.07 16.28 27.97
CA ALA A 40 -8.79 15.86 26.60
C ALA A 40 -9.30 14.44 26.36
N LYS A 41 -9.45 14.07 25.10
CA LYS A 41 -10.02 12.76 24.76
C LYS A 41 -9.27 12.12 23.60
N ALA A 42 -9.26 10.80 23.56
CA ALA A 42 -8.49 10.04 22.58
C ALA A 42 -8.81 10.45 21.14
N ARG A 43 -7.79 10.39 20.28
CA ARG A 43 -7.94 10.82 18.90
C ARG A 43 -8.77 9.83 18.13
N VAL A 44 -9.51 10.34 17.15
CA VAL A 44 -10.29 9.51 16.27
C VAL A 44 -9.46 9.06 15.08
N GLU A 45 -9.63 7.81 14.67
CA GLU A 45 -8.89 7.24 13.55
CA GLU A 45 -8.90 7.25 13.55
C GLU A 45 -9.85 6.48 12.66
N VAL A 46 -9.73 6.67 11.35
CA VAL A 46 -10.53 5.91 10.41
C VAL A 46 -9.64 5.14 9.44
N ASP A 47 -9.45 3.86 9.72
CA ASP A 47 -8.72 2.95 8.83
C ASP A 47 -9.55 2.63 7.60
N ILE A 48 -8.95 2.80 6.42
CA ILE A 48 -9.67 2.66 5.17
C ILE A 48 -9.29 1.41 4.39
N PHE A 49 -10.28 0.57 4.08
CA PHE A 49 -10.10 -0.62 3.25
C PHE A 49 -10.91 -0.50 1.95
N GLU A 50 -10.30 -0.84 0.82
CA GLU A 50 -10.98 -0.70 -0.47
C GLU A 50 -11.55 -2.01 -0.98
N LEU A 51 -12.67 -1.91 -1.68
CA LEU A 51 -13.35 -3.06 -2.27
C LEU A 51 -13.41 -2.87 -3.78
N GLN A 52 -12.81 -3.79 -4.52
CA GLN A 52 -12.72 -3.68 -5.99
C GLN A 52 -14.02 -4.13 -6.67
N ARG A 53 -14.70 -5.11 -6.06
CA ARG A 53 -15.93 -5.65 -6.62
C ARG A 53 -16.93 -5.98 -5.51
N ASP A 54 -18.21 -5.98 -5.84
CA ASP A 54 -19.24 -6.38 -4.89
C ASP A 54 -19.20 -7.90 -4.71
N SER A 55 -18.18 -8.38 -4.02
CA SER A 55 -17.91 -9.80 -3.90
C SER A 55 -17.97 -10.22 -2.44
N GLN A 56 -18.78 -11.23 -2.12
CA GLN A 56 -18.83 -11.72 -0.75
C GLN A 56 -17.48 -12.32 -0.41
N TYR A 57 -16.80 -12.82 -1.44
CA TYR A 57 -15.52 -13.50 -1.26
C TYR A 57 -14.38 -12.54 -0.96
N GLU A 58 -14.36 -11.40 -1.64
CA GLU A 58 -13.38 -10.38 -1.34
C GLU A 58 -13.71 -9.72 -0.01
N THR A 59 -15.00 -9.56 0.29
CA THR A 59 -15.41 -8.87 1.51
C THR A 59 -15.06 -9.66 2.76
N THR A 60 -15.16 -10.98 2.70
CA THR A 60 -14.81 -11.81 3.85
C THR A 60 -13.32 -11.68 4.17
N ASP A 61 -12.48 -11.67 3.15
CA ASP A 61 -11.06 -11.41 3.31
C ASP A 61 -10.80 -10.04 3.94
N THR A 62 -11.54 -9.03 3.49
CA THR A 62 -11.38 -7.66 4.02
C THR A 62 -11.74 -7.61 5.51
N MET A 63 -12.83 -8.27 5.90
CA MET A 63 -13.21 -8.28 7.30
C MET A 63 -12.14 -8.97 8.12
N CYS A 64 -11.46 -9.95 7.53
CA CYS A 64 -10.44 -10.70 8.25
C CYS A 64 -9.19 -9.89 8.49
N GLN A 65 -8.94 -8.90 7.64
CA GLN A 65 -7.85 -7.97 7.85
C GLN A 65 -8.23 -6.89 8.85
N ILE A 66 -9.53 -6.65 9.01
CA ILE A 66 -10.00 -5.59 9.88
C ILE A 66 -10.05 -6.04 11.34
N LEU A 67 -10.42 -7.29 11.59
CA LEU A 67 -10.69 -7.73 12.96
C LEU A 67 -9.46 -7.61 13.87
N PRO A 68 -8.27 -7.94 13.36
CA PRO A 68 -7.05 -7.79 14.17
C PRO A 68 -6.68 -6.34 14.53
N LYS A 69 -7.27 -5.34 13.87
CA LYS A 69 -6.90 -3.94 14.09
C LYS A 69 -7.49 -3.31 15.36
N GLY A 70 -8.47 -3.96 15.97
CA GLY A 70 -9.07 -3.45 17.20
C GLY A 70 -9.92 -2.21 16.95
N VAL A 71 -11.07 -2.41 16.32
CA VAL A 71 -11.90 -1.29 15.88
C VAL A 71 -13.21 -1.31 16.64
N VAL A 72 -13.87 -0.15 16.64
CA VAL A 72 -15.08 0.06 17.42
C VAL A 72 -16.35 -0.08 16.58
N SER A 73 -16.21 0.11 15.28
CA SER A 73 -17.31 -0.02 14.33
C SER A 73 -16.75 -0.26 12.96
N VAL A 74 -17.60 -0.68 12.03
CA VAL A 74 -17.21 -0.81 10.64
C VAL A 74 -18.26 -0.06 9.84
N LEU A 75 -17.82 0.88 9.02
CA LEU A 75 -18.74 1.70 8.24
C LEU A 75 -18.72 1.23 6.81
N GLY A 76 -19.88 1.24 6.15
CA GLY A 76 -19.94 0.92 4.73
C GLY A 76 -19.99 -0.57 4.47
N PRO A 77 -19.95 -0.97 3.18
CA PRO A 77 -19.82 -0.10 2.02
C PRO A 77 -21.15 0.57 1.68
N SER A 78 -21.10 1.59 0.82
CA SER A 78 -22.30 2.37 0.51
C SER A 78 -23.08 1.88 -0.71
N SER A 79 -22.41 1.16 -1.62
CA SER A 79 -23.03 0.77 -2.88
C SER A 79 -22.73 -0.67 -3.30
N SER A 80 -22.66 -1.57 -2.32
CA SER A 80 -22.41 -2.98 -2.61
C SER A 80 -23.29 -3.84 -1.72
N PRO A 81 -24.57 -3.97 -2.08
CA PRO A 81 -25.56 -4.64 -1.23
C PRO A 81 -25.13 -6.03 -0.76
N ALA A 82 -24.53 -6.81 -1.64
CA ALA A 82 -24.08 -8.16 -1.30
C ALA A 82 -22.93 -8.17 -0.29
N SER A 83 -21.98 -7.24 -0.45
CA SER A 83 -20.86 -7.14 0.48
C SER A 83 -21.31 -6.61 1.83
N ALA A 84 -22.30 -5.72 1.80
CA ALA A 84 -22.76 -5.06 3.00
C ALA A 84 -23.42 -6.07 3.93
N SER A 85 -24.06 -7.08 3.37
CA SER A 85 -24.72 -8.07 4.20
C SER A 85 -23.69 -9.03 4.80
N THR A 86 -22.56 -9.19 4.11
CA THR A 86 -21.48 -10.03 4.62
C THR A 86 -20.82 -9.32 5.79
N VAL A 87 -20.65 -8.01 5.66
CA VAL A 87 -20.11 -7.19 6.74
C VAL A 87 -21.05 -7.25 7.93
N SER A 88 -22.36 -7.19 7.69
CA SER A 88 -23.33 -7.23 8.77
C SER A 88 -23.26 -8.55 9.53
N HIS A 89 -23.04 -9.64 8.81
CA HIS A 89 -23.09 -10.95 9.43
C HIS A 89 -21.86 -11.14 10.31
N ILE A 90 -20.69 -10.90 9.73
CA ILE A 90 -19.44 -11.06 10.45
C ILE A 90 -19.38 -10.09 11.63
N CYS A 91 -19.87 -8.87 11.44
CA CYS A 91 -19.97 -7.92 12.55
C CYS A 91 -20.86 -8.46 13.67
N GLY A 92 -21.97 -9.09 13.30
CA GLY A 92 -22.86 -9.66 14.29
C GLY A 92 -22.17 -10.74 15.10
N GLU A 93 -21.35 -11.55 14.43
CA GLU A 93 -20.66 -12.65 15.09
C GLU A 93 -19.66 -12.13 16.09
N LYS A 94 -18.84 -11.17 15.68
CA LYS A 94 -17.81 -10.62 16.55
C LYS A 94 -18.34 -9.54 17.50
N GLU A 95 -19.61 -9.17 17.33
CA GLU A 95 -20.23 -8.15 18.17
C GLU A 95 -19.51 -6.80 18.07
N ILE A 96 -19.06 -6.47 16.86
CA ILE A 96 -18.62 -5.13 16.51
C ILE A 96 -19.68 -4.42 15.66
N PRO A 97 -20.17 -3.26 16.12
CA PRO A 97 -21.27 -2.62 15.39
C PRO A 97 -21.02 -2.36 13.92
N HIS A 98 -22.03 -2.60 13.09
CA HIS A 98 -22.00 -2.25 11.67
C HIS A 98 -22.84 -1.01 11.41
N ILE A 99 -22.19 0.10 11.05
CA ILE A 99 -22.92 1.33 10.71
C ILE A 99 -23.25 1.35 9.20
N LYS A 100 -24.52 1.06 8.89
CA LYS A 100 -24.99 0.98 7.52
C LYS A 100 -25.19 2.36 6.90
N VAL A 101 -24.60 2.58 5.72
CA VAL A 101 -24.72 3.86 5.04
C VAL A 101 -25.12 3.67 3.59
N GLY A 102 -25.56 2.47 3.25
CA GLY A 102 -25.94 2.17 1.89
C GLY A 102 -26.99 1.07 1.84
N PRO A 103 -27.64 0.93 0.68
CA PRO A 103 -28.58 -0.18 0.49
C PRO A 103 -28.03 -1.53 0.93
N GLU A 104 -28.89 -2.27 1.62
CA GLU A 104 -28.65 -3.67 1.92
C GLU A 104 -29.96 -4.33 1.61
N GLU A 105 -29.96 -5.33 0.75
CA GLU A 105 -31.21 -5.90 0.28
C GLU A 105 -31.32 -7.38 0.63
N THR A 106 -30.63 -7.77 1.69
CA THR A 106 -30.90 -9.03 2.37
C THR A 106 -31.98 -8.72 3.39
N PRO A 107 -32.69 -9.75 3.88
CA PRO A 107 -33.77 -9.47 4.84
C PRO A 107 -33.35 -8.45 5.94
N ARG A 108 -32.48 -8.76 6.89
CA ARG A 108 -31.99 -10.10 7.18
C ARG A 108 -33.01 -10.70 8.14
N LEU A 109 -32.93 -12.00 8.39
CA LEU A 109 -33.87 -12.65 9.30
C LEU A 109 -33.85 -11.99 10.66
N GLN A 110 -35.03 -11.75 11.21
CA GLN A 110 -35.17 -11.03 12.48
C GLN A 110 -34.46 -11.73 13.65
N TYR A 111 -34.43 -13.05 13.61
CA TYR A 111 -33.94 -13.83 14.75
C TYR A 111 -32.47 -14.24 14.59
N LEU A 112 -31.67 -13.36 14.01
CA LEU A 112 -30.22 -13.54 14.00
C LEU A 112 -29.57 -12.45 14.86
N ARG A 113 -28.26 -12.52 15.07
CA ARG A 113 -27.60 -11.54 15.94
C ARG A 113 -27.73 -10.15 15.34
N PHE A 114 -28.11 -9.20 16.18
CA PHE A 114 -28.31 -7.81 15.75
C PHE A 114 -27.14 -6.93 16.17
N ALA A 115 -26.30 -6.56 15.20
CA ALA A 115 -25.25 -5.60 15.45
C ALA A 115 -25.21 -4.54 14.34
N SER A 116 -26.23 -3.69 14.28
CA SER A 116 -26.35 -2.66 13.24
C SER A 116 -27.13 -1.42 13.68
N VAL A 117 -26.78 -0.29 13.09
CA VAL A 117 -27.70 0.84 12.95
C VAL A 117 -27.59 1.29 11.49
N SER A 118 -28.57 2.02 10.98
CA SER A 118 -28.52 2.42 9.59
C SER A 118 -28.93 3.87 9.38
N LEU A 119 -28.05 4.66 8.76
CA LEU A 119 -28.32 6.07 8.51
C LEU A 119 -29.03 6.22 7.19
N TYR A 120 -29.16 5.11 6.47
CA TYR A 120 -29.82 5.09 5.17
C TYR A 120 -31.31 4.76 5.35
N PRO A 121 -32.19 5.49 4.65
CA PRO A 121 -33.63 5.20 4.75
C PRO A 121 -33.94 3.74 4.49
N SER A 122 -34.95 3.21 5.17
CA SER A 122 -35.37 1.84 4.94
C SER A 122 -36.27 1.76 3.71
N ASN A 123 -36.37 0.57 3.11
CA ASN A 123 -37.27 0.34 1.99
C ASN A 123 -38.69 0.78 2.32
N GLU A 124 -39.14 0.45 3.52
CA GLU A 124 -40.49 0.81 3.91
C GLU A 124 -40.66 2.32 3.92
N ASP A 125 -39.67 3.03 4.46
CA ASP A 125 -39.68 4.49 4.46
C ASP A 125 -39.82 5.08 3.05
N VAL A 126 -39.07 4.58 2.08
CA VAL A 126 -39.16 5.08 0.72
C VAL A 126 -40.54 4.75 0.11
N SER A 127 -41.04 3.53 0.33
CA SER A 127 -42.34 3.14 -0.21
C SER A 127 -43.44 4.01 0.38
N LEU A 128 -43.28 4.41 1.64
CA LEU A 128 -44.27 5.25 2.30
C LEU A 128 -44.24 6.65 1.72
N ALA A 129 -43.04 7.16 1.48
CA ALA A 129 -42.88 8.51 0.95
C ALA A 129 -43.47 8.60 -0.45
N VAL A 130 -43.23 7.59 -1.27
CA VAL A 130 -43.77 7.57 -2.62
C VAL A 130 -45.29 7.43 -2.61
N SER A 131 -45.82 6.62 -1.69
CA SER A 131 -47.27 6.47 -1.51
C SER A 131 -47.88 7.80 -1.13
N ARG A 132 -47.20 8.55 -0.28
CA ARG A 132 -47.74 9.78 0.27
C ARG A 132 -47.86 10.85 -0.81
N ILE A 133 -46.89 10.86 -1.72
CA ILE A 133 -46.96 11.73 -2.89
C ILE A 133 -48.11 11.34 -3.81
N LEU A 134 -48.22 10.04 -4.11
CA LEU A 134 -49.33 9.53 -4.88
C LEU A 134 -50.66 9.88 -4.21
N LYS A 135 -50.69 9.87 -2.89
CA LYS A 135 -51.92 10.16 -2.18
C LYS A 135 -52.27 11.62 -2.43
N SER A 136 -51.22 12.41 -2.61
CA SER A 136 -51.38 13.83 -2.86
C SER A 136 -52.00 14.10 -4.22
N PHE A 137 -51.89 13.12 -5.12
CA PHE A 137 -52.47 13.24 -6.46
C PHE A 137 -53.82 12.53 -6.54
N ASN A 138 -54.30 12.02 -5.41
CA ASN A 138 -55.50 11.21 -5.37
C ASN A 138 -55.34 9.87 -6.10
N TYR A 139 -54.23 9.20 -5.79
CA TYR A 139 -53.92 7.87 -6.31
C TYR A 139 -54.30 7.69 -7.78
N PRO A 140 -53.58 8.38 -8.67
CA PRO A 140 -53.78 8.26 -10.11
C PRO A 140 -53.49 6.84 -10.58
N SER A 141 -53.83 6.53 -11.81
CA SER A 141 -53.30 5.34 -12.45
C SER A 141 -51.80 5.54 -12.57
N ALA A 142 -51.02 4.53 -12.22
CA ALA A 142 -49.56 4.67 -12.26
C ALA A 142 -48.90 3.45 -12.85
N SER A 143 -47.76 3.66 -13.49
CA SER A 143 -46.93 2.57 -13.96
C SER A 143 -45.57 2.68 -13.30
N LEU A 144 -45.01 1.54 -12.92
CA LEU A 144 -43.70 1.50 -12.32
C LEU A 144 -42.70 1.06 -13.37
N ILE A 145 -41.56 1.73 -13.46
CA ILE A 145 -40.50 1.35 -14.39
C ILE A 145 -39.25 1.03 -13.59
N CYS A 146 -38.85 -0.23 -13.60
CA CYS A 146 -37.71 -0.69 -12.80
C CYS A 146 -36.52 -1.04 -13.66
N ALA A 147 -35.33 -0.68 -13.20
CA ALA A 147 -34.11 -1.08 -13.88
C ALA A 147 -33.95 -2.58 -13.76
N LYS A 148 -33.96 -3.09 -12.53
CA LYS A 148 -33.79 -4.52 -12.28
C LYS A 148 -34.90 -5.00 -11.36
N ALA A 149 -35.08 -6.31 -11.29
CA ALA A 149 -36.19 -6.90 -10.54
C ALA A 149 -36.17 -6.56 -9.05
N GLU A 150 -35.01 -6.14 -8.54
CA GLU A 150 -34.88 -5.87 -7.10
C GLU A 150 -35.77 -4.74 -6.61
N CYS A 151 -36.41 -4.02 -7.53
CA CYS A 151 -37.29 -2.92 -7.14
C CYS A 151 -38.57 -3.44 -6.47
N LEU A 152 -38.91 -4.71 -6.71
CA LEU A 152 -40.06 -5.30 -6.04
C LEU A 152 -39.72 -5.60 -4.60
N LEU A 153 -38.42 -5.61 -4.30
CA LEU A 153 -37.95 -5.86 -2.96
C LEU A 153 -37.88 -4.54 -2.20
N ARG A 154 -37.35 -3.51 -2.86
CA ARG A 154 -37.22 -2.18 -2.27
C ARG A 154 -38.59 -1.57 -2.07
N LEU A 155 -39.45 -1.73 -3.07
CA LEU A 155 -40.77 -1.12 -3.06
C LEU A 155 -41.85 -2.15 -2.76
N GLU A 156 -41.48 -3.20 -2.06
CA GLU A 156 -42.43 -4.25 -1.71
C GLU A 156 -43.66 -3.66 -1.05
N GLU A 157 -43.46 -2.80 -0.05
CA GLU A 157 -44.57 -2.22 0.70
C GLU A 157 -45.53 -1.44 -0.19
N LEU A 158 -44.98 -0.70 -1.14
CA LEU A 158 -45.80 0.06 -2.07
C LEU A 158 -46.61 -0.87 -2.95
N VAL A 159 -45.92 -1.72 -3.70
CA VAL A 159 -46.57 -2.60 -4.66
C VAL A 159 -47.70 -3.44 -4.08
N ARG A 160 -47.51 -4.03 -2.89
CA ARG A 160 -48.55 -4.92 -2.34
C ARG A 160 -49.71 -4.16 -1.71
N GLY A 161 -49.57 -2.85 -1.58
CA GLY A 161 -50.66 -2.03 -1.10
C GLY A 161 -51.66 -1.69 -2.18
N PHE A 162 -51.24 -1.72 -3.44
CA PHE A 162 -52.10 -1.38 -4.55
C PHE A 162 -52.55 -2.63 -5.30
N LEU A 163 -53.74 -2.57 -5.87
CA LEU A 163 -54.19 -3.60 -6.80
C LEU A 163 -53.36 -3.44 -8.06
N ILE A 164 -52.90 -4.56 -8.63
CA ILE A 164 -52.05 -4.52 -9.82
C ILE A 164 -52.90 -4.71 -11.08
N SER A 165 -53.02 -3.63 -11.87
CA SER A 165 -53.75 -3.65 -13.14
C SER A 165 -53.54 -2.33 -13.86
N LYS A 166 -53.96 -2.26 -15.13
CA LYS A 166 -53.70 -1.05 -15.93
C LYS A 166 -54.34 0.19 -15.30
N GLU A 167 -55.47 0.01 -14.64
CA GLU A 167 -56.20 1.14 -14.06
C GLU A 167 -55.62 1.59 -12.73
N THR A 168 -54.85 0.72 -12.08
CA THR A 168 -54.39 1.01 -10.73
C THR A 168 -52.86 1.16 -10.64
N LEU A 169 -52.13 0.04 -10.73
CA LEU A 169 -50.68 0.07 -10.69
C LEU A 169 -50.13 -1.05 -11.56
N SER A 170 -49.39 -0.69 -12.60
CA SER A 170 -48.75 -1.67 -13.48
C SER A 170 -47.28 -1.78 -13.11
N VAL A 171 -46.64 -2.88 -13.46
CA VAL A 171 -45.19 -3.00 -13.26
C VAL A 171 -44.52 -3.40 -14.58
N ARG A 172 -43.48 -2.65 -14.96
CA ARG A 172 -42.73 -2.91 -16.17
C ARG A 172 -41.23 -2.86 -15.87
N MET A 173 -40.44 -3.65 -16.59
CA MET A 173 -39.01 -3.69 -16.34
C MET A 173 -38.21 -3.53 -17.63
N LEU A 174 -36.97 -3.03 -17.50
CA LEU A 174 -36.09 -2.82 -18.65
C LEU A 174 -35.32 -4.10 -19.03
N ASP A 175 -35.08 -4.26 -20.33
CA ASP A 175 -34.44 -5.47 -20.84
C ASP A 175 -32.92 -5.31 -20.92
N ARG A 178 -31.70 -2.74 -23.69
CA ARG A 178 -32.05 -1.80 -22.64
C ARG A 178 -32.47 -0.43 -23.20
N ASP A 179 -33.72 -0.36 -23.65
CA ASP A 179 -34.30 0.80 -24.31
C ASP A 179 -35.71 1.01 -23.75
N PRO A 180 -35.93 2.12 -23.02
CA PRO A 180 -37.22 2.38 -22.36
C PRO A 180 -38.32 2.89 -23.29
N THR A 181 -38.03 3.12 -24.55
CA THR A 181 -39.03 3.66 -25.47
C THR A 181 -40.25 2.74 -25.64
N PRO A 182 -40.01 1.42 -25.74
CA PRO A 182 -41.13 0.48 -25.82
C PRO A 182 -42.04 0.61 -24.60
N LEU A 183 -41.47 0.62 -23.40
CA LEU A 183 -42.25 0.73 -22.17
C LEU A 183 -43.08 1.99 -22.16
N LEU A 184 -42.43 3.10 -22.45
CA LEU A 184 -43.07 4.40 -22.37
C LEU A 184 -44.24 4.50 -23.36
N LYS A 185 -44.14 3.83 -24.50
CA LYS A 185 -45.22 3.84 -25.46
C LYS A 185 -46.40 3.02 -24.94
N GLU A 186 -46.11 1.85 -24.35
CA GLU A 186 -47.16 1.06 -23.74
C GLU A 186 -47.88 1.85 -22.66
N ILE A 187 -47.14 2.64 -21.89
CA ILE A 187 -47.71 3.46 -20.83
C ILE A 187 -48.59 4.55 -21.41
N ARG A 188 -48.18 5.10 -22.56
CA ARG A 188 -48.94 6.16 -23.21
C ARG A 188 -50.21 5.62 -23.84
N ASP A 189 -50.15 4.37 -24.32
CA ASP A 189 -51.30 3.72 -24.93
C ASP A 189 -52.32 3.35 -23.88
N ASP A 190 -51.87 3.22 -22.63
CA ASP A 190 -52.77 2.97 -21.52
C ASP A 190 -53.37 4.28 -21.04
N LYS A 191 -52.80 5.40 -21.48
CA LYS A 191 -53.26 6.71 -21.08
C LYS A 191 -52.96 6.96 -19.59
N VAL A 192 -51.90 6.33 -19.10
CA VAL A 192 -51.48 6.52 -17.71
C VAL A 192 -50.61 7.77 -17.61
N SER A 193 -50.85 8.58 -16.59
CA SER A 193 -50.21 9.88 -16.47
C SER A 193 -49.03 9.88 -15.52
N THR A 194 -49.10 9.05 -14.49
CA THR A 194 -48.10 9.07 -13.43
C THR A 194 -47.14 7.89 -13.53
N ILE A 195 -45.85 8.18 -13.61
CA ILE A 195 -44.82 7.18 -13.79
C ILE A 195 -43.81 7.23 -12.65
N ILE A 196 -43.44 6.07 -12.12
CA ILE A 196 -42.50 5.97 -11.00
C ILE A 196 -41.24 5.28 -11.49
N ILE A 197 -40.09 5.93 -11.36
CA ILE A 197 -38.85 5.40 -11.90
C ILE A 197 -37.87 4.95 -10.81
N ASP A 198 -37.66 3.65 -10.71
CA ASP A 198 -36.70 3.10 -9.75
C ASP A 198 -35.43 2.61 -10.46
N ALA A 199 -34.39 3.43 -10.43
CA ALA A 199 -33.14 3.10 -11.10
C ALA A 199 -31.98 3.94 -10.58
N ASN A 200 -30.76 3.59 -10.96
CA ASN A 200 -29.60 4.43 -10.66
C ASN A 200 -29.67 5.74 -11.45
N ALA A 201 -28.89 6.74 -11.03
CA ALA A 201 -28.97 8.07 -11.62
C ALA A 201 -28.91 8.08 -13.15
N SER A 202 -27.98 7.30 -13.72
CA SER A 202 -27.78 7.29 -15.17
C SER A 202 -28.93 6.63 -15.95
N ILE A 203 -29.52 5.56 -15.41
CA ILE A 203 -30.65 4.92 -16.06
C ILE A 203 -31.90 5.78 -15.94
N SER A 204 -32.08 6.44 -14.80
CA SER A 204 -33.20 7.36 -14.61
C SER A 204 -33.09 8.48 -15.64
N HIS A 205 -31.87 8.95 -15.86
CA HIS A 205 -31.63 9.99 -16.85
C HIS A 205 -31.99 9.51 -18.24
N LEU A 206 -31.74 8.22 -18.51
CA LEU A 206 -32.01 7.65 -19.82
C LEU A 206 -33.50 7.47 -20.11
N VAL A 207 -34.27 7.10 -19.08
CA VAL A 207 -35.72 6.96 -19.20
C VAL A 207 -36.34 8.31 -19.44
N LEU A 208 -35.85 9.33 -18.75
CA LEU A 208 -36.39 10.67 -18.88
C LEU A 208 -36.05 11.30 -20.22
N ARG A 209 -34.90 10.96 -20.79
CA ARG A 209 -34.51 11.53 -22.07
C ARG A 209 -35.37 10.94 -23.18
N LYS A 210 -35.66 9.64 -23.09
CA LYS A 210 -36.49 8.99 -24.10
C LYS A 210 -37.95 9.41 -23.99
N ALA A 211 -38.38 9.74 -22.78
CA ALA A 211 -39.74 10.23 -22.57
C ALA A 211 -39.86 11.63 -23.15
N SER A 212 -38.80 12.40 -23.02
CA SER A 212 -38.76 13.76 -23.54
C SER A 212 -38.94 13.75 -25.04
N GLU A 213 -38.34 12.75 -25.69
CA GLU A 213 -38.41 12.62 -27.14
C GLU A 213 -39.83 12.26 -27.59
N LEU A 214 -40.57 11.54 -26.76
CA LEU A 214 -41.92 11.13 -27.12
C LEU A 214 -42.96 12.16 -26.66
N GLY A 215 -42.49 13.31 -26.22
CA GLY A 215 -43.38 14.37 -25.78
C GLY A 215 -44.11 14.07 -24.47
N MET A 216 -43.68 13.03 -23.78
CA MET A 216 -44.31 12.62 -22.52
C MET A 216 -43.75 13.38 -21.34
N THR A 217 -43.07 14.48 -21.62
CA THR A 217 -42.41 15.23 -20.58
C THR A 217 -43.11 16.55 -20.36
N SER A 218 -44.35 16.64 -20.83
CA SER A 218 -45.14 17.87 -20.67
C SER A 218 -45.71 17.93 -19.26
N ALA A 219 -46.76 18.73 -19.08
CA ALA A 219 -47.34 18.96 -17.77
C ALA A 219 -48.42 17.94 -17.41
N PHE A 220 -48.83 17.14 -18.40
CA PHE A 220 -49.83 16.10 -18.15
C PHE A 220 -49.22 14.92 -17.40
N TYR A 221 -47.91 14.75 -17.50
CA TYR A 221 -47.22 13.65 -16.82
C TYR A 221 -46.56 14.08 -15.52
N LYS A 222 -46.56 13.18 -14.55
CA LYS A 222 -45.85 13.36 -13.28
C LYS A 222 -44.92 12.18 -13.08
N TYR A 223 -43.62 12.44 -12.93
CA TYR A 223 -42.64 11.40 -12.62
C TYR A 223 -42.22 11.46 -11.16
N ILE A 224 -42.05 10.29 -10.54
CA ILE A 224 -41.53 10.22 -9.19
C ILE A 224 -40.30 9.32 -9.21
N LEU A 225 -39.11 9.89 -8.99
CA LEU A 225 -37.88 9.11 -8.95
C LEU A 225 -37.52 8.69 -7.53
N THR A 226 -37.28 7.40 -7.34
CA THR A 226 -36.94 6.89 -6.02
C THR A 226 -35.44 6.96 -5.75
N THR A 227 -34.66 7.29 -6.77
CA THR A 227 -33.23 7.44 -6.59
C THR A 227 -32.96 8.46 -5.51
N MET A 228 -31.85 8.28 -4.81
CA MET A 228 -31.53 9.11 -3.66
C MET A 228 -30.48 10.15 -4.07
N ASP A 229 -29.91 9.95 -5.24
CA ASP A 229 -29.00 10.92 -5.83
C ASP A 229 -29.74 11.78 -6.85
N PHE A 230 -30.92 12.23 -6.44
CA PHE A 230 -31.80 13.03 -7.28
C PHE A 230 -31.27 14.45 -7.44
N PRO A 231 -30.66 14.99 -6.39
CA PRO A 231 -30.10 16.34 -6.49
C PRO A 231 -28.87 16.44 -7.40
N ILE A 232 -28.11 15.36 -7.57
CA ILE A 232 -26.94 15.41 -8.44
C ILE A 232 -27.26 14.86 -9.82
N LEU A 233 -28.54 14.61 -10.06
CA LEU A 233 -28.99 14.19 -11.38
C LEU A 233 -29.36 15.41 -12.20
N HIS A 234 -28.58 15.73 -13.21
CA HIS A 234 -28.82 16.95 -13.98
C HIS A 234 -29.42 16.65 -15.34
N LEU A 235 -30.65 17.11 -15.53
CA LEU A 235 -31.38 16.85 -16.76
C LEU A 235 -31.29 18.07 -17.68
N ASP A 236 -30.22 18.14 -18.47
CA ASP A 236 -30.04 19.26 -19.39
C ASP A 236 -30.88 19.03 -20.64
N GLY A 237 -31.64 20.04 -21.04
CA GLY A 237 -32.46 19.95 -22.24
C GLY A 237 -33.48 18.83 -22.20
N ILE A 238 -34.06 18.61 -21.01
CA ILE A 238 -35.12 17.63 -20.85
C ILE A 238 -36.27 18.25 -20.06
N VAL A 239 -35.93 18.92 -18.96
CA VAL A 239 -36.92 19.58 -18.12
C VAL A 239 -37.48 20.80 -18.81
N GLU A 240 -38.74 21.12 -18.51
CA GLU A 240 -39.41 22.25 -19.12
C GLU A 240 -40.10 23.10 -18.06
N ASP A 241 -40.80 24.12 -18.52
CA ASP A 241 -41.63 24.94 -17.65
C ASP A 241 -42.82 24.11 -17.18
N SER A 242 -43.22 23.16 -18.03
CA SER A 242 -44.42 22.37 -17.79
C SER A 242 -44.15 21.13 -16.94
N SER A 243 -42.88 20.75 -16.82
CA SER A 243 -42.51 19.43 -16.32
C SER A 243 -42.76 19.23 -14.84
N ASN A 244 -43.26 18.04 -14.51
CA ASN A 244 -43.37 17.61 -13.11
C ASN A 244 -42.51 16.39 -12.82
N ILE A 245 -41.27 16.62 -12.40
CA ILE A 245 -40.35 15.55 -12.10
C ILE A 245 -39.93 15.65 -10.64
N LEU A 246 -40.53 14.83 -9.79
CA LEU A 246 -40.32 14.89 -8.35
C LEU A 246 -39.32 13.84 -7.88
N GLY A 247 -38.60 14.15 -6.81
CA GLY A 247 -37.63 13.24 -6.23
C GLY A 247 -37.30 13.64 -4.80
N PHE A 248 -36.38 12.92 -4.17
CA PHE A 248 -36.07 13.17 -2.76
C PHE A 248 -34.65 13.69 -2.53
N SER A 249 -34.43 14.24 -1.34
CA SER A 249 -33.10 14.65 -0.90
C SER A 249 -33.05 14.69 0.63
N MET A 250 -31.91 14.29 1.22
CA MET A 250 -31.79 14.28 2.68
C MET A 250 -31.00 15.45 3.23
N PHE A 251 -30.32 16.20 2.36
CA PHE A 251 -29.42 17.26 2.84
C PHE A 251 -30.14 18.38 3.58
N ASN A 252 -29.59 18.76 4.72
CA ASN A 252 -30.00 19.97 5.41
C ASN A 252 -29.00 21.04 5.03
N THR A 253 -29.37 21.89 4.08
CA THR A 253 -28.44 22.90 3.55
C THR A 253 -28.15 24.01 4.54
N SER A 254 -28.85 24.00 5.67
CA SER A 254 -28.67 25.00 6.71
C SER A 254 -27.72 24.48 7.78
N HIS A 255 -27.15 23.31 7.56
CA HIS A 255 -26.12 22.78 8.46
C HIS A 255 -24.90 23.69 8.39
N PRO A 256 -24.32 24.02 9.54
CA PRO A 256 -23.19 24.97 9.62
C PRO A 256 -21.98 24.59 8.77
N PHE A 257 -21.83 23.31 8.48
CA PHE A 257 -20.65 22.82 7.78
C PHE A 257 -20.95 22.40 6.34
N TYR A 258 -22.20 22.57 5.93
CA TYR A 258 -22.60 22.13 4.59
C TYR A 258 -21.85 22.89 3.50
N PRO A 259 -21.87 24.24 3.54
CA PRO A 259 -21.17 25.00 2.50
C PRO A 259 -19.71 24.59 2.35
N GLU A 260 -18.97 24.50 3.46
CA GLU A 260 -17.58 24.05 3.43
C GLU A 260 -17.45 22.63 2.88
N PHE A 261 -18.40 21.77 3.24
CA PHE A 261 -18.39 20.37 2.81
C PHE A 261 -18.47 20.26 1.29
N VAL A 262 -19.27 21.11 0.67
CA VAL A 262 -19.41 21.12 -0.78
C VAL A 262 -18.19 21.74 -1.47
N ARG A 263 -17.61 22.78 -0.88
CA ARG A 263 -16.42 23.38 -1.47
C ARG A 263 -15.33 22.32 -1.56
N SER A 264 -15.19 21.52 -0.51
CA SER A 264 -14.10 20.55 -0.43
C SER A 264 -14.24 19.47 -1.48
N LEU A 265 -15.45 18.93 -1.60
CA LEU A 265 -15.71 17.85 -2.54
C LEU A 265 -15.67 18.39 -3.98
N ASN A 266 -15.97 19.68 -4.13
CA ASN A 266 -15.92 20.36 -5.43
C ASN A 266 -14.48 20.36 -5.95
N MET A 267 -13.53 20.73 -5.09
CA MET A 267 -12.13 20.82 -5.50
C MET A 267 -11.51 19.45 -5.72
N SER A 268 -11.86 18.48 -4.87
CA SER A 268 -11.37 17.13 -5.03
C SER A 268 -11.75 16.61 -6.40
N TRP A 269 -12.96 16.94 -6.82
CA TRP A 269 -13.51 16.47 -8.08
C TRP A 269 -12.77 17.09 -9.26
N ARG A 270 -12.29 18.32 -9.10
CA ARG A 270 -11.57 18.99 -10.17
C ARG A 270 -10.16 18.42 -10.34
N GLU A 271 -9.49 18.14 -9.23
CA GLU A 271 -8.11 17.66 -9.28
C GLU A 271 -8.02 16.20 -9.75
N ASN A 272 -9.12 15.64 -10.23
CA ASN A 272 -9.13 14.28 -10.76
C ASN A 272 -9.84 14.22 -12.10
N CYS A 273 -10.87 15.04 -12.24
CA CYS A 273 -11.77 14.94 -13.38
C CYS A 273 -11.98 16.32 -13.97
N GLU A 274 -10.88 16.97 -14.35
CA GLU A 274 -10.96 18.28 -14.98
C GLU A 274 -11.83 18.23 -16.23
N ALA A 275 -12.03 17.03 -16.78
CA ALA A 275 -12.83 16.86 -17.99
C ALA A 275 -14.32 17.08 -17.74
N SER A 276 -14.86 16.44 -16.70
CA SER A 276 -16.29 16.51 -16.41
C SER A 276 -16.58 17.54 -15.31
N THR A 277 -17.79 18.09 -15.33
CA THR A 277 -18.17 19.11 -14.36
C THR A 277 -18.72 18.50 -13.07
N TYR A 278 -18.57 19.23 -11.96
CA TYR A 278 -18.94 18.72 -10.64
C TYR A 278 -20.44 18.71 -10.45
N PRO A 279 -21.03 17.52 -10.19
CA PRO A 279 -22.49 17.35 -10.12
C PRO A 279 -23.09 17.84 -8.81
N GLY A 280 -22.26 17.93 -7.77
CA GLY A 280 -22.75 18.14 -6.42
C GLY A 280 -22.44 16.95 -5.53
N PRO A 281 -22.66 17.09 -4.21
CA PRO A 281 -22.30 16.08 -3.22
C PRO A 281 -23.16 14.83 -3.33
N ALA A 282 -22.54 13.65 -3.36
CA ALA A 282 -23.30 12.41 -3.34
C ALA A 282 -23.81 12.13 -1.92
N LEU A 283 -25.02 11.62 -1.81
CA LEU A 283 -25.61 11.35 -0.49
C LEU A 283 -24.72 10.44 0.36
N SER A 284 -24.02 9.50 -0.29
CA SER A 284 -23.22 8.53 0.44
C SER A 284 -22.03 9.19 1.11
N ALA A 285 -21.47 10.23 0.51
CA ALA A 285 -20.36 10.93 1.12
C ALA A 285 -20.83 11.57 2.40
N ALA A 286 -21.99 12.20 2.34
CA ALA A 286 -22.54 12.91 3.49
C ALA A 286 -22.86 11.96 4.62
N LEU A 287 -23.39 10.79 4.28
CA LEU A 287 -23.74 9.78 5.26
C LEU A 287 -22.49 9.25 5.95
N MET A 288 -21.41 9.10 5.18
CA MET A 288 -20.14 8.68 5.73
C MET A 288 -19.67 9.67 6.77
N PHE A 289 -19.83 10.95 6.45
CA PHE A 289 -19.41 12.02 7.35
C PHE A 289 -20.23 11.96 8.65
N ASP A 290 -21.54 11.83 8.51
CA ASP A 290 -22.43 11.74 9.67
C ASP A 290 -22.16 10.49 10.49
N ALA A 291 -21.80 9.40 9.81
CA ALA A 291 -21.52 8.13 10.48
C ALA A 291 -20.37 8.29 11.47
N VAL A 292 -19.34 9.04 11.08
CA VAL A 292 -18.16 9.22 11.93
C VAL A 292 -18.56 9.93 13.21
N HIS A 293 -19.44 10.92 13.09
CA HIS A 293 -19.94 11.66 14.24
C HIS A 293 -20.85 10.82 15.14
N VAL A 294 -21.66 9.95 14.54
CA VAL A 294 -22.56 9.10 15.29
C VAL A 294 -21.76 8.13 16.14
N VAL A 295 -20.77 7.49 15.54
CA VAL A 295 -19.92 6.54 16.26
C VAL A 295 -19.16 7.23 17.38
N VAL A 296 -18.51 8.36 17.10
CA VAL A 296 -17.70 9.04 18.10
C VAL A 296 -18.59 9.50 19.26
N SER A 297 -19.80 9.92 18.93
CA SER A 297 -20.73 10.39 19.94
C SER A 297 -21.11 9.26 20.91
N ALA A 298 -21.46 8.11 20.36
CA ALA A 298 -21.88 6.96 21.17
C ALA A 298 -20.75 6.42 22.02
N VAL A 299 -19.55 6.33 21.44
CA VAL A 299 -18.39 5.77 22.14
C VAL A 299 -18.00 6.64 23.34
N ARG A 300 -18.10 7.95 23.19
CA ARG A 300 -17.73 8.85 24.26
C ARG A 300 -18.75 8.85 25.39
N GLU A 301 -20.03 8.71 25.03
CA GLU A 301 -21.06 8.55 26.06
C GLU A 301 -20.89 7.23 26.80
N LEU A 302 -20.44 6.20 26.10
CA LEU A 302 -20.19 4.91 26.73
C LEU A 302 -18.98 5.00 27.66
N ASN A 303 -17.97 5.74 27.24
CA ASN A 303 -16.72 5.86 27.99
C ASN A 303 -16.88 6.67 29.28
N ARG A 304 -18.00 7.37 29.40
CA ARG A 304 -18.29 8.20 30.56
C ARG A 304 -18.78 7.34 31.72
N SER A 305 -19.33 6.17 31.41
CA SER A 305 -19.88 5.30 32.45
C SER A 305 -19.31 3.89 32.45
N GLN A 306 -18.34 3.65 31.57
CA GLN A 306 -17.58 2.40 31.59
C GLN A 306 -16.19 2.67 31.06
N GLU A 307 -15.25 1.83 31.44
CA GLU A 307 -13.94 1.93 30.83
C GLU A 307 -13.98 1.02 29.63
N ILE A 308 -13.75 1.58 28.45
CA ILE A 308 -13.82 0.83 27.21
C ILE A 308 -12.44 0.39 26.78
N GLY A 309 -12.32 -0.88 26.42
CA GLY A 309 -11.08 -1.40 25.90
C GLY A 309 -11.32 -2.25 24.68
N VAL A 310 -10.44 -2.13 23.69
CA VAL A 310 -10.54 -2.95 22.49
C VAL A 310 -9.30 -3.83 22.35
N LYS A 311 -9.50 -5.04 21.84
CA LYS A 311 -8.40 -5.94 21.56
C LYS A 311 -8.52 -6.53 20.18
N PRO A 312 -7.42 -7.06 19.66
CA PRO A 312 -7.44 -7.80 18.39
C PRO A 312 -8.43 -8.96 18.42
N LEU A 313 -9.19 -9.12 17.35
CA LEU A 313 -10.04 -10.29 17.14
C LEU A 313 -9.55 -11.03 15.90
N ALA A 314 -10.11 -12.20 15.63
CA ALA A 314 -9.72 -12.97 14.47
C ALA A 314 -10.91 -13.74 13.87
N CYS A 315 -10.86 -13.96 12.57
CA CYS A 315 -11.86 -14.77 11.90
C CYS A 315 -11.83 -16.22 12.36
N THR A 316 -10.69 -16.67 12.87
CA THR A 316 -10.48 -18.06 13.23
C THR A 316 -10.79 -18.32 14.70
N SER A 317 -11.16 -17.27 15.42
CA SER A 317 -11.38 -17.34 16.86
C SER A 317 -12.84 -17.08 17.21
N ALA A 318 -13.31 -17.70 18.28
CA ALA A 318 -14.68 -17.53 18.71
C ALA A 318 -14.84 -16.27 19.55
N ASN A 319 -13.73 -15.57 19.80
CA ASN A 319 -13.76 -14.35 20.59
C ASN A 319 -14.65 -13.25 20.02
N ILE A 320 -15.20 -12.44 20.92
CA ILE A 320 -15.94 -11.23 20.55
C ILE A 320 -15.39 -10.02 21.27
N TRP A 321 -15.94 -8.86 20.94
CA TRP A 321 -15.65 -7.63 21.66
C TRP A 321 -16.70 -7.49 22.77
N PRO A 322 -16.28 -7.58 24.04
CA PRO A 322 -17.23 -7.54 25.15
C PRO A 322 -18.07 -6.25 25.22
N HIS A 323 -17.51 -5.14 24.75
CA HIS A 323 -18.22 -3.87 24.86
C HIS A 323 -19.15 -3.57 23.70
N GLY A 324 -19.11 -4.37 22.64
CA GLY A 324 -19.97 -4.17 21.49
C GLY A 324 -21.44 -4.05 21.82
N THR A 325 -21.91 -4.86 22.75
CA THR A 325 -23.32 -4.89 23.09
C THR A 325 -23.77 -3.58 23.76
N SER A 326 -22.92 -3.03 24.63
CA SER A 326 -23.24 -1.75 25.25
C SER A 326 -23.20 -0.64 24.22
N LEU A 327 -22.18 -0.65 23.36
CA LEU A 327 -22.03 0.38 22.34
C LEU A 327 -23.27 0.42 21.44
N MET A 328 -23.89 -0.74 21.22
CA MET A 328 -25.12 -0.82 20.46
C MET A 328 -26.25 -0.05 21.13
N ASN A 329 -26.31 -0.12 22.47
CA ASN A 329 -27.33 0.64 23.19
C ASN A 329 -27.09 2.13 23.03
N TYR A 330 -25.84 2.54 23.14
CA TYR A 330 -25.51 3.95 23.09
C TYR A 330 -25.59 4.51 21.68
N LEU A 331 -25.51 3.63 20.70
CA LEU A 331 -25.66 4.03 19.31
C LEU A 331 -27.12 4.28 18.98
N ARG A 332 -28.01 3.47 19.54
CA ARG A 332 -29.43 3.65 19.30
C ARG A 332 -29.98 4.87 20.03
N MET A 333 -29.27 5.31 21.06
CA MET A 333 -29.69 6.49 21.82
C MET A 333 -29.13 7.79 21.25
N VAL A 334 -28.26 7.69 20.25
CA VAL A 334 -27.66 8.87 19.63
C VAL A 334 -28.74 9.83 19.10
N GLU A 335 -28.51 11.12 19.30
CA GLU A 335 -29.31 12.16 18.66
C GLU A 335 -28.37 13.20 18.10
N TYR A 336 -28.25 13.22 16.77
CA TYR A 336 -27.20 13.98 16.11
C TYR A 336 -27.80 14.82 14.99
N ASP A 337 -27.18 15.97 14.70
CA ASP A 337 -27.67 16.85 13.64
C ASP A 337 -26.61 16.99 12.57
N GLY A 338 -26.75 16.19 11.52
CA GLY A 338 -25.72 16.08 10.51
C GLY A 338 -26.12 16.65 9.18
N LEU A 339 -25.24 16.48 8.20
CA LEU A 339 -25.47 16.96 6.86
C LEU A 339 -26.74 16.38 6.24
N THR A 340 -27.14 15.19 6.70
CA THR A 340 -28.27 14.51 6.10
C THR A 340 -29.51 14.62 6.94
N GLY A 341 -29.53 15.60 7.84
CA GLY A 341 -30.69 15.83 8.69
C GLY A 341 -30.49 15.26 10.07
N ARG A 342 -31.61 15.02 10.75
CA ARG A 342 -31.57 14.49 12.09
C ARG A 342 -31.29 12.99 12.05
N VAL A 343 -30.35 12.53 12.87
CA VAL A 343 -30.05 11.10 12.95
C VAL A 343 -30.47 10.59 14.31
N GLU A 344 -31.47 9.72 14.33
CA GLU A 344 -31.87 9.00 15.53
C GLU A 344 -32.21 7.57 15.10
N PHE A 345 -32.41 6.69 16.07
CA PHE A 345 -32.65 5.28 15.74
C PHE A 345 -33.72 4.67 16.63
N ASN A 346 -34.43 3.68 16.10
CA ASN A 346 -35.43 2.98 16.86
C ASN A 346 -34.83 1.70 17.41
N SER A 347 -35.64 0.93 18.15
CA SER A 347 -35.15 -0.26 18.81
C SER A 347 -34.49 -1.26 17.85
N LYS A 348 -34.76 -1.12 16.56
CA LYS A 348 -34.28 -2.10 15.58
C LYS A 348 -33.07 -1.60 14.81
N GLY A 349 -32.70 -0.34 15.04
CA GLY A 349 -31.52 0.23 14.40
C GLY A 349 -31.83 0.98 13.12
N GLN A 350 -33.11 1.22 12.84
CA GLN A 350 -33.49 2.00 11.67
C GLN A 350 -33.54 3.49 12.00
N ARG A 351 -33.26 4.31 11.00
CA ARG A 351 -33.28 5.75 11.21
C ARG A 351 -34.71 6.23 11.39
N THR A 352 -34.93 7.14 12.36
CA THR A 352 -36.26 7.71 12.59
C THR A 352 -36.22 9.17 13.01
N ASN A 353 -37.39 9.78 13.09
CA ASN A 353 -37.51 11.20 13.37
C ASN A 353 -36.66 12.00 12.40
N TYR A 354 -36.63 11.57 11.14
CA TYR A 354 -35.97 12.35 10.10
C TYR A 354 -36.95 12.77 9.01
N THR A 355 -36.43 13.46 8.00
CA THR A 355 -37.27 13.96 6.92
C THR A 355 -36.60 13.74 5.59
N LEU A 356 -37.43 13.56 4.56
CA LEU A 356 -36.99 13.60 3.18
C LEU A 356 -37.57 14.84 2.55
N ARG A 357 -36.71 15.74 2.09
CA ARG A 357 -37.18 16.89 1.38
C ARG A 357 -37.65 16.42 0.01
N ILE A 358 -38.88 16.76 -0.34
CA ILE A 358 -39.45 16.41 -1.64
C ILE A 358 -39.20 17.53 -2.66
N LEU A 359 -38.25 17.32 -3.55
CA LEU A 359 -37.89 18.36 -4.51
C LEU A 359 -38.63 18.19 -5.81
N GLU A 360 -38.57 19.25 -6.63
CA GLU A 360 -39.19 19.27 -7.96
C GLU A 360 -38.21 19.95 -8.90
N LYS A 361 -37.85 19.29 -10.00
CA LYS A 361 -36.97 19.89 -11.00
C LYS A 361 -37.68 21.04 -11.70
N SER A 362 -36.92 22.09 -11.99
CA SER A 362 -37.37 23.20 -12.80
C SER A 362 -36.26 23.51 -13.79
N ARG A 363 -36.56 24.34 -14.79
CA ARG A 363 -35.57 24.66 -15.81
C ARG A 363 -34.20 25.05 -15.21
N GLN A 364 -34.21 25.75 -14.09
CA GLN A 364 -32.97 26.17 -13.44
C GLN A 364 -33.05 25.99 -11.92
N GLY A 365 -32.57 24.85 -11.42
CA GLY A 365 -32.63 24.55 -9.99
C GLY A 365 -33.80 23.70 -9.55
N HIS A 366 -34.08 23.69 -8.25
CA HIS A 366 -35.19 22.91 -7.72
C HIS A 366 -36.15 23.80 -6.97
N ARG A 367 -37.27 23.23 -6.58
CA ARG A 367 -38.19 23.87 -5.66
C ARG A 367 -38.70 22.82 -4.70
N GLU A 368 -38.67 23.13 -3.42
CA GLU A 368 -39.19 22.21 -2.42
C GLU A 368 -40.68 22.45 -2.29
N ILE A 369 -41.46 21.40 -2.42
CA ILE A 369 -42.90 21.50 -2.44
C ILE A 369 -43.51 20.70 -1.31
N GLY A 370 -42.73 20.48 -0.26
CA GLY A 370 -43.20 19.76 0.91
C GLY A 370 -42.18 18.75 1.39
N VAL A 371 -42.48 18.11 2.52
CA VAL A 371 -41.56 17.13 3.06
C VAL A 371 -42.30 15.88 3.51
N TRP A 372 -41.54 14.83 3.76
CA TRP A 372 -42.07 13.60 4.29
C TRP A 372 -41.44 13.40 5.67
N TYR A 373 -42.25 13.04 6.66
CA TYR A 373 -41.76 12.81 8.02
C TYR A 373 -41.81 11.33 8.38
N SER A 374 -41.50 11.00 9.64
CA SER A 374 -41.71 9.65 10.14
C SER A 374 -42.62 9.67 11.37
N ASN A 375 -42.58 10.77 12.13
CA ASN A 375 -43.39 10.90 13.34
C ASN A 375 -44.72 11.59 13.07
N LEU B 2 -2.11 23.82 -7.20
CA LEU B 2 -3.49 24.24 -7.44
C LEU B 2 -4.49 23.37 -6.68
N SER B 3 -4.72 22.15 -7.17
CA SER B 3 -5.70 21.24 -6.57
C SER B 3 -5.39 20.92 -5.11
N SER B 4 -4.10 20.84 -4.78
CA SER B 4 -3.67 20.56 -3.41
C SER B 4 -2.16 20.58 -3.29
N LEU B 5 -1.66 20.94 -2.09
CA LEU B 5 -0.24 20.80 -1.79
C LEU B 5 0.06 19.33 -1.56
N ARG B 6 0.58 18.66 -2.58
CA ARG B 6 1.04 17.31 -2.38
C ARG B 6 2.55 17.33 -2.23
N MET B 7 3.05 16.67 -1.19
CA MET B 7 4.48 16.49 -1.03
C MET B 7 4.78 15.02 -0.77
N ALA B 8 5.96 14.56 -1.18
CA ALA B 8 6.35 13.18 -0.98
C ALA B 8 7.28 13.08 0.22
N ALA B 9 7.20 11.97 0.94
CA ALA B 9 8.13 11.71 2.03
C ALA B 9 8.68 10.29 1.88
N ILE B 10 10.00 10.18 1.91
CA ILE B 10 10.67 8.90 1.82
C ILE B 10 11.04 8.40 3.22
N LEU B 11 10.47 7.25 3.63
CA LEU B 11 10.68 6.68 4.97
C LEU B 11 11.55 5.42 5.00
N ASP B 12 12.67 5.45 5.73
CA ASP B 12 13.58 4.30 5.80
C ASP B 12 13.57 3.54 7.13
N ASP B 13 12.44 3.56 7.82
CA ASP B 13 12.35 3.00 9.17
C ASP B 13 11.81 1.58 9.18
N GLN B 14 12.70 0.61 9.01
CA GLN B 14 12.29 -0.78 8.87
C GLN B 14 12.46 -1.60 10.16
N THR B 15 12.28 -0.96 11.31
CA THR B 15 12.21 -1.71 12.57
C THR B 15 10.77 -2.13 12.78
N VAL B 16 10.53 -2.98 13.78
CA VAL B 16 9.20 -3.52 13.99
C VAL B 16 8.37 -2.60 14.90
N CYS B 17 9.03 -1.99 15.87
CA CYS B 17 8.38 -1.00 16.73
C CYS B 17 8.08 0.27 15.91
N GLY B 18 9.14 0.90 15.44
CA GLY B 18 9.03 2.07 14.59
C GLY B 18 9.74 3.26 15.21
N ARG B 19 9.76 4.38 14.48
CA ARG B 19 10.30 5.62 15.01
C ARG B 19 9.26 6.71 15.12
N GLY B 20 8.11 6.50 14.47
CA GLY B 20 6.99 7.40 14.60
C GLY B 20 6.86 8.33 13.40
N GLU B 21 7.64 8.07 12.36
CA GLU B 21 7.68 8.99 11.25
C GLU B 21 6.42 9.00 10.41
N ARG B 22 5.88 7.83 10.11
CA ARG B 22 4.65 7.81 9.33
C ARG B 22 3.51 8.48 10.08
N LEU B 23 3.49 8.28 11.39
CA LEU B 23 2.45 8.83 12.24
C LEU B 23 2.66 10.34 12.45
N ALA B 24 3.91 10.76 12.53
CA ALA B 24 4.24 12.17 12.75
C ALA B 24 3.82 12.99 11.54
N LEU B 25 3.97 12.41 10.36
CA LEU B 25 3.53 13.07 9.12
C LEU B 25 2.02 13.21 9.11
N ALA B 26 1.33 12.15 9.53
CA ALA B 26 -0.13 12.18 9.60
C ALA B 26 -0.62 13.25 10.57
N LEU B 27 0.02 13.36 11.73
CA LEU B 27 -0.39 14.33 12.74
C LEU B 27 -0.32 15.76 12.21
N ALA B 28 0.79 16.12 11.57
CA ALA B 28 0.95 17.45 11.02
C ALA B 28 -0.08 17.73 9.92
N ARG B 29 -0.39 16.72 9.12
CA ARG B 29 -1.33 16.89 8.03
C ARG B 29 -2.75 17.12 8.53
N GLU B 30 -3.11 16.44 9.62
CA GLU B 30 -4.44 16.56 10.19
C GLU B 30 -4.59 17.85 10.95
N GLN B 31 -3.53 18.21 11.67
CA GLN B 31 -3.54 19.44 12.44
C GLN B 31 -3.74 20.63 11.53
N ILE B 32 -3.06 20.63 10.39
CA ILE B 32 -3.14 21.76 9.47
C ILE B 32 -4.47 21.77 8.70
N ASN B 33 -4.86 20.62 8.18
CA ASN B 33 -6.10 20.51 7.43
C ASN B 33 -7.33 20.69 8.31
N GLY B 34 -7.16 20.52 9.62
CA GLY B 34 -8.28 20.63 10.55
C GLY B 34 -8.66 22.07 10.82
N ILE B 35 -7.68 22.96 10.67
CA ILE B 35 -7.91 24.38 10.79
C ILE B 35 -8.60 24.91 9.55
N ILE B 36 -9.87 25.27 9.66
CA ILE B 36 -10.57 25.85 8.52
C ILE B 36 -10.33 27.35 8.47
N GLU B 37 -10.22 27.88 7.25
CA GLU B 37 -9.95 29.29 7.08
C GLU B 37 -10.84 29.91 6.01
N VAL B 38 -10.89 31.23 6.01
CA VAL B 38 -11.43 31.98 4.88
C VAL B 38 -10.40 33.05 4.54
N PRO B 39 -9.88 33.02 3.30
CA PRO B 39 -10.30 32.09 2.25
C PRO B 39 -9.92 30.66 2.58
N ALA B 40 -10.79 29.69 2.29
CA ALA B 40 -10.39 28.29 2.45
C ALA B 40 -9.17 28.04 1.56
N LYS B 41 -8.41 27.00 1.87
CA LYS B 41 -7.17 26.73 1.14
C LYS B 41 -7.02 25.25 0.85
N ALA B 42 -6.27 24.93 -0.20
CA ALA B 42 -6.14 23.56 -0.68
C ALA B 42 -5.64 22.61 0.41
N ARG B 43 -6.13 21.38 0.37
CA ARG B 43 -5.78 20.38 1.37
CA ARG B 43 -5.79 20.37 1.36
C ARG B 43 -4.34 19.93 1.23
N VAL B 44 -3.73 19.59 2.35
CA VAL B 44 -2.37 19.10 2.37
C VAL B 44 -2.37 17.59 2.21
N GLU B 45 -1.42 17.08 1.44
CA GLU B 45 -1.32 15.66 1.18
C GLU B 45 0.12 15.23 1.31
N VAL B 46 0.37 14.12 1.99
CA VAL B 46 1.72 13.58 2.09
C VAL B 46 1.77 12.16 1.55
N ASP B 47 2.23 12.02 0.30
CA ASP B 47 2.43 10.71 -0.30
C ASP B 47 3.67 10.02 0.28
N ILE B 48 3.51 8.78 0.73
CA ILE B 48 4.58 8.08 1.44
C ILE B 48 5.21 6.94 0.62
N PHE B 49 6.54 7.01 0.45
CA PHE B 49 7.31 5.97 -0.24
C PHE B 49 8.31 5.33 0.72
N GLU B 50 8.40 4.00 0.70
CA GLU B 50 9.29 3.30 1.63
C GLU B 50 10.61 2.88 1.00
N LEU B 51 11.66 2.92 1.81
CA LEU B 51 12.99 2.52 1.39
C LEU B 51 13.42 1.32 2.25
N GLN B 52 13.72 0.19 1.59
CA GLN B 52 14.09 -1.03 2.30
C GLN B 52 15.57 -1.03 2.70
N ARG B 53 16.41 -0.37 1.91
CA ARG B 53 17.84 -0.34 2.15
C ARG B 53 18.42 1.02 1.75
N ASP B 54 19.55 1.38 2.34
CA ASP B 54 20.23 2.61 1.98
C ASP B 54 20.93 2.41 0.65
N SER B 55 20.15 2.36 -0.43
CA SER B 55 20.67 2.01 -1.74
C SER B 55 20.43 3.15 -2.71
N GLN B 56 21.49 3.59 -3.39
CA GLN B 56 21.33 4.67 -4.36
C GLN B 56 20.47 4.13 -5.50
N TYR B 57 20.56 2.82 -5.70
CA TYR B 57 19.87 2.15 -6.79
C TYR B 57 18.38 2.04 -6.56
N GLU B 58 17.99 1.73 -5.33
CA GLU B 58 16.59 1.69 -4.99
C GLU B 58 16.04 3.12 -4.93
N THR B 59 16.86 4.06 -4.46
CA THR B 59 16.40 5.44 -4.29
C THR B 59 16.11 6.11 -5.62
N THR B 60 16.90 5.81 -6.64
CA THR B 60 16.68 6.41 -7.95
C THR B 60 15.34 5.94 -8.53
N ASP B 61 15.02 4.67 -8.31
CA ASP B 61 13.74 4.13 -8.72
C ASP B 61 12.60 4.82 -7.99
N THR B 62 12.78 5.05 -6.68
CA THR B 62 11.77 5.72 -5.87
C THR B 62 11.51 7.14 -6.36
N MET B 63 12.57 7.88 -6.66
CA MET B 63 12.41 9.24 -7.17
C MET B 63 11.64 9.22 -8.48
N CYS B 64 11.82 8.17 -9.27
CA CYS B 64 11.20 8.10 -10.58
C CYS B 64 9.71 7.82 -10.48
N GLN B 65 9.30 7.21 -9.38
CA GLN B 65 7.88 7.01 -9.09
C GLN B 65 7.26 8.26 -8.50
N ILE B 66 8.09 9.12 -7.90
CA ILE B 66 7.60 10.34 -7.27
C ILE B 66 7.38 11.47 -8.27
N LEU B 67 8.26 11.59 -9.26
CA LEU B 67 8.23 12.76 -10.13
C LEU B 67 6.89 12.92 -10.87
N PRO B 68 6.31 11.81 -11.33
CA PRO B 68 5.02 11.89 -12.03
C PRO B 68 3.84 12.33 -11.16
N LYS B 69 4.00 12.34 -9.84
CA LYS B 69 2.89 12.60 -8.93
C LYS B 69 2.57 14.09 -8.76
N GLY B 70 3.47 14.95 -9.19
CA GLY B 70 3.25 16.39 -9.08
C GLY B 70 3.34 16.87 -7.66
N VAL B 71 4.55 16.89 -7.14
CA VAL B 71 4.76 17.21 -5.74
C VAL B 71 5.54 18.52 -5.60
N VAL B 72 5.44 19.12 -4.42
CA VAL B 72 6.00 20.44 -4.15
C VAL B 72 7.33 20.36 -3.42
N SER B 73 7.56 19.25 -2.74
CA SER B 73 8.82 19.00 -2.05
C SER B 73 8.98 17.51 -1.83
N VAL B 74 10.19 17.09 -1.48
CA VAL B 74 10.44 15.72 -1.08
C VAL B 74 11.12 15.75 0.28
N LEU B 75 10.54 15.06 1.27
CA LEU B 75 11.09 15.05 2.61
C LEU B 75 11.81 13.74 2.85
N GLY B 76 12.94 13.79 3.56
CA GLY B 76 13.62 12.59 3.98
C GLY B 76 14.52 12.07 2.90
N PRO B 77 15.15 10.90 3.11
CA PRO B 77 14.99 10.05 4.29
C PRO B 77 15.77 10.59 5.46
N SER B 78 15.49 10.07 6.65
CA SER B 78 16.11 10.61 7.87
C SER B 78 17.38 9.88 8.29
N SER B 79 17.53 8.63 7.86
CA SER B 79 18.64 7.79 8.32
C SER B 79 19.31 6.99 7.22
N SER B 80 19.44 7.57 6.03
CA SER B 80 20.07 6.90 4.91
C SER B 80 20.92 7.89 4.13
N PRO B 81 22.11 8.22 4.65
CA PRO B 81 22.93 9.30 4.10
C PRO B 81 23.20 9.17 2.60
N ALA B 82 23.41 7.94 2.12
CA ALA B 82 23.69 7.72 0.72
C ALA B 82 22.45 7.94 -0.17
N SER B 83 21.28 7.51 0.30
CA SER B 83 20.05 7.76 -0.42
C SER B 83 19.66 9.22 -0.42
N ALA B 84 19.97 9.90 0.69
CA ALA B 84 19.58 11.29 0.87
C ALA B 84 20.30 12.19 -0.13
N SER B 85 21.54 11.85 -0.45
CA SER B 85 22.29 12.63 -1.41
C SER B 85 21.80 12.37 -2.84
N THR B 86 21.26 11.17 -3.08
CA THR B 86 20.67 10.87 -4.38
C THR B 86 19.38 11.68 -4.55
N VAL B 87 18.61 11.78 -3.47
CA VAL B 87 17.38 12.57 -3.49
C VAL B 87 17.74 14.04 -3.73
N SER B 88 18.82 14.50 -3.12
CA SER B 88 19.21 15.89 -3.26
C SER B 88 19.62 16.21 -4.69
N HIS B 89 20.27 15.25 -5.36
CA HIS B 89 20.77 15.50 -6.69
C HIS B 89 19.61 15.55 -7.67
N ILE B 90 18.76 14.53 -7.63
CA ILE B 90 17.64 14.45 -8.54
C ILE B 90 16.68 15.61 -8.32
N CYS B 91 16.47 15.98 -7.05
CA CYS B 91 15.67 17.16 -6.73
C CYS B 91 16.27 18.43 -7.34
N GLY B 92 17.58 18.56 -7.27
CA GLY B 92 18.24 19.72 -7.85
C GLY B 92 18.02 19.79 -9.35
N GLU B 93 18.05 18.63 -10.01
CA GLU B 93 17.86 18.56 -11.46
C GLU B 93 16.46 18.98 -11.85
N LYS B 94 15.47 18.46 -11.14
CA LYS B 94 14.07 18.75 -11.46
C LYS B 94 13.59 20.07 -10.82
N GLU B 95 14.43 20.68 -10.01
CA GLU B 95 14.07 21.90 -9.30
C GLU B 95 12.84 21.74 -8.42
N ILE B 96 12.72 20.58 -7.78
CA ILE B 96 11.79 20.34 -6.69
C ILE B 96 12.55 20.35 -5.34
N PRO B 97 12.16 21.23 -4.41
CA PRO B 97 12.92 21.33 -3.15
C PRO B 97 13.09 20.03 -2.39
N HIS B 98 14.29 19.81 -1.85
CA HIS B 98 14.54 18.69 -0.94
C HIS B 98 14.61 19.21 0.50
N ILE B 99 13.65 18.83 1.33
CA ILE B 99 13.66 19.22 2.74
C ILE B 99 14.39 18.14 3.56
N LYS B 100 15.66 18.36 3.87
CA LYS B 100 16.47 17.37 4.59
C LYS B 100 16.08 17.26 6.07
N VAL B 101 16.01 16.05 6.59
CA VAL B 101 15.71 15.85 8.01
C VAL B 101 16.63 14.81 8.65
N GLY B 102 17.82 14.66 8.07
CA GLY B 102 18.84 13.78 8.60
C GLY B 102 20.18 14.13 7.99
N PRO B 103 21.26 13.47 8.45
CA PRO B 103 22.62 13.74 7.97
C PRO B 103 22.82 13.32 6.52
N GLU B 104 23.80 13.91 5.84
CA GLU B 104 24.06 13.53 4.44
C GLU B 104 25.49 13.04 4.21
N GLU B 105 25.64 12.27 3.15
CA GLU B 105 26.89 11.58 2.87
C GLU B 105 28.03 12.57 2.82
N THR B 106 27.92 13.53 1.93
CA THR B 106 28.93 14.56 1.79
C THR B 106 28.31 15.83 1.24
N PRO B 107 28.87 16.98 1.62
CA PRO B 107 28.52 18.23 0.91
C PRO B 107 29.07 18.18 -0.50
N ARG B 108 28.20 17.93 -1.47
CA ARG B 108 28.62 17.90 -2.86
C ARG B 108 29.31 19.22 -3.17
N LEU B 109 29.84 19.34 -4.39
CA LEU B 109 30.50 20.58 -4.78
C LEU B 109 29.57 21.76 -4.46
N GLN B 110 30.16 22.89 -4.06
CA GLN B 110 29.41 24.11 -3.82
C GLN B 110 28.75 24.59 -5.12
N TYR B 111 29.34 24.20 -6.24
CA TYR B 111 28.94 24.73 -7.54
C TYR B 111 28.07 23.76 -8.33
N LEU B 112 27.23 23.03 -7.62
CA LEU B 112 26.23 22.19 -8.26
C LEU B 112 24.86 22.79 -7.96
N ARG B 113 23.86 22.37 -8.71
CA ARG B 113 22.51 22.92 -8.57
C ARG B 113 22.02 22.79 -7.11
N PHE B 114 21.58 23.90 -6.55
CA PHE B 114 21.25 23.96 -5.13
C PHE B 114 19.75 24.01 -4.86
N ALA B 115 19.22 22.95 -4.28
CA ALA B 115 17.81 22.90 -3.98
C ALA B 115 17.55 22.17 -2.66
N SER B 116 18.07 22.71 -1.57
CA SER B 116 17.92 22.08 -0.25
C SER B 116 17.83 23.09 0.88
N VAL B 117 16.96 22.80 1.84
CA VAL B 117 17.05 23.41 3.15
C VAL B 117 17.10 22.23 4.11
N SER B 118 17.63 22.43 5.30
CA SER B 118 17.81 21.31 6.21
C SER B 118 17.43 21.67 7.62
N LEU B 119 16.52 20.89 8.20
CA LEU B 119 16.09 21.12 9.58
C LEU B 119 17.01 20.42 10.56
N TYR B 120 17.96 19.66 10.02
CA TYR B 120 18.92 18.92 10.83
C TYR B 120 20.19 19.75 10.99
N PRO B 121 20.72 19.80 12.21
CA PRO B 121 21.95 20.57 12.47
C PRO B 121 23.06 20.19 11.51
N SER B 122 23.90 21.16 11.15
CA SER B 122 25.04 20.86 10.29
C SER B 122 26.20 20.29 11.09
N ASN B 123 27.09 19.56 10.41
CA ASN B 123 28.29 19.04 11.05
C ASN B 123 29.03 20.14 11.79
N GLU B 124 29.17 21.30 11.15
CA GLU B 124 29.90 22.41 11.76
C GLU B 124 29.23 22.84 13.04
N ASP B 125 27.90 22.93 13.03
CA ASP B 125 27.15 23.28 14.24
C ASP B 125 27.42 22.32 15.40
N VAL B 126 27.42 21.00 15.14
CA VAL B 126 27.67 20.04 16.20
C VAL B 126 29.13 20.15 16.67
N SER B 127 30.07 20.34 15.76
CA SER B 127 31.48 20.47 16.12
C SER B 127 31.68 21.70 17.00
N LEU B 128 30.94 22.76 16.70
CA LEU B 128 31.06 23.98 17.48
C LEU B 128 30.48 23.80 18.88
N ALA B 129 29.34 23.12 18.96
CA ALA B 129 28.69 22.89 20.25
C ALA B 129 29.62 22.07 21.16
N VAL B 130 30.20 21.01 20.61
CA VAL B 130 31.10 20.16 21.37
C VAL B 130 32.35 20.92 21.79
N SER B 131 32.86 21.78 20.92
CA SER B 131 34.02 22.62 21.27
C SER B 131 33.68 23.57 22.41
N ARG B 132 32.49 24.12 22.39
CA ARG B 132 32.10 25.12 23.37
C ARG B 132 31.98 24.49 24.75
N ILE B 133 31.53 23.24 24.79
CA ILE B 133 31.48 22.52 26.06
C ILE B 133 32.88 22.26 26.55
N LEU B 134 33.75 21.77 25.67
CA LEU B 134 35.16 21.57 26.00
C LEU B 134 35.81 22.87 26.48
N LYS B 135 35.44 23.99 25.87
CA LYS B 135 35.98 25.26 26.29
C LYS B 135 35.52 25.55 27.71
N SER B 136 34.34 25.08 28.05
CA SER B 136 33.78 25.26 29.38
C SER B 136 34.60 24.50 30.42
N PHE B 137 35.33 23.49 29.97
CA PHE B 137 36.16 22.66 30.84
C PHE B 137 37.61 23.11 30.80
N ASN B 138 37.87 24.17 30.05
CA ASN B 138 39.23 24.67 29.87
C ASN B 138 40.06 23.70 29.04
N TYR B 139 39.45 23.23 27.95
CA TYR B 139 40.10 22.36 26.96
C TYR B 139 40.97 21.29 27.60
N PRO B 140 40.34 20.34 28.30
CA PRO B 140 41.04 19.20 28.90
C PRO B 140 41.71 18.35 27.84
N SER B 141 42.56 17.43 28.25
CA SER B 141 43.02 16.37 27.38
C SER B 141 41.80 15.54 27.04
N ALA B 142 41.60 15.23 25.77
CA ALA B 142 40.41 14.48 25.38
C ALA B 142 40.73 13.35 24.41
N SER B 143 39.94 12.29 24.46
CA SER B 143 40.04 11.23 23.46
C SER B 143 38.70 11.11 22.78
N LEU B 144 38.73 10.91 21.47
CA LEU B 144 37.53 10.74 20.68
C LEU B 144 37.35 9.26 20.40
N ILE B 145 36.13 8.76 20.56
CA ILE B 145 35.82 7.36 20.28
C ILE B 145 34.75 7.31 19.21
N CYS B 146 35.12 6.81 18.04
CA CYS B 146 34.20 6.79 16.90
C CYS B 146 33.76 5.38 16.55
N ALA B 147 32.49 5.24 16.21
CA ALA B 147 31.99 3.95 15.75
C ALA B 147 32.63 3.64 14.39
N LYS B 148 32.49 4.56 13.45
CA LYS B 148 33.02 4.37 12.11
C LYS B 148 33.83 5.60 11.68
N ALA B 149 34.64 5.46 10.64
CA ALA B 149 35.57 6.52 10.24
C ALA B 149 34.86 7.81 9.84
N GLU B 150 33.58 7.75 9.53
CA GLU B 150 32.84 8.92 9.07
C GLU B 150 32.76 10.03 10.13
N CYS B 151 33.18 9.75 11.36
CA CYS B 151 33.14 10.77 12.40
C CYS B 151 34.18 11.87 12.16
N LEU B 152 35.21 11.58 11.37
CA LEU B 152 36.20 12.58 10.97
C LEU B 152 35.59 13.55 9.97
N LEU B 153 34.51 13.12 9.34
CA LEU B 153 33.80 13.96 8.39
C LEU B 153 32.78 14.83 9.10
N ARG B 154 32.04 14.22 10.02
CA ARG B 154 31.04 14.94 10.82
C ARG B 154 31.72 15.95 11.75
N LEU B 155 32.81 15.54 12.39
CA LEU B 155 33.49 16.37 13.36
C LEU B 155 34.78 16.93 12.78
N GLU B 156 34.81 17.11 11.47
CA GLU B 156 36.00 17.63 10.80
C GLU B 156 36.43 18.95 11.43
N GLU B 157 35.47 19.85 11.64
CA GLU B 157 35.77 21.17 12.17
C GLU B 157 36.39 21.10 13.57
N LEU B 158 35.89 20.18 14.38
CA LEU B 158 36.43 19.99 15.72
C LEU B 158 37.86 19.48 15.67
N VAL B 159 38.04 18.33 15.03
CA VAL B 159 39.35 17.66 14.98
C VAL B 159 40.48 18.54 14.44
N ARG B 160 40.25 19.27 13.35
CA ARG B 160 41.34 20.06 12.77
C ARG B 160 41.63 21.35 13.54
N GLY B 161 40.80 21.65 14.52
CA GLY B 161 41.01 22.82 15.37
C GLY B 161 41.98 22.50 16.50
N PHE B 162 42.08 21.24 16.87
CA PHE B 162 42.96 20.82 17.96
C PHE B 162 44.22 20.17 17.43
N LEU B 163 45.31 20.33 18.16
CA LEU B 163 46.51 19.58 17.89
C LEU B 163 46.20 18.14 18.26
N ILE B 164 46.64 17.19 17.44
CA ILE B 164 46.37 15.78 17.69
C ILE B 164 47.55 15.12 18.40
N SER B 165 47.35 14.75 19.67
CA SER B 165 48.37 14.06 20.48
C SER B 165 47.76 13.64 21.81
N LYS B 166 48.47 12.81 22.58
CA LYS B 166 47.92 12.29 23.83
C LYS B 166 47.54 13.41 24.81
N GLU B 167 48.30 14.50 24.79
CA GLU B 167 48.05 15.61 25.72
C GLU B 167 46.90 16.51 25.28
N THR B 168 46.55 16.46 23.99
CA THR B 168 45.57 17.40 23.46
C THR B 168 44.26 16.72 22.99
N LEU B 169 44.31 16.05 21.84
CA LEU B 169 43.15 15.33 21.33
C LEU B 169 43.61 14.10 20.57
N SER B 170 43.21 12.93 21.05
CA SER B 170 43.56 11.67 20.41
C SER B 170 42.33 11.19 19.63
N VAL B 171 42.55 10.33 18.64
CA VAL B 171 41.42 9.72 17.95
C VAL B 171 41.56 8.20 17.97
N ARG B 172 40.48 7.53 18.37
CA ARG B 172 40.44 6.07 18.41
C ARG B 172 39.14 5.58 17.78
N MET B 173 39.16 4.42 17.15
CA MET B 173 37.94 3.91 16.54
C MET B 173 37.69 2.46 16.86
N LEU B 174 36.41 2.12 17.07
CA LEU B 174 36.03 0.73 17.25
C LEU B 174 36.41 -0.05 16.01
N ASP B 175 37.19 -1.10 16.21
CA ASP B 175 37.77 -1.86 15.10
C ASP B 175 36.71 -2.68 14.37
N ASP B 176 35.45 -2.53 14.79
CA ASP B 176 34.40 -3.44 14.39
C ASP B 176 34.51 -4.70 15.26
N SER B 177 35.60 -4.80 16.00
CA SER B 177 35.71 -5.78 17.07
C SER B 177 34.51 -5.58 17.96
N ARG B 178 33.97 -4.37 17.90
CA ARG B 178 32.83 -4.01 18.70
C ARG B 178 33.13 -4.28 20.18
N ASP B 179 34.40 -4.20 20.57
CA ASP B 179 34.70 -4.19 22.00
C ASP B 179 35.50 -2.96 22.39
N PRO B 180 34.84 -2.00 23.05
CA PRO B 180 35.46 -0.73 23.44
C PRO B 180 36.37 -0.82 24.67
N THR B 181 36.46 -2.00 25.30
CA THR B 181 37.24 -2.13 26.52
C THR B 181 38.72 -1.83 26.30
N PRO B 182 39.28 -2.32 25.17
CA PRO B 182 40.67 -2.02 24.85
C PRO B 182 40.90 -0.52 24.74
N LEU B 183 40.06 0.19 24.00
CA LEU B 183 40.17 1.64 23.84
C LEU B 183 40.14 2.36 25.19
N LEU B 184 39.12 2.03 25.98
CA LEU B 184 38.92 2.69 27.26
C LEU B 184 40.12 2.50 28.19
N LYS B 185 40.78 1.35 28.09
CA LYS B 185 41.96 1.10 28.92
C LYS B 185 43.12 1.96 28.46
N GLU B 186 43.31 2.07 27.15
CA GLU B 186 44.36 2.93 26.61
C GLU B 186 44.13 4.37 27.03
N ILE B 187 42.86 4.78 27.07
CA ILE B 187 42.52 6.13 27.49
C ILE B 187 42.83 6.32 28.97
N ARG B 188 42.61 5.28 29.76
CA ARG B 188 42.84 5.36 31.20
C ARG B 188 44.34 5.39 31.50
N ASP B 189 45.11 4.69 30.68
CA ASP B 189 46.56 4.62 30.83
C ASP B 189 47.18 5.96 30.44
N ASP B 190 46.47 6.73 29.62
CA ASP B 190 46.92 8.06 29.26
C ASP B 190 46.51 9.06 30.34
N LYS B 191 45.64 8.63 31.24
CA LYS B 191 45.17 9.50 32.31
C LYS B 191 44.31 10.62 31.74
N VAL B 192 43.66 10.34 30.62
CA VAL B 192 42.75 11.29 30.00
C VAL B 192 41.38 11.20 30.67
N SER B 193 40.80 12.37 30.96
CA SER B 193 39.58 12.43 31.76
C SER B 193 38.33 12.62 30.90
N THR B 194 38.47 13.36 29.80
CA THR B 194 37.33 13.71 28.97
C THR B 194 37.26 12.86 27.70
N ILE B 195 36.12 12.21 27.50
CA ILE B 195 35.92 11.32 26.36
C ILE B 195 34.71 11.78 25.54
N ILE B 196 34.85 11.77 24.23
CA ILE B 196 33.79 12.18 23.32
C ILE B 196 33.35 10.98 22.51
N ILE B 197 32.07 10.64 22.56
CA ILE B 197 31.55 9.45 21.89
C ILE B 197 30.67 9.78 20.70
N ASP B 198 31.15 9.46 19.50
CA ASP B 198 30.37 9.65 18.28
C ASP B 198 29.89 8.30 17.72
N ALA B 199 28.63 7.96 18.02
CA ALA B 199 28.07 6.69 17.59
C ALA B 199 26.54 6.69 17.64
N ASN B 200 25.91 5.67 17.05
CA ASN B 200 24.46 5.53 17.16
C ASN B 200 24.09 5.20 18.61
N ALA B 201 22.81 5.37 18.96
CA ALA B 201 22.38 5.22 20.34
C ALA B 201 22.85 3.90 21.00
N SER B 202 22.74 2.79 20.28
CA SER B 202 23.07 1.48 20.84
C SER B 202 24.58 1.28 21.06
N ILE B 203 25.41 1.78 20.16
CA ILE B 203 26.86 1.69 20.33
C ILE B 203 27.34 2.62 21.43
N SER B 204 26.72 3.79 21.56
CA SER B 204 27.06 4.70 22.64
C SER B 204 26.73 4.05 23.96
N HIS B 205 25.61 3.34 24.01
CA HIS B 205 25.19 2.63 25.20
C HIS B 205 26.20 1.56 25.57
N LEU B 206 26.78 0.92 24.55
CA LEU B 206 27.75 -0.16 24.74
C LEU B 206 29.11 0.34 25.26
N VAL B 207 29.54 1.50 24.79
CA VAL B 207 30.78 2.12 25.25
C VAL B 207 30.63 2.52 26.70
N LEU B 208 29.47 3.08 27.04
CA LEU B 208 29.22 3.54 28.40
C LEU B 208 29.08 2.38 29.39
N ARG B 209 28.57 1.25 28.93
CA ARG B 209 28.40 0.10 29.81
C ARG B 209 29.76 -0.50 30.15
N LYS B 210 30.65 -0.56 29.15
CA LYS B 210 31.98 -1.11 29.36
C LYS B 210 32.85 -0.18 30.20
N ALA B 211 32.61 1.12 30.09
CA ALA B 211 33.31 2.10 30.88
C ALA B 211 32.88 1.97 32.34
N SER B 212 31.60 1.72 32.53
CA SER B 212 31.02 1.57 33.86
C SER B 212 31.68 0.40 34.58
N GLU B 213 31.96 -0.65 33.83
CA GLU B 213 32.59 -1.85 34.38
C GLU B 213 34.02 -1.59 34.80
N LEU B 214 34.69 -0.67 34.11
CA LEU B 214 36.07 -0.35 34.44
C LEU B 214 36.18 0.79 35.44
N GLY B 215 35.04 1.19 36.00
CA GLY B 215 35.03 2.20 37.02
C GLY B 215 35.33 3.60 36.48
N MET B 216 35.33 3.73 35.16
CA MET B 216 35.61 5.01 34.50
C MET B 216 34.36 5.86 34.40
N THR B 217 33.34 5.50 35.16
CA THR B 217 32.06 6.20 35.09
C THR B 217 31.82 7.02 36.34
N SER B 218 32.89 7.28 37.10
CA SER B 218 32.80 8.10 38.29
C SER B 218 32.73 9.59 37.93
N ALA B 219 33.05 10.45 38.89
CA ALA B 219 32.94 11.89 38.70
C ALA B 219 34.20 12.51 38.11
N PHE B 220 35.27 11.72 38.04
CA PHE B 220 36.52 12.20 37.46
C PHE B 220 36.42 12.28 35.93
N TYR B 221 35.52 11.48 35.36
CA TYR B 221 35.35 11.45 33.91
C TYR B 221 34.16 12.30 33.43
N LYS B 222 34.32 12.93 32.27
CA LYS B 222 33.24 13.64 31.61
C LYS B 222 33.07 13.07 30.20
N TYR B 223 31.88 12.59 29.88
CA TYR B 223 31.59 12.12 28.53
C TYR B 223 30.74 13.14 27.78
N ILE B 224 30.99 13.31 26.48
CA ILE B 224 30.16 14.14 25.63
C ILE B 224 29.71 13.31 24.43
N LEU B 225 28.41 13.01 24.37
CA LEU B 225 27.84 12.23 23.27
C LEU B 225 27.30 13.14 22.18
N THR B 226 27.76 12.91 20.96
CA THR B 226 27.29 13.69 19.82
C THR B 226 25.99 13.15 19.24
N THR B 227 25.57 11.96 19.64
CA THR B 227 24.32 11.41 19.14
C THR B 227 23.20 12.39 19.40
N MET B 228 22.20 12.37 18.53
CA MET B 228 21.12 13.32 18.59
C MET B 228 19.91 12.68 19.24
N ASP B 229 19.96 11.36 19.38
CA ASP B 229 18.93 10.63 20.11
C ASP B 229 19.40 10.36 21.53
N PHE B 230 19.94 11.40 22.16
CA PHE B 230 20.48 11.32 23.51
C PHE B 230 19.37 11.23 24.54
N PRO B 231 18.24 11.91 24.29
CA PRO B 231 17.12 11.84 25.23
C PRO B 231 16.41 10.48 25.26
N ILE B 232 16.46 9.71 24.18
CA ILE B 232 15.83 8.39 24.19
C ILE B 232 16.85 7.29 24.46
N LEU B 233 18.06 7.69 24.80
CA LEU B 233 19.07 6.75 25.24
C LEU B 233 18.96 6.54 26.75
N HIS B 234 18.54 5.36 27.17
CA HIS B 234 18.34 5.11 28.60
C HIS B 234 19.43 4.22 29.18
N LEU B 235 20.22 4.79 30.09
CA LEU B 235 21.34 4.09 30.71
C LEU B 235 20.93 3.55 32.07
N ASP B 236 20.34 2.36 32.09
CA ASP B 236 19.91 1.74 33.33
C ASP B 236 21.11 1.07 34.00
N GLY B 237 21.29 1.33 35.29
CA GLY B 237 22.39 0.73 36.03
C GLY B 237 23.76 1.06 35.48
N ILE B 238 23.94 2.28 34.99
CA ILE B 238 25.24 2.76 34.51
C ILE B 238 25.53 4.14 35.09
N VAL B 239 24.55 5.04 35.00
CA VAL B 239 24.67 6.39 35.54
C VAL B 239 24.67 6.37 37.07
N GLU B 240 25.38 7.34 37.65
CA GLU B 240 25.51 7.43 39.10
C GLU B 240 25.23 8.85 39.56
N ASP B 241 25.40 9.06 40.86
CA ASP B 241 25.30 10.39 41.45
C ASP B 241 26.53 11.19 41.00
N SER B 242 27.62 10.49 40.74
CA SER B 242 28.89 11.12 40.43
C SER B 242 29.05 11.42 38.93
N SER B 243 28.22 10.78 38.11
CA SER B 243 28.46 10.71 36.67
C SER B 243 28.25 12.02 35.94
N ASN B 244 29.14 12.30 34.99
CA ASN B 244 28.98 13.42 34.09
C ASN B 244 28.86 12.95 32.65
N ILE B 245 27.64 12.71 32.22
CA ILE B 245 27.40 12.25 30.86
C ILE B 245 26.53 13.27 30.14
N LEU B 246 27.16 14.11 29.33
CA LEU B 246 26.47 15.21 28.65
C LEU B 246 26.07 14.84 27.22
N GLY B 247 24.97 15.43 26.76
CA GLY B 247 24.49 15.23 25.40
C GLY B 247 23.55 16.34 24.97
N PHE B 248 23.01 16.25 23.75
CA PHE B 248 22.17 17.31 23.20
C PHE B 248 20.73 16.89 22.99
N SER B 249 19.84 17.87 22.83
CA SER B 249 18.45 17.63 22.48
C SER B 249 17.86 18.88 21.83
N MET B 250 16.98 18.70 20.86
CA MET B 250 16.39 19.84 20.15
C MET B 250 14.97 20.18 20.56
N PHE B 251 14.33 19.27 21.29
CA PHE B 251 12.93 19.44 21.63
C PHE B 251 12.64 20.66 22.49
N ASN B 252 11.64 21.43 22.08
CA ASN B 252 11.06 22.47 22.93
C ASN B 252 9.85 21.89 23.63
N THR B 253 10.03 21.46 24.88
CA THR B 253 8.96 20.76 25.60
C THR B 253 7.79 21.67 25.95
N SER B 254 7.97 22.97 25.72
CA SER B 254 6.93 23.96 26.01
C SER B 254 6.10 24.25 24.76
N HIS B 255 6.33 23.49 23.69
CA HIS B 255 5.53 23.62 22.49
C HIS B 255 4.12 23.12 22.80
N PRO B 256 3.09 23.86 22.36
CA PRO B 256 1.70 23.56 22.69
C PRO B 256 1.24 22.16 22.30
N PHE B 257 1.91 21.55 21.33
CA PHE B 257 1.48 20.26 20.81
C PHE B 257 2.43 19.14 21.22
N TYR B 258 3.47 19.47 21.98
CA TYR B 258 4.46 18.47 22.38
C TYR B 258 3.84 17.34 23.20
N PRO B 259 3.13 17.69 24.29
CA PRO B 259 2.53 16.64 25.11
C PRO B 259 1.69 15.67 24.29
N GLU B 260 0.82 16.20 23.44
CA GLU B 260 -0.05 15.35 22.61
C GLU B 260 0.77 14.52 21.63
N PHE B 261 1.86 15.10 21.13
CA PHE B 261 2.73 14.44 20.16
C PHE B 261 3.36 13.20 20.76
N VAL B 262 3.80 13.29 22.01
CA VAL B 262 4.37 12.14 22.72
C VAL B 262 3.31 11.08 23.09
N ARG B 263 2.11 11.50 23.47
CA ARG B 263 1.08 10.54 23.80
C ARG B 263 0.80 9.68 22.59
N SER B 264 0.79 10.30 21.41
CA SER B 264 0.41 9.61 20.18
C SER B 264 1.45 8.57 19.79
N LEU B 265 2.72 8.95 19.85
CA LEU B 265 3.80 8.05 19.47
C LEU B 265 3.98 6.98 20.54
N ASN B 266 3.60 7.30 21.77
CA ASN B 266 3.63 6.33 22.87
C ASN B 266 2.70 5.16 22.58
N MET B 267 1.47 5.47 22.15
CA MET B 267 0.46 4.45 21.90
C MET B 267 0.78 3.65 20.64
N SER B 268 1.27 4.32 19.61
CA SER B 268 1.67 3.64 18.38
C SER B 268 2.71 2.57 18.72
N TRP B 269 3.61 2.92 19.63
CA TRP B 269 4.70 2.04 20.01
C TRP B 269 4.20 0.81 20.77
N ARG B 270 3.13 0.97 21.54
CA ARG B 270 2.58 -0.14 22.31
C ARG B 270 1.82 -1.11 21.42
N GLU B 271 1.02 -0.58 20.50
CA GLU B 271 0.27 -1.41 19.56
C GLU B 271 1.22 -2.37 18.85
N ASN B 272 2.47 -1.96 18.71
CA ASN B 272 3.46 -2.76 17.98
C ASN B 272 4.40 -3.53 18.91
N CYS B 273 4.58 -3.03 20.13
CA CYS B 273 5.52 -3.63 21.07
C CYS B 273 5.02 -3.52 22.51
N GLU B 274 4.10 -4.40 22.90
CA GLU B 274 3.60 -4.40 24.27
C GLU B 274 4.73 -4.62 25.26
N ALA B 275 5.59 -5.59 24.95
CA ALA B 275 6.65 -6.01 25.87
C ALA B 275 7.77 -4.98 26.00
N SER B 276 8.19 -4.41 24.87
CA SER B 276 9.21 -3.37 24.86
C SER B 276 8.65 -2.09 25.49
N THR B 277 9.51 -1.33 26.14
CA THR B 277 9.09 -0.13 26.83
C THR B 277 9.42 1.12 25.99
N TYR B 278 8.46 2.02 25.86
CA TYR B 278 8.60 3.19 24.97
C TYR B 278 9.72 4.13 25.42
N PRO B 279 10.70 4.38 24.54
CA PRO B 279 11.90 5.15 24.89
C PRO B 279 11.67 6.66 24.92
N GLY B 280 10.64 7.11 24.22
CA GLY B 280 10.43 8.52 24.01
C GLY B 280 10.52 8.84 22.52
N PRO B 281 10.16 10.07 22.15
CA PRO B 281 10.09 10.50 20.74
C PRO B 281 11.47 10.56 20.10
N ALA B 282 11.62 9.99 18.92
CA ALA B 282 12.86 10.12 18.17
C ALA B 282 12.92 11.49 17.47
N LEU B 283 14.09 12.10 17.45
CA LEU B 283 14.24 13.42 16.87
C LEU B 283 13.75 13.47 15.43
N SER B 284 13.92 12.37 14.69
CA SER B 284 13.56 12.38 13.28
C SER B 284 12.05 12.45 13.07
N ALA B 285 11.28 11.88 13.99
CA ALA B 285 9.84 11.97 13.89
C ALA B 285 9.42 13.42 14.03
N ALA B 286 10.01 14.10 15.00
CA ALA B 286 9.66 15.49 15.28
C ALA B 286 10.05 16.39 14.10
N LEU B 287 11.20 16.13 13.50
CA LEU B 287 11.67 16.92 12.37
C LEU B 287 10.75 16.73 11.18
N MET B 288 10.26 15.50 10.97
CA MET B 288 9.31 15.21 9.91
C MET B 288 8.07 16.06 10.11
N PHE B 289 7.59 16.13 11.35
CA PHE B 289 6.41 16.91 11.69
C PHE B 289 6.64 18.39 11.37
N ASP B 290 7.79 18.91 11.79
CA ASP B 290 8.13 20.31 11.55
C ASP B 290 8.30 20.58 10.06
N ALA B 291 8.80 19.59 9.33
CA ALA B 291 9.04 19.74 7.91
C ALA B 291 7.73 20.01 7.18
N VAL B 292 6.68 19.29 7.55
CA VAL B 292 5.38 19.47 6.90
C VAL B 292 4.90 20.91 7.08
N HIS B 293 5.09 21.47 8.28
CA HIS B 293 4.68 22.84 8.56
C HIS B 293 5.53 23.86 7.81
N VAL B 294 6.81 23.56 7.65
CA VAL B 294 7.70 24.47 6.95
C VAL B 294 7.32 24.56 5.47
N VAL B 295 7.12 23.40 4.85
CA VAL B 295 6.70 23.38 3.46
C VAL B 295 5.35 24.06 3.23
N VAL B 296 4.34 23.74 4.05
CA VAL B 296 3.01 24.31 3.87
C VAL B 296 3.08 25.82 4.08
N SER B 297 3.91 26.27 5.01
CA SER B 297 4.04 27.69 5.29
C SER B 297 4.60 28.43 4.08
N ALA B 298 5.65 27.89 3.48
CA ALA B 298 6.32 28.54 2.35
C ALA B 298 5.46 28.55 1.11
N VAL B 299 4.76 27.44 0.86
CA VAL B 299 3.92 27.32 -0.32
C VAL B 299 2.74 28.29 -0.28
N ARG B 300 2.17 28.50 0.90
CA ARG B 300 1.04 29.40 1.03
C ARG B 300 1.47 30.86 0.90
N GLU B 301 2.64 31.20 1.41
CA GLU B 301 3.20 32.54 1.19
C GLU B 301 3.51 32.78 -0.29
N LEU B 302 3.98 31.74 -0.98
CA LEU B 302 4.23 31.85 -2.41
C LEU B 302 2.91 32.04 -3.18
N ASN B 303 1.86 31.35 -2.74
CA ASN B 303 0.58 31.34 -3.45
C ASN B 303 -0.15 32.67 -3.31
N ARG B 304 0.30 33.48 -2.35
CA ARG B 304 -0.30 34.78 -2.09
C ARG B 304 0.12 35.80 -3.13
N SER B 305 1.28 35.59 -3.76
CA SER B 305 1.80 36.55 -4.73
C SER B 305 2.10 35.94 -6.10
N GLN B 306 1.79 34.66 -6.27
CA GLN B 306 1.87 34.00 -7.57
C GLN B 306 0.81 32.92 -7.61
N GLU B 307 0.40 32.55 -8.81
CA GLU B 307 -0.46 31.39 -8.95
C GLU B 307 0.47 30.21 -9.15
N ILE B 308 0.40 29.24 -8.26
CA ILE B 308 1.28 28.09 -8.31
C ILE B 308 0.58 26.92 -8.98
N GLY B 309 1.29 26.29 -9.89
CA GLY B 309 0.77 25.12 -10.57
C GLY B 309 1.82 24.03 -10.62
N VAL B 310 1.41 22.78 -10.41
CA VAL B 310 2.32 21.66 -10.51
C VAL B 310 1.87 20.70 -11.60
N LYS B 311 2.84 20.14 -12.31
CA LYS B 311 2.55 19.13 -13.32
C LYS B 311 3.46 17.91 -13.15
N PRO B 312 3.05 16.79 -13.74
CA PRO B 312 3.89 15.58 -13.76
C PRO B 312 5.26 15.88 -14.37
N LEU B 313 6.30 15.33 -13.77
CA LEU B 313 7.64 15.35 -14.33
C LEU B 313 8.09 13.90 -14.55
N ALA B 314 9.25 13.73 -15.16
CA ALA B 314 9.74 12.39 -15.42
C ALA B 314 11.27 12.34 -15.37
N CYS B 315 11.80 11.18 -15.02
CA CYS B 315 13.24 10.97 -15.01
C CYS B 315 13.83 10.99 -16.42
N THR B 316 12.99 10.70 -17.41
CA THR B 316 13.44 10.62 -18.78
C THR B 316 13.31 11.95 -19.52
N SER B 317 12.79 12.96 -18.84
CA SER B 317 12.51 14.25 -19.47
C SER B 317 13.38 15.35 -18.89
N ALA B 318 13.72 16.33 -19.70
CA ALA B 318 14.55 17.45 -19.27
C ALA B 318 13.72 18.50 -18.54
N ASN B 319 12.42 18.26 -18.44
CA ASN B 319 11.51 19.20 -17.79
C ASN B 319 11.81 19.44 -16.31
N ILE B 320 11.48 20.63 -15.86
CA ILE B 320 11.56 20.97 -14.45
C ILE B 320 10.24 21.55 -13.97
N TRP B 321 10.16 21.80 -12.67
CA TRP B 321 9.06 22.56 -12.09
C TRP B 321 9.42 24.05 -12.09
N PRO B 322 8.71 24.85 -12.88
CA PRO B 322 9.05 26.27 -13.00
C PRO B 322 9.01 27.03 -11.66
N HIS B 323 8.14 26.62 -10.74
CA HIS B 323 7.98 27.35 -9.48
C HIS B 323 8.94 26.93 -8.38
N GLY B 324 9.69 25.86 -8.60
CA GLY B 324 10.64 25.40 -7.60
C GLY B 324 11.60 26.45 -7.11
N THR B 325 12.10 27.28 -8.02
CA THR B 325 13.09 28.30 -7.66
C THR B 325 12.52 29.37 -6.73
N SER B 326 11.29 29.79 -6.99
CA SER B 326 10.62 30.73 -6.09
C SER B 326 10.37 30.08 -4.74
N LEU B 327 9.88 28.83 -4.75
CA LEU B 327 9.56 28.13 -3.51
C LEU B 327 10.79 28.04 -2.62
N MET B 328 11.96 27.93 -3.24
CA MET B 328 13.21 27.91 -2.49
C MET B 328 13.45 29.22 -1.76
N ASN B 329 13.06 30.35 -2.37
CA ASN B 329 13.22 31.64 -1.72
C ASN B 329 12.30 31.73 -0.52
N TYR B 330 11.08 31.26 -0.68
CA TYR B 330 10.09 31.36 0.38
C TYR B 330 10.34 30.36 1.50
N LEU B 331 11.06 29.30 1.18
CA LEU B 331 11.43 28.31 2.18
C LEU B 331 12.54 28.86 3.06
N ARG B 332 13.47 29.60 2.48
CA ARG B 332 14.58 30.13 3.27
C ARG B 332 14.10 31.30 4.13
N MET B 333 12.97 31.90 3.76
CA MET B 333 12.41 33.00 4.54
C MET B 333 11.49 32.51 5.66
N VAL B 334 11.20 31.21 5.69
CA VAL B 334 10.33 30.64 6.71
C VAL B 334 10.84 30.97 8.10
N GLU B 335 9.91 31.28 9.00
CA GLU B 335 10.19 31.40 10.43
C GLU B 335 9.09 30.67 11.18
N TYR B 336 9.43 29.53 11.75
CA TYR B 336 8.44 28.60 12.29
C TYR B 336 8.83 28.16 13.69
N ASP B 337 7.84 27.85 14.52
CA ASP B 337 8.10 27.42 15.90
C ASP B 337 7.57 26.02 16.10
N GLY B 338 8.46 25.04 15.96
CA GLY B 338 8.05 23.65 15.95
C GLY B 338 8.55 22.89 17.14
N LEU B 339 8.29 21.58 17.11
CA LEU B 339 8.66 20.68 18.18
C LEU B 339 10.15 20.69 18.43
N THR B 340 10.94 20.98 17.40
CA THR B 340 12.39 20.94 17.53
C THR B 340 13.00 22.33 17.70
N GLY B 341 12.16 23.29 18.09
CA GLY B 341 12.64 24.63 18.34
C GLY B 341 12.33 25.57 17.19
N ARG B 342 13.08 26.66 17.12
CA ARG B 342 12.90 27.64 16.07
C ARG B 342 13.50 27.12 14.76
N VAL B 343 12.73 27.20 13.69
CA VAL B 343 13.22 26.82 12.37
C VAL B 343 13.39 28.06 11.49
N GLU B 344 14.64 28.37 11.15
CA GLU B 344 14.93 29.43 10.19
C GLU B 344 16.09 28.94 9.33
N PHE B 345 16.39 29.66 8.26
CA PHE B 345 17.43 29.20 7.34
C PHE B 345 18.29 30.35 6.86
N ASN B 346 19.54 30.07 6.57
CA ASN B 346 20.44 31.07 5.99
C ASN B 346 20.47 30.93 4.47
N SER B 347 21.25 31.78 3.82
CA SER B 347 21.28 31.82 2.36
C SER B 347 21.63 30.47 1.74
N LYS B 348 22.23 29.58 2.52
CA LYS B 348 22.68 28.30 1.98
C LYS B 348 21.72 27.15 2.29
N GLY B 349 20.68 27.42 3.06
CA GLY B 349 19.70 26.40 3.39
C GLY B 349 19.98 25.66 4.68
N GLN B 350 20.92 26.17 5.46
CA GLN B 350 21.21 25.57 6.76
C GLN B 350 20.35 26.19 7.85
N ARG B 351 20.03 25.40 8.86
CA ARG B 351 19.20 25.89 9.94
C ARG B 351 19.99 26.85 10.81
N THR B 352 19.36 27.96 11.19
CA THR B 352 20.03 28.95 12.05
C THR B 352 19.05 29.58 13.02
N ASN B 353 19.59 30.42 13.90
CA ASN B 353 18.84 31.00 15.01
C ASN B 353 18.08 29.94 15.81
N TYR B 354 18.72 28.80 16.03
CA TYR B 354 18.12 27.75 16.84
C TYR B 354 19.01 27.44 18.03
N THR B 355 18.60 26.48 18.86
CA THR B 355 19.36 26.13 20.04
C THR B 355 19.41 24.61 20.20
N LEU B 356 20.50 24.14 20.80
CA LEU B 356 20.62 22.77 21.28
C LEU B 356 20.65 22.81 22.81
N ARG B 357 19.66 22.17 23.44
CA ARG B 357 19.60 22.07 24.87
C ARG B 357 20.58 21.01 25.34
N ILE B 358 21.48 21.41 26.23
CA ILE B 358 22.47 20.50 26.81
C ILE B 358 21.93 19.73 28.00
N LEU B 359 21.67 18.44 27.81
CA LEU B 359 21.16 17.59 28.89
C LEU B 359 22.26 16.82 29.58
N GLU B 360 21.98 16.38 30.80
CA GLU B 360 22.88 15.50 31.53
C GLU B 360 22.11 14.28 32.03
N LYS B 361 22.70 13.09 31.89
CA LYS B 361 22.02 11.86 32.33
C LYS B 361 22.10 11.71 33.84
N SER B 362 20.99 11.27 34.43
CA SER B 362 20.92 10.95 35.84
C SER B 362 20.26 9.57 35.99
N ARG B 363 20.32 9.00 37.18
CA ARG B 363 19.75 7.68 37.41
C ARG B 363 18.27 7.66 36.99
N GLN B 364 17.59 8.78 37.20
CA GLN B 364 16.20 8.93 36.82
C GLN B 364 16.05 9.15 35.31
N GLY B 365 16.77 10.14 34.80
CA GLY B 365 16.71 10.46 33.38
C GLY B 365 17.52 11.70 33.02
N HIS B 366 16.89 12.87 33.11
CA HIS B 366 17.49 14.08 32.55
C HIS B 366 17.61 15.25 33.51
N ARG B 367 18.43 16.20 33.12
CA ARG B 367 18.60 17.45 33.81
C ARG B 367 19.14 18.42 32.79
N GLU B 368 18.44 19.51 32.55
CA GLU B 368 18.90 20.46 31.56
C GLU B 368 19.86 21.45 32.20
N ILE B 369 21.16 21.29 31.94
CA ILE B 369 22.18 22.06 32.62
C ILE B 369 22.67 23.25 31.81
N GLY B 370 22.05 23.49 30.67
CA GLY B 370 22.43 24.62 29.83
C GLY B 370 22.00 24.48 28.39
N VAL B 371 22.29 25.49 27.58
CA VAL B 371 21.93 25.47 26.17
C VAL B 371 22.99 26.19 25.33
N TRP B 372 23.21 25.70 24.11
CA TRP B 372 24.12 26.31 23.15
C TRP B 372 23.27 26.88 21.99
N TYR B 373 23.60 28.08 21.50
CA TYR B 373 22.78 28.73 20.47
C TYR B 373 23.44 28.74 19.07
N SER B 374 22.70 29.17 18.05
CA SER B 374 23.23 29.25 16.69
C SER B 374 24.18 30.42 16.53
N ASN B 375 23.81 31.55 17.12
CA ASN B 375 24.82 32.53 17.52
C ASN B 375 25.56 31.81 18.63
N ARG B 376 26.89 31.78 18.59
CA ARG B 376 27.64 30.76 19.30
C ARG B 376 27.99 31.07 20.77
N THR B 377 26.98 31.07 21.63
CA THR B 377 27.17 31.31 23.05
C THR B 377 26.67 30.13 23.90
N LEU B 378 27.19 29.99 25.11
CA LEU B 378 26.65 29.02 26.08
C LEU B 378 25.69 29.67 27.07
N ALA B 379 25.26 28.90 28.06
CA ALA B 379 24.44 29.39 29.17
C ALA B 379 24.20 28.21 30.09
N MET B 380 24.56 28.35 31.36
CA MET B 380 24.44 27.23 32.30
C MET B 380 23.39 27.45 33.38
N ASN B 381 22.44 26.52 33.49
CA ASN B 381 21.49 26.53 34.59
C ASN B 381 22.22 26.53 35.94
N ALA B 382 21.80 27.45 36.81
CA ALA B 382 22.41 27.64 38.12
C ALA B 382 22.42 29.13 38.42
N THR C 2 -8.49 -48.46 -8.79
CA THR C 2 -8.09 -47.64 -9.94
C THR C 2 -8.30 -46.14 -9.65
N HIS C 3 -8.95 -45.42 -10.57
CA HIS C 3 -9.02 -43.96 -10.48
C HIS C 3 -10.16 -43.45 -9.60
N VAL C 4 -9.91 -42.32 -8.96
CA VAL C 4 -10.84 -41.77 -7.98
C VAL C 4 -10.98 -40.26 -8.16
N LEU C 5 -12.21 -39.76 -8.17
CA LEU C 5 -12.47 -38.33 -8.24
C LEU C 5 -13.31 -37.92 -7.05
N ARG C 6 -12.90 -36.87 -6.34
CA ARG C 6 -13.60 -36.51 -5.11
C ARG C 6 -14.49 -35.26 -5.21
N PHE C 7 -15.78 -35.43 -4.94
CA PHE C 7 -16.70 -34.32 -4.78
C PHE C 7 -16.72 -33.88 -3.32
N GLY C 8 -17.15 -32.65 -3.08
CA GLY C 8 -17.40 -32.21 -1.73
C GLY C 8 -18.83 -31.75 -1.63
N GLY C 9 -19.47 -32.04 -0.50
CA GLY C 9 -20.82 -31.60 -0.25
C GLY C 9 -20.90 -30.85 1.07
N ILE C 10 -21.71 -29.80 1.12
CA ILE C 10 -21.92 -29.03 2.33
C ILE C 10 -23.42 -29.07 2.65
N PHE C 11 -23.76 -29.50 3.86
CA PHE C 11 -25.16 -29.72 4.24
C PHE C 11 -25.50 -29.02 5.55
N GLU C 12 -26.71 -28.48 5.65
CA GLU C 12 -27.16 -27.88 6.90
C GLU C 12 -27.47 -28.95 7.95
N TYR C 13 -27.27 -28.61 9.22
CA TYR C 13 -27.70 -29.47 10.30
C TYR C 13 -29.22 -29.47 10.34
N VAL C 14 -29.79 -30.58 10.79
CA VAL C 14 -31.22 -30.75 10.75
C VAL C 14 -31.72 -31.27 12.09
N GLU C 15 -32.90 -30.81 12.48
CA GLU C 15 -33.51 -31.28 13.72
C GLU C 15 -33.93 -32.75 13.61
N SER C 16 -34.47 -33.12 12.45
CA SER C 16 -34.93 -34.48 12.17
C SER C 16 -33.99 -35.60 12.65
N GLY C 17 -32.72 -35.50 12.27
CA GLY C 17 -31.74 -36.52 12.61
C GLY C 17 -30.34 -36.09 12.21
N PRO C 18 -29.43 -37.05 12.10
CA PRO C 18 -28.05 -36.67 11.80
C PRO C 18 -27.86 -36.37 10.33
N MET C 19 -28.80 -36.79 9.48
CA MET C 19 -28.68 -36.58 8.04
C MET C 19 -30.00 -36.15 7.41
N GLY C 20 -29.98 -34.97 6.79
CA GLY C 20 -31.16 -34.45 6.12
C GLY C 20 -31.43 -35.12 4.79
N ALA C 21 -32.46 -34.65 4.09
CA ALA C 21 -32.87 -35.26 2.84
C ALA C 21 -31.81 -35.08 1.76
N GLU C 22 -31.24 -33.88 1.66
CA GLU C 22 -30.21 -33.62 0.66
C GLU C 22 -29.04 -34.59 0.82
N GLU C 23 -28.44 -34.60 2.01
CA GLU C 23 -27.28 -35.45 2.28
C GLU C 23 -27.53 -36.93 2.00
N LEU C 24 -28.70 -37.44 2.37
CA LEU C 24 -29.04 -38.84 2.11
C LEU C 24 -29.14 -39.13 0.62
N ALA C 25 -29.67 -38.17 -0.12
CA ALA C 25 -29.86 -38.35 -1.55
C ALA C 25 -28.51 -38.27 -2.25
N PHE C 26 -27.64 -37.41 -1.76
CA PHE C 26 -26.29 -37.26 -2.29
C PHE C 26 -25.55 -38.60 -2.22
N ARG C 27 -25.51 -39.18 -1.02
CA ARG C 27 -24.84 -40.45 -0.82
C ARG C 27 -25.52 -41.56 -1.63
N PHE C 28 -26.84 -41.54 -1.63
CA PHE C 28 -27.62 -42.52 -2.35
C PHE C 28 -27.20 -42.50 -3.82
N ALA C 29 -26.95 -41.30 -4.34
CA ALA C 29 -26.63 -41.13 -5.75
C ALA C 29 -25.23 -41.61 -6.06
N VAL C 30 -24.28 -41.22 -5.22
CA VAL C 30 -22.89 -41.63 -5.42
C VAL C 30 -22.76 -43.16 -5.42
N ASN C 31 -23.45 -43.82 -4.49
CA ASN C 31 -23.40 -45.28 -4.41
C ASN C 31 -23.95 -45.95 -5.66
N THR C 32 -25.09 -45.46 -6.14
CA THR C 32 -25.70 -46.01 -7.34
C THR C 32 -24.76 -45.92 -8.54
N ILE C 33 -24.08 -44.78 -8.68
CA ILE C 33 -23.23 -44.52 -9.85
C ILE C 33 -21.95 -45.37 -9.85
N ASN C 34 -21.45 -45.69 -8.68
CA ASN C 34 -20.28 -46.54 -8.58
C ASN C 34 -20.66 -48.00 -8.79
N ARG C 35 -21.89 -48.35 -8.45
CA ARG C 35 -22.38 -49.70 -8.66
C ARG C 35 -22.72 -49.87 -10.14
N ASN C 36 -23.00 -48.77 -10.79
CA ASN C 36 -23.34 -48.80 -12.21
C ASN C 36 -22.08 -48.90 -13.05
N ARG C 37 -22.13 -49.73 -14.10
CA ARG C 37 -20.94 -50.00 -14.91
C ARG C 37 -20.93 -49.21 -16.20
N THR C 38 -22.11 -48.90 -16.72
CA THR C 38 -22.20 -48.13 -17.95
C THR C 38 -21.79 -46.68 -17.73
N LEU C 39 -22.14 -46.12 -16.58
CA LEU C 39 -21.84 -44.72 -16.26
C LEU C 39 -20.61 -44.63 -15.37
N LEU C 40 -19.64 -43.82 -15.80
CA LEU C 40 -18.34 -43.74 -15.12
C LEU C 40 -17.84 -45.14 -14.80
N PRO C 41 -17.37 -45.84 -15.83
CA PRO C 41 -16.87 -47.22 -15.72
C PRO C 41 -15.48 -47.29 -15.10
N ASN C 42 -14.65 -46.30 -15.39
CA ASN C 42 -13.26 -46.30 -14.93
C ASN C 42 -13.02 -45.33 -13.78
N THR C 43 -14.05 -44.58 -13.38
CA THR C 43 -13.93 -43.63 -12.28
C THR C 43 -14.72 -44.10 -11.06
N THR C 44 -14.16 -43.88 -9.87
CA THR C 44 -14.85 -44.14 -8.61
C THR C 44 -15.04 -42.85 -7.82
N LEU C 45 -16.31 -42.48 -7.59
CA LEU C 45 -16.63 -41.23 -6.91
C LEU C 45 -16.48 -41.35 -5.40
N THR C 46 -15.76 -40.40 -4.80
CA THR C 46 -15.67 -40.27 -3.35
C THR C 46 -16.10 -38.86 -2.97
N TYR C 47 -16.13 -38.56 -1.68
CA TYR C 47 -16.54 -37.20 -1.29
C TYR C 47 -16.18 -36.87 0.14
N ASP C 48 -16.13 -35.57 0.41
CA ASP C 48 -15.89 -35.05 1.74
C ASP C 48 -17.17 -34.29 2.11
N THR C 49 -17.68 -34.50 3.32
CA THR C 49 -18.88 -33.81 3.76
C THR C 49 -18.56 -32.83 4.88
N GLN C 50 -19.07 -31.62 4.75
CA GLN C 50 -18.98 -30.61 5.79
C GLN C 50 -20.39 -30.21 6.18
N LYS C 51 -20.63 -29.98 7.46
CA LYS C 51 -21.95 -29.54 7.88
C LYS C 51 -21.87 -28.17 8.56
N ILE C 52 -22.91 -27.35 8.38
CA ILE C 52 -23.00 -26.04 9.01
C ILE C 52 -24.37 -25.81 9.64
N ASN C 53 -24.45 -24.94 10.64
CA ASN C 53 -25.73 -24.51 11.19
C ASN C 53 -26.56 -23.81 10.13
N LEU C 54 -27.87 -24.03 10.15
CA LEU C 54 -28.80 -23.30 9.30
C LEU C 54 -28.67 -21.79 9.51
N TYR C 55 -28.55 -21.03 8.42
CA TYR C 55 -28.44 -19.56 8.48
C TYR C 55 -27.02 -19.06 8.75
N ASP C 56 -26.06 -19.96 8.82
CA ASP C 56 -24.69 -19.56 9.14
C ASP C 56 -23.86 -19.40 7.87
N SER C 57 -23.96 -18.23 7.25
CA SER C 57 -23.30 -17.99 5.98
C SER C 57 -21.79 -17.89 6.16
N PHE C 58 -21.35 -17.33 7.28
CA PHE C 58 -19.94 -17.16 7.58
C PHE C 58 -19.25 -18.52 7.75
N GLU C 59 -19.93 -19.46 8.40
CA GLU C 59 -19.40 -20.82 8.51
C GLU C 59 -19.40 -21.53 7.15
N ALA C 60 -20.34 -21.20 6.28
CA ALA C 60 -20.34 -21.79 4.95
C ALA C 60 -19.10 -21.40 4.14
N SER C 61 -18.60 -20.18 4.33
CA SER C 61 -17.38 -19.73 3.68
C SER C 61 -16.21 -20.59 4.14
N LYS C 62 -16.05 -20.71 5.44
CA LYS C 62 -14.95 -21.45 6.02
C LYS C 62 -14.93 -22.91 5.59
N LYS C 63 -16.09 -23.56 5.59
CA LYS C 63 -16.20 -24.96 5.21
C LYS C 63 -15.93 -25.15 3.72
N ALA C 64 -16.43 -24.23 2.90
CA ALA C 64 -16.15 -24.29 1.48
C ALA C 64 -14.64 -24.18 1.26
N CYS C 65 -13.99 -23.32 2.02
CA CYS C 65 -12.57 -23.08 1.83
C CYS C 65 -11.73 -24.26 2.32
N ASP C 66 -12.26 -24.96 3.32
CA ASP C 66 -11.65 -26.17 3.84
C ASP C 66 -11.67 -27.25 2.77
N GLN C 67 -12.80 -27.37 2.08
CA GLN C 67 -12.94 -28.34 1.02
C GLN C 67 -12.06 -28.05 -0.19
N LEU C 68 -11.94 -26.78 -0.57
CA LEU C 68 -11.12 -26.44 -1.72
C LEU C 68 -9.66 -26.64 -1.37
N SER C 69 -9.31 -26.39 -0.12
CA SER C 69 -7.96 -26.62 0.35
C SER C 69 -7.65 -28.11 0.36
N LEU C 70 -8.69 -28.92 0.57
CA LEU C 70 -8.54 -30.36 0.65
C LEU C 70 -8.39 -30.95 -0.74
N GLY C 71 -9.08 -30.35 -1.71
CA GLY C 71 -9.06 -30.81 -3.08
C GLY C 71 -10.36 -31.47 -3.49
N VAL C 72 -11.17 -30.75 -4.27
CA VAL C 72 -12.44 -31.28 -4.78
C VAL C 72 -12.69 -30.81 -6.19
N ALA C 73 -13.57 -31.50 -6.91
CA ALA C 73 -13.86 -31.19 -8.31
C ALA C 73 -15.10 -30.34 -8.45
N ALA C 74 -16.01 -30.48 -7.49
CA ALA C 74 -17.20 -29.64 -7.43
C ALA C 74 -17.70 -29.59 -6.00
N ILE C 75 -18.57 -28.64 -5.71
CA ILE C 75 -19.14 -28.51 -4.37
C ILE C 75 -20.65 -28.45 -4.48
N PHE C 76 -21.32 -29.35 -3.76
CA PHE C 76 -22.78 -29.46 -3.78
C PHE C 76 -23.35 -28.90 -2.50
N GLY C 77 -24.21 -27.90 -2.58
CA GLY C 77 -24.84 -27.32 -1.40
C GLY C 77 -24.12 -26.06 -0.94
N PRO C 78 -24.55 -25.46 0.17
CA PRO C 78 -25.71 -25.81 1.01
C PRO C 78 -27.02 -25.30 0.42
N SER C 79 -28.10 -25.44 1.18
CA SER C 79 -29.46 -25.20 0.67
C SER C 79 -29.97 -23.78 0.92
N HIS C 80 -29.76 -23.28 2.13
CA HIS C 80 -30.22 -21.95 2.48
C HIS C 80 -29.52 -20.92 1.61
N SER C 81 -30.26 -19.91 1.17
CA SER C 81 -29.76 -18.95 0.18
C SER C 81 -28.52 -18.17 0.60
N SER C 82 -28.47 -17.67 1.83
CA SER C 82 -27.35 -16.83 2.26
C SER C 82 -26.04 -17.57 2.20
N SER C 83 -26.08 -18.84 2.58
CA SER C 83 -24.88 -19.66 2.63
C SER C 83 -24.52 -20.10 1.23
N ALA C 84 -25.54 -20.37 0.44
CA ALA C 84 -25.34 -20.79 -0.94
C ALA C 84 -24.64 -19.69 -1.71
N ASN C 85 -24.97 -18.45 -1.37
CA ASN C 85 -24.40 -17.29 -2.04
C ASN C 85 -22.94 -17.10 -1.63
N ALA C 86 -22.66 -17.41 -0.37
CA ALA C 86 -21.30 -17.30 0.15
C ALA C 86 -20.41 -18.30 -0.54
N VAL C 87 -20.89 -19.53 -0.70
CA VAL C 87 -20.10 -20.59 -1.31
C VAL C 87 -19.96 -20.32 -2.81
N GLN C 88 -21.04 -19.88 -3.45
CA GLN C 88 -21.02 -19.53 -4.86
C GLN C 88 -19.94 -18.51 -5.16
N SER C 89 -19.79 -17.54 -4.27
CA SER C 89 -18.79 -16.50 -4.46
C SER C 89 -17.38 -17.07 -4.41
N ILE C 90 -17.14 -17.95 -3.44
CA ILE C 90 -15.83 -18.59 -3.29
C ILE C 90 -15.53 -19.48 -4.50
N CYS C 91 -16.51 -20.28 -4.91
CA CYS C 91 -16.34 -21.19 -6.02
C CYS C 91 -16.01 -20.44 -7.30
N ASN C 92 -16.59 -19.26 -7.44
CA ASN C 92 -16.30 -18.44 -8.60
C ASN C 92 -14.88 -17.89 -8.55
N ALA C 93 -14.39 -17.57 -7.36
CA ALA C 93 -13.07 -16.97 -7.23
C ALA C 93 -11.97 -17.97 -7.56
N LEU C 94 -12.14 -19.20 -7.09
CA LEU C 94 -11.11 -20.22 -7.25
C LEU C 94 -11.41 -21.16 -8.42
N GLY C 95 -12.46 -20.85 -9.17
CA GLY C 95 -12.77 -21.55 -10.39
C GLY C 95 -13.14 -23.01 -10.24
N VAL C 96 -13.81 -23.37 -9.15
CA VAL C 96 -14.31 -24.72 -8.94
C VAL C 96 -15.85 -24.73 -9.01
N PRO C 97 -16.43 -25.65 -9.81
CA PRO C 97 -17.89 -25.63 -10.01
C PRO C 97 -18.74 -25.75 -8.75
N HIS C 98 -19.80 -24.93 -8.68
CA HIS C 98 -20.74 -24.94 -7.55
C HIS C 98 -22.11 -25.42 -8.01
N ILE C 99 -22.53 -26.58 -7.51
CA ILE C 99 -23.77 -27.24 -7.94
C ILE C 99 -24.93 -27.01 -6.94
N GLN C 100 -25.93 -26.25 -7.35
CA GLN C 100 -27.06 -25.89 -6.48
C GLN C 100 -28.30 -26.69 -6.82
N THR C 101 -29.10 -27.02 -5.80
CA THR C 101 -30.30 -27.84 -6.01
C THR C 101 -31.56 -27.16 -5.48
N ARG C 102 -31.38 -26.11 -4.67
CA ARG C 102 -32.51 -25.34 -4.18
C ARG C 102 -32.55 -23.97 -4.83
N TRP C 103 -33.73 -23.37 -4.85
CA TRP C 103 -33.87 -22.05 -5.45
C TRP C 103 -33.30 -21.02 -4.48
N LYS C 104 -32.65 -19.99 -5.03
CA LYS C 104 -32.24 -18.87 -4.22
C LYS C 104 -32.31 -17.60 -5.05
N HIS C 105 -32.43 -16.44 -4.41
CA HIS C 105 -32.47 -15.18 -5.16
C HIS C 105 -31.11 -14.89 -5.79
N GLN C 106 -31.02 -15.05 -7.12
CA GLN C 106 -29.78 -14.78 -7.84
C GLN C 106 -29.72 -13.32 -8.28
N VAL C 107 -29.01 -12.52 -7.49
CA VAL C 107 -28.97 -11.06 -7.69
C VAL C 107 -28.63 -10.70 -9.14
N SER C 108 -29.19 -9.59 -9.60
CA SER C 108 -29.05 -9.16 -10.99
C SER C 108 -27.62 -8.78 -11.36
N ASP C 109 -27.02 -7.88 -10.59
CA ASP C 109 -25.70 -7.36 -10.94
C ASP C 109 -24.58 -8.36 -10.67
N ASN C 110 -24.96 -9.57 -10.26
CA ASN C 110 -24.00 -10.62 -9.99
C ASN C 110 -23.42 -11.17 -11.28
N LYS C 111 -22.13 -11.47 -11.26
CA LYS C 111 -21.45 -11.93 -12.46
C LYS C 111 -20.71 -13.26 -12.27
N ASP C 112 -21.01 -13.97 -11.18
CA ASP C 112 -20.45 -15.30 -10.96
C ASP C 112 -20.87 -16.23 -12.11
N SER C 113 -19.94 -17.04 -12.59
CA SER C 113 -20.20 -17.92 -13.73
C SER C 113 -19.90 -19.39 -13.44
N PHE C 114 -19.29 -19.67 -12.30
CA PHE C 114 -18.93 -21.04 -11.93
C PHE C 114 -19.99 -21.71 -11.04
N TYR C 115 -21.20 -21.84 -11.57
CA TYR C 115 -22.28 -22.52 -10.86
C TYR C 115 -23.41 -22.88 -11.80
N VAL C 116 -24.22 -23.83 -11.36
CA VAL C 116 -25.33 -24.34 -12.11
C VAL C 116 -26.43 -24.62 -11.10
N SER C 117 -27.69 -24.57 -11.50
CA SER C 117 -28.78 -24.85 -10.59
C SER C 117 -29.76 -25.83 -11.21
N LEU C 118 -30.11 -26.88 -10.46
CA LEU C 118 -31.05 -27.88 -10.95
C LEU C 118 -32.51 -27.56 -10.63
N TYR C 119 -32.75 -26.48 -9.90
CA TYR C 119 -34.12 -26.11 -9.59
C TYR C 119 -34.69 -25.41 -10.81
N PRO C 120 -35.94 -25.73 -11.18
CA PRO C 120 -36.61 -25.07 -12.31
C PRO C 120 -36.74 -23.56 -12.12
N ASP C 121 -36.09 -22.77 -12.98
CA ASP C 121 -36.18 -21.32 -12.90
C ASP C 121 -37.59 -20.92 -12.54
N PHE C 122 -37.73 -19.99 -11.60
CA PHE C 122 -39.06 -19.62 -11.13
C PHE C 122 -39.80 -18.72 -12.12
N SER C 123 -39.08 -18.12 -13.05
CA SER C 123 -39.74 -17.36 -14.09
C SER C 123 -40.46 -18.30 -15.06
N SER C 124 -39.85 -19.43 -15.38
CA SER C 124 -40.52 -20.43 -16.21
C SER C 124 -41.73 -21.01 -15.51
N LEU C 125 -41.56 -21.35 -14.24
CA LEU C 125 -42.67 -21.83 -13.43
C LEU C 125 -43.81 -20.82 -13.41
N SER C 126 -43.46 -19.54 -13.34
CA SER C 126 -44.45 -18.47 -13.30
C SER C 126 -45.18 -18.36 -14.62
N ARG C 127 -44.48 -18.55 -15.73
CA ARG C 127 -45.12 -18.52 -17.04
C ARG C 127 -46.10 -19.69 -17.17
N ALA C 128 -45.75 -20.84 -16.59
CA ALA C 128 -46.64 -21.99 -16.58
C ALA C 128 -47.88 -21.70 -15.74
N ILE C 129 -47.73 -20.87 -14.71
CA ILE C 129 -48.86 -20.53 -13.86
C ILE C 129 -49.77 -19.52 -14.56
N LEU C 130 -49.19 -18.64 -15.37
CA LEU C 130 -49.98 -17.74 -16.19
C LEU C 130 -50.79 -18.53 -17.18
N ASP C 131 -50.18 -19.56 -17.77
CA ASP C 131 -50.86 -20.35 -18.76
C ASP C 131 -52.08 -21.02 -18.15
N LEU C 132 -51.96 -21.48 -16.91
CA LEU C 132 -53.11 -22.04 -16.21
C LEU C 132 -54.17 -20.96 -16.02
N VAL C 133 -53.73 -19.76 -15.62
CA VAL C 133 -54.65 -18.67 -15.33
C VAL C 133 -55.44 -18.25 -16.56
N GLN C 134 -54.77 -18.18 -17.71
CA GLN C 134 -55.42 -17.79 -18.96
C GLN C 134 -56.36 -18.88 -19.45
N PHE C 135 -55.96 -20.13 -19.23
CA PHE C 135 -56.77 -21.26 -19.63
C PHE C 135 -58.08 -21.27 -18.86
N PHE C 136 -57.99 -21.14 -17.55
CA PHE C 136 -59.18 -21.10 -16.70
C PHE C 136 -59.99 -19.81 -16.88
N LYS C 137 -59.51 -18.92 -17.74
CA LYS C 137 -60.22 -17.68 -18.03
C LYS C 137 -60.47 -16.82 -16.79
N TRP C 138 -59.47 -16.75 -15.91
CA TRP C 138 -59.56 -15.91 -14.71
C TRP C 138 -59.31 -14.46 -15.07
N LYS C 139 -60.16 -13.57 -14.53
CA LYS C 139 -59.97 -12.15 -14.74
C LYS C 139 -59.34 -11.55 -13.49
N THR C 140 -59.71 -12.10 -12.34
CA THR C 140 -59.14 -11.64 -11.09
C THR C 140 -58.50 -12.81 -10.35
N VAL C 141 -57.35 -12.55 -9.75
CA VAL C 141 -56.67 -13.56 -8.96
C VAL C 141 -55.94 -12.90 -7.79
N THR C 142 -55.69 -13.67 -6.74
CA THR C 142 -54.98 -13.17 -5.58
C THR C 142 -53.76 -14.04 -5.29
N VAL C 143 -52.57 -13.44 -5.31
CA VAL C 143 -51.34 -14.17 -5.02
C VAL C 143 -50.95 -14.06 -3.54
N VAL C 144 -50.79 -15.20 -2.89
CA VAL C 144 -50.34 -15.24 -1.52
C VAL C 144 -48.92 -15.80 -1.49
N TYR C 145 -47.98 -15.07 -0.89
CA TYR C 145 -46.59 -15.55 -0.84
C TYR C 145 -46.05 -15.52 0.58
N ASP C 146 -45.02 -16.31 0.83
CA ASP C 146 -44.43 -16.33 2.15
C ASP C 146 -43.38 -15.24 2.25
N ASP C 147 -43.28 -14.62 3.41
CA ASP C 147 -42.29 -13.58 3.61
C ASP C 147 -40.90 -14.13 3.29
N SER C 148 -40.67 -15.38 3.67
CA SER C 148 -39.38 -16.04 3.48
C SER C 148 -38.82 -15.82 2.07
N THR C 149 -39.63 -16.11 1.04
CA THR C 149 -39.24 -15.84 -0.33
C THR C 149 -39.75 -14.47 -0.76
N GLY C 150 -39.03 -13.81 -1.64
CA GLY C 150 -39.40 -12.46 -2.01
C GLY C 150 -40.59 -12.45 -2.95
N LEU C 151 -40.96 -11.24 -3.35
CA LEU C 151 -41.88 -11.02 -4.46
C LEU C 151 -41.15 -11.27 -5.77
N ILE C 152 -39.83 -11.18 -5.71
CA ILE C 152 -38.99 -11.17 -6.89
C ILE C 152 -39.17 -12.40 -7.77
N ARG C 153 -39.35 -13.57 -7.17
CA ARG C 153 -39.43 -14.78 -7.99
C ARG C 153 -40.76 -14.89 -8.72
N LEU C 154 -41.75 -14.10 -8.29
CA LEU C 154 -43.05 -14.08 -8.92
C LEU C 154 -43.17 -12.92 -9.90
N GLN C 155 -42.04 -12.30 -10.25
CA GLN C 155 -42.06 -11.07 -11.04
C GLN C 155 -42.82 -11.24 -12.34
N GLU C 156 -42.77 -12.44 -12.91
CA GLU C 156 -43.49 -12.69 -14.15
C GLU C 156 -44.99 -12.53 -13.93
N LEU C 157 -45.47 -12.97 -12.78
CA LEU C 157 -46.88 -12.80 -12.42
C LEU C 157 -47.25 -11.34 -12.20
N ILE C 158 -46.37 -10.59 -11.55
CA ILE C 158 -46.64 -9.19 -11.25
C ILE C 158 -46.70 -8.33 -12.51
N LYS C 159 -45.97 -8.74 -13.55
CA LYS C 159 -45.92 -7.99 -14.80
C LYS C 159 -47.09 -8.28 -15.72
N ALA C 160 -47.84 -9.33 -15.41
CA ALA C 160 -48.84 -9.87 -16.32
C ALA C 160 -49.98 -8.89 -16.61
N PRO C 161 -50.47 -8.19 -15.58
CA PRO C 161 -51.57 -7.25 -15.77
C PRO C 161 -51.23 -6.08 -16.70
N SER C 162 -49.97 -5.99 -17.10
CA SER C 162 -49.53 -4.95 -18.04
C SER C 162 -49.80 -5.36 -19.49
N ARG C 163 -50.02 -6.65 -19.71
CA ARG C 163 -50.15 -7.21 -21.05
C ARG C 163 -51.47 -7.97 -21.26
N TYR C 164 -52.13 -8.33 -20.16
CA TYR C 164 -53.36 -9.12 -20.23
C TYR C 164 -54.41 -8.49 -19.32
N ASN C 165 -55.67 -8.74 -19.63
CA ASN C 165 -56.77 -8.20 -18.84
C ASN C 165 -56.89 -8.90 -17.50
N LEU C 166 -56.09 -8.47 -16.53
CA LEU C 166 -55.98 -9.16 -15.25
C LEU C 166 -55.90 -8.17 -14.09
N ARG C 167 -56.54 -8.51 -12.98
CA ARG C 167 -56.47 -7.71 -11.77
C ARG C 167 -55.90 -8.55 -10.62
N LEU C 168 -54.73 -8.16 -10.14
CA LEU C 168 -53.95 -9.00 -9.21
C LEU C 168 -53.85 -8.36 -7.83
N LYS C 169 -54.26 -9.08 -6.79
CA LYS C 169 -54.12 -8.60 -5.42
C LYS C 169 -53.03 -9.42 -4.69
N ILE C 170 -52.05 -8.73 -4.12
CA ILE C 170 -50.92 -9.39 -3.44
C ILE C 170 -51.10 -9.41 -1.91
N ARG C 171 -51.08 -10.60 -1.34
CA ARG C 171 -51.26 -10.77 0.10
C ARG C 171 -50.12 -11.59 0.69
N GLN C 172 -49.61 -11.15 1.84
CA GLN C 172 -48.45 -11.79 2.43
C GLN C 172 -48.83 -12.66 3.62
N LEU C 173 -48.22 -13.84 3.70
CA LEU C 173 -48.41 -14.73 4.83
C LEU C 173 -47.62 -14.23 6.03
N PRO C 174 -48.26 -14.22 7.22
CA PRO C 174 -47.59 -13.80 8.45
C PRO C 174 -46.25 -14.51 8.59
N ALA C 175 -45.21 -13.76 8.93
CA ALA C 175 -43.86 -14.31 9.05
C ALA C 175 -43.63 -14.80 10.47
N ASP C 176 -44.35 -14.19 11.41
CA ASP C 176 -44.20 -14.50 12.81
C ASP C 176 -44.92 -15.80 13.20
N THR C 177 -45.84 -16.26 12.36
CA THR C 177 -46.63 -17.46 12.68
C THR C 177 -46.93 -18.40 11.51
N LYS C 178 -47.59 -19.51 11.83
CA LYS C 178 -48.07 -20.45 10.83
C LYS C 178 -49.57 -20.23 10.61
N ASP C 179 -50.26 -19.75 11.65
CA ASP C 179 -51.67 -19.42 11.55
C ASP C 179 -51.96 -18.32 10.55
N ALA C 180 -52.93 -18.57 9.67
CA ALA C 180 -53.24 -17.63 8.60
C ALA C 180 -54.72 -17.31 8.56
N LYS C 181 -55.45 -17.68 9.60
CA LYS C 181 -56.90 -17.47 9.61
C LYS C 181 -57.26 -16.01 9.40
N PRO C 182 -56.48 -15.07 9.97
CA PRO C 182 -56.74 -13.66 9.72
C PRO C 182 -56.71 -13.31 8.23
N LEU C 183 -55.76 -13.89 7.51
CA LEU C 183 -55.63 -13.68 6.07
C LEU C 183 -56.76 -14.34 5.30
N LEU C 184 -57.09 -15.58 5.67
CA LEU C 184 -58.19 -16.30 5.03
C LEU C 184 -59.48 -15.52 5.19
N LYS C 185 -59.65 -14.86 6.33
CA LYS C 185 -60.85 -14.10 6.61
C LYS C 185 -60.96 -12.93 5.65
N GLU C 186 -59.83 -12.27 5.40
CA GLU C 186 -59.79 -11.11 4.52
C GLU C 186 -60.19 -11.49 3.10
N MET C 187 -59.74 -12.66 2.67
CA MET C 187 -60.01 -13.13 1.32
C MET C 187 -61.47 -13.51 1.20
N LYS C 188 -61.93 -14.33 2.13
CA LYS C 188 -63.32 -14.76 2.16
C LYS C 188 -64.23 -13.54 2.13
N ARG C 189 -63.82 -12.49 2.84
CA ARG C 189 -64.57 -11.25 2.89
C ARG C 189 -64.67 -10.62 1.51
N GLY C 190 -63.53 -10.55 0.82
CA GLY C 190 -63.48 -9.88 -0.47
C GLY C 190 -63.82 -10.77 -1.65
N LYS C 191 -64.43 -11.92 -1.39
CA LYS C 191 -64.86 -12.82 -2.45
C LYS C 191 -63.68 -13.23 -3.35
N GLU C 192 -62.53 -13.45 -2.75
CA GLU C 192 -61.35 -13.83 -3.50
C GLU C 192 -61.33 -15.35 -3.70
N PHE C 193 -61.99 -15.80 -4.76
CA PHE C 193 -62.20 -17.22 -4.98
C PHE C 193 -61.07 -17.87 -5.76
N HIS C 194 -60.34 -17.07 -6.53
CA HIS C 194 -59.23 -17.60 -7.31
C HIS C 194 -57.92 -17.19 -6.66
N VAL C 195 -57.09 -18.17 -6.31
CA VAL C 195 -55.90 -17.92 -5.50
C VAL C 195 -54.67 -18.72 -5.95
N ILE C 196 -53.52 -18.07 -5.91
CA ILE C 196 -52.24 -18.74 -6.15
C ILE C 196 -51.42 -18.74 -4.87
N PHE C 197 -51.07 -19.92 -4.37
CA PHE C 197 -50.22 -20.03 -3.18
C PHE C 197 -48.76 -20.26 -3.53
N ASP C 198 -47.91 -19.28 -3.24
CA ASP C 198 -46.47 -19.45 -3.34
C ASP C 198 -45.86 -19.77 -1.97
N CYS C 199 -45.73 -21.07 -1.68
CA CYS C 199 -45.18 -21.53 -0.43
C CYS C 199 -44.85 -23.02 -0.51
N SER C 200 -44.10 -23.51 0.47
CA SER C 200 -43.73 -24.90 0.50
C SER C 200 -44.96 -25.78 0.69
N HIS C 201 -44.81 -27.08 0.43
CA HIS C 201 -45.93 -28.01 0.59
C HIS C 201 -46.25 -28.25 2.06
N GLU C 202 -45.25 -28.10 2.92
CA GLU C 202 -45.50 -28.21 4.35
C GLU C 202 -46.47 -27.12 4.76
N MET C 203 -46.17 -25.89 4.36
CA MET C 203 -47.01 -24.77 4.73
C MET C 203 -48.37 -24.82 4.04
N ALA C 204 -48.45 -25.49 2.90
CA ALA C 204 -49.70 -25.59 2.16
C ALA C 204 -50.65 -26.55 2.86
N ALA C 205 -50.11 -27.65 3.36
CA ALA C 205 -50.93 -28.63 4.06
C ALA C 205 -51.65 -27.94 5.21
N GLY C 206 -50.91 -27.17 5.99
CA GLY C 206 -51.46 -26.49 7.15
C GLY C 206 -52.43 -25.39 6.79
N ILE C 207 -52.26 -24.81 5.61
CA ILE C 207 -53.12 -23.70 5.18
C ILE C 207 -54.46 -24.21 4.67
N LEU C 208 -54.48 -25.39 4.08
CA LEU C 208 -55.72 -25.96 3.59
C LEU C 208 -56.54 -26.47 4.77
N LYS C 209 -55.86 -26.82 5.84
CA LYS C 209 -56.52 -27.33 7.03
C LYS C 209 -57.40 -26.22 7.61
N GLN C 210 -56.84 -25.02 7.71
CA GLN C 210 -57.55 -23.89 8.29
C GLN C 210 -58.59 -23.35 7.31
N ALA C 211 -58.31 -23.52 6.02
CA ALA C 211 -59.24 -23.11 4.99
C ALA C 211 -60.47 -24.00 5.04
N LEU C 212 -60.29 -25.23 5.50
CA LEU C 212 -61.40 -26.15 5.64
C LEU C 212 -62.24 -25.77 6.86
N ASN C 213 -61.57 -25.33 7.92
CA ASN C 213 -62.23 -24.89 9.14
C ASN C 213 -62.95 -23.55 8.97
N MET C 214 -62.93 -23.01 7.76
CA MET C 214 -63.57 -21.72 7.49
C MET C 214 -64.47 -21.78 6.27
N SER C 215 -64.83 -22.99 5.86
CA SER C 215 -65.79 -23.18 4.77
C SER C 215 -65.28 -22.63 3.46
N MET C 216 -63.96 -22.64 3.28
CA MET C 216 -63.36 -22.13 2.06
C MET C 216 -62.83 -23.27 1.20
N MET C 217 -63.17 -24.49 1.55
CA MET C 217 -62.85 -25.64 0.71
C MET C 217 -64.14 -26.11 0.08
N THR C 218 -64.60 -25.38 -0.93
CA THR C 218 -65.88 -25.66 -1.55
C THR C 218 -65.83 -25.48 -3.06
N GLU C 219 -66.96 -25.73 -3.71
CA GLU C 219 -67.07 -25.64 -5.17
C GLU C 219 -66.79 -24.24 -5.69
N TYR C 220 -66.78 -23.26 -4.80
CA TYR C 220 -66.56 -21.87 -5.21
C TYR C 220 -65.08 -21.55 -5.40
N TYR C 221 -64.21 -22.18 -4.61
CA TYR C 221 -62.78 -21.83 -4.60
C TYR C 221 -61.91 -22.69 -5.53
N HIS C 222 -60.97 -22.06 -6.20
CA HIS C 222 -60.01 -22.75 -7.06
C HIS C 222 -58.58 -22.35 -6.67
N TYR C 223 -57.77 -23.31 -6.24
CA TYR C 223 -56.43 -23.02 -5.72
C TYR C 223 -55.32 -23.55 -6.62
N ILE C 224 -54.38 -22.67 -6.97
CA ILE C 224 -53.19 -23.06 -7.73
C ILE C 224 -51.95 -22.96 -6.84
N PHE C 225 -51.09 -23.97 -6.86
CA PHE C 225 -49.93 -24.03 -5.97
C PHE C 225 -48.62 -24.10 -6.75
N THR C 226 -47.62 -23.37 -6.27
CA THR C 226 -46.31 -23.35 -6.90
C THR C 226 -45.44 -24.53 -6.48
N THR C 227 -45.77 -25.18 -5.37
CA THR C 227 -44.95 -26.30 -4.91
C THR C 227 -45.03 -27.47 -5.90
N LEU C 228 -43.88 -28.08 -6.15
CA LEU C 228 -43.81 -29.24 -7.04
C LEU C 228 -44.03 -30.53 -6.26
N ASP C 229 -44.06 -30.42 -4.94
CA ASP C 229 -44.34 -31.55 -4.08
C ASP C 229 -45.81 -31.58 -3.70
N LEU C 230 -46.66 -31.07 -4.58
CA LEU C 230 -48.09 -31.00 -4.33
C LEU C 230 -48.70 -32.39 -4.20
N PHE C 231 -48.22 -33.32 -5.04
CA PHE C 231 -48.76 -34.67 -5.10
C PHE C 231 -48.55 -35.42 -3.79
N ALA C 232 -47.51 -35.04 -3.05
CA ALA C 232 -47.18 -35.70 -1.79
C ALA C 232 -48.05 -35.21 -0.64
N LEU C 233 -49.12 -34.51 -0.97
CA LEU C 233 -50.03 -33.99 0.03
C LEU C 233 -51.15 -34.99 0.26
N ASP C 234 -51.75 -34.94 1.46
CA ASP C 234 -52.88 -35.78 1.79
C ASP C 234 -54.16 -35.02 1.49
N VAL C 235 -54.87 -35.43 0.43
CA VAL C 235 -56.07 -34.73 0.01
C VAL C 235 -57.34 -35.51 0.33
N GLU C 236 -57.25 -36.46 1.25
CA GLU C 236 -58.42 -37.24 1.63
C GLU C 236 -59.53 -36.34 2.19
N PRO C 237 -59.20 -35.49 3.16
CA PRO C 237 -60.20 -34.60 3.76
C PRO C 237 -60.93 -33.70 2.75
N TYR C 238 -60.35 -33.48 1.58
CA TYR C 238 -60.85 -32.44 0.67
C TYR C 238 -61.44 -32.97 -0.62
N ARG C 239 -61.21 -34.23 -0.94
CA ARG C 239 -61.52 -34.73 -2.28
C ARG C 239 -63.00 -34.89 -2.57
N TYR C 240 -63.85 -34.53 -1.61
CA TYR C 240 -65.30 -34.62 -1.82
C TYR C 240 -65.99 -33.29 -1.61
N SER C 241 -65.24 -32.29 -1.18
CA SER C 241 -65.81 -30.98 -0.89
C SER C 241 -66.19 -30.24 -2.16
N GLY C 242 -65.65 -30.69 -3.30
CA GLY C 242 -65.92 -30.05 -4.57
C GLY C 242 -64.98 -28.91 -4.92
N VAL C 243 -63.97 -28.70 -4.09
CA VAL C 243 -62.96 -27.67 -4.35
C VAL C 243 -62.05 -28.11 -5.48
N ASN C 244 -61.63 -27.16 -6.29
CA ASN C 244 -60.64 -27.43 -7.33
C ASN C 244 -59.25 -27.08 -6.82
N MET C 245 -58.28 -27.97 -7.08
CA MET C 245 -56.88 -27.69 -6.76
C MET C 245 -56.04 -28.07 -7.97
N THR C 246 -55.02 -27.27 -8.27
CA THR C 246 -54.22 -27.48 -9.47
C THR C 246 -52.79 -27.08 -9.19
N GLY C 247 -51.84 -27.81 -9.76
CA GLY C 247 -50.44 -27.52 -9.57
C GLY C 247 -49.58 -28.27 -10.57
N PHE C 248 -48.29 -28.35 -10.30
CA PHE C 248 -47.37 -29.03 -11.21
C PHE C 248 -46.52 -30.07 -10.51
N ARG C 249 -46.01 -31.02 -11.30
CA ARG C 249 -45.11 -32.05 -10.80
C ARG C 249 -43.98 -32.19 -11.79
N ILE C 250 -42.75 -32.24 -11.29
CA ILE C 250 -41.59 -32.37 -12.16
C ILE C 250 -40.97 -33.75 -12.00
N LEU C 251 -41.39 -34.48 -10.96
CA LEU C 251 -40.97 -35.87 -10.80
C LEU C 251 -41.65 -36.73 -11.86
N ASN C 252 -40.83 -37.30 -12.73
CA ASN C 252 -41.27 -38.17 -13.81
C ASN C 252 -41.68 -39.54 -13.28
N THR C 253 -42.73 -39.58 -12.46
CA THR C 253 -43.15 -40.80 -11.78
C THR C 253 -43.86 -41.79 -12.69
N GLU C 254 -44.32 -41.34 -13.84
CA GLU C 254 -44.98 -42.24 -14.79
C GLU C 254 -43.96 -43.15 -15.46
N ASN C 255 -42.70 -42.74 -15.42
CA ASN C 255 -41.60 -43.56 -15.93
C ASN C 255 -41.27 -44.67 -14.94
N THR C 256 -41.28 -45.91 -15.41
CA THR C 256 -41.15 -47.06 -14.52
C THR C 256 -39.75 -47.16 -13.87
N GLN C 257 -38.70 -46.81 -14.61
CA GLN C 257 -37.34 -46.82 -14.06
C GLN C 257 -37.24 -45.85 -12.88
N VAL C 258 -38.01 -44.77 -12.93
CA VAL C 258 -38.01 -43.79 -11.86
C VAL C 258 -38.79 -44.31 -10.67
N SER C 259 -39.98 -44.85 -10.91
CA SER C 259 -40.83 -45.34 -9.83
C SER C 259 -40.11 -46.33 -8.92
N SER C 260 -39.29 -47.19 -9.52
CA SER C 260 -38.58 -48.21 -8.75
C SER C 260 -37.56 -47.57 -7.80
N ILE C 261 -36.90 -46.51 -8.27
CA ILE C 261 -35.96 -45.78 -7.45
C ILE C 261 -36.66 -45.04 -6.29
N ILE C 262 -37.80 -44.43 -6.57
CA ILE C 262 -38.62 -43.82 -5.52
C ILE C 262 -38.92 -44.86 -4.45
N GLU C 263 -39.03 -46.11 -4.88
CA GLU C 263 -39.39 -47.21 -3.98
C GLU C 263 -38.23 -47.55 -3.05
N LYS C 264 -37.03 -47.68 -3.62
CA LYS C 264 -35.84 -47.93 -2.82
C LYS C 264 -35.69 -46.86 -1.77
N TRP C 265 -36.00 -45.62 -2.16
CA TRP C 265 -35.91 -44.47 -1.27
C TRP C 265 -36.80 -44.64 -0.05
N SER C 266 -37.93 -45.34 -0.23
CA SER C 266 -38.73 -45.74 0.91
C SER C 266 -38.13 -46.99 1.56
N MET C 267 -36.89 -46.88 2.04
CA MET C 267 -36.18 -48.00 2.65
C MET C 267 -34.75 -47.60 3.01
N SER C 278 -49.75 -33.04 10.34
CA SER C 278 -48.85 -32.38 9.41
C SER C 278 -49.49 -32.23 8.04
N GLY C 279 -50.27 -33.25 7.67
CA GLY C 279 -51.00 -33.29 6.41
C GLY C 279 -50.25 -33.97 5.29
N LEU C 280 -49.01 -34.36 5.53
CA LEU C 280 -48.16 -34.97 4.51
C LEU C 280 -48.18 -36.49 4.58
N LEU C 281 -48.20 -37.14 3.42
CA LEU C 281 -48.20 -38.59 3.34
C LEU C 281 -46.79 -39.10 3.54
N ASP C 282 -46.61 -40.42 3.45
CA ASP C 282 -45.29 -41.02 3.60
C ASP C 282 -45.00 -41.96 2.43
N GLY C 283 -43.73 -42.30 2.25
CA GLY C 283 -43.32 -43.16 1.15
C GLY C 283 -43.10 -42.38 -0.13
N PHE C 284 -42.81 -41.08 0.01
CA PHE C 284 -42.56 -40.21 -1.14
C PHE C 284 -41.16 -39.64 -1.08
N MET C 285 -40.52 -39.53 -2.23
CA MET C 285 -39.26 -38.80 -2.33
C MET C 285 -39.58 -37.35 -2.69
N THR C 286 -39.13 -36.41 -1.86
CA THR C 286 -39.41 -35.00 -2.14
C THR C 286 -38.60 -34.51 -3.34
N THR C 287 -39.07 -33.46 -3.98
CA THR C 287 -38.39 -32.90 -5.13
C THR C 287 -37.01 -32.38 -4.72
N ASP C 288 -36.89 -31.91 -3.48
CA ASP C 288 -35.61 -31.39 -3.01
C ASP C 288 -34.55 -32.49 -2.96
N ALA C 289 -34.98 -33.72 -2.67
CA ALA C 289 -34.08 -34.86 -2.59
C ALA C 289 -33.82 -35.43 -3.96
N ALA C 290 -34.84 -35.43 -4.81
CA ALA C 290 -34.69 -35.95 -6.17
C ALA C 290 -33.71 -35.09 -6.98
N LEU C 291 -33.72 -33.79 -6.73
CA LEU C 291 -32.88 -32.86 -7.47
C LEU C 291 -31.41 -33.04 -7.10
N MET C 292 -31.13 -33.35 -5.83
CA MET C 292 -29.76 -33.58 -5.42
C MET C 292 -29.26 -34.87 -6.06
N TYR C 293 -30.14 -35.86 -6.13
CA TYR C 293 -29.82 -37.13 -6.77
C TYR C 293 -29.52 -36.93 -8.26
N ASP C 294 -30.23 -36.04 -8.91
CA ASP C 294 -29.99 -35.74 -10.34
C ASP C 294 -28.77 -34.87 -10.55
N ALA C 295 -28.38 -34.11 -9.53
CA ALA C 295 -27.22 -33.23 -9.67
C ALA C 295 -25.97 -34.10 -9.72
N VAL C 296 -25.90 -35.12 -8.87
CA VAL C 296 -24.70 -35.95 -8.86
C VAL C 296 -24.58 -36.69 -10.19
N HIS C 297 -25.71 -37.07 -10.77
CA HIS C 297 -25.69 -37.75 -12.05
C HIS C 297 -25.29 -36.84 -13.23
N VAL C 298 -25.87 -35.65 -13.32
CA VAL C 298 -25.62 -34.80 -14.48
C VAL C 298 -24.17 -34.30 -14.47
N VAL C 299 -23.63 -34.07 -13.27
CA VAL C 299 -22.22 -33.70 -13.15
C VAL C 299 -21.32 -34.87 -13.57
N SER C 300 -21.72 -36.10 -13.23
CA SER C 300 -20.96 -37.29 -13.61
C SER C 300 -20.87 -37.46 -15.13
N VAL C 301 -21.94 -37.08 -15.84
CA VAL C 301 -21.92 -37.13 -17.29
C VAL C 301 -20.82 -36.21 -17.82
N ALA C 302 -20.56 -35.11 -17.12
CA ALA C 302 -19.51 -34.18 -17.52
C ALA C 302 -18.12 -34.73 -17.20
N VAL C 303 -18.02 -35.50 -16.11
CA VAL C 303 -16.75 -36.10 -15.70
C VAL C 303 -16.31 -37.19 -16.68
N GLN C 304 -17.26 -37.79 -17.38
CA GLN C 304 -16.95 -38.87 -18.30
C GLN C 304 -16.37 -38.30 -19.59
N GLN C 305 -16.64 -37.02 -19.84
CA GLN C 305 -16.14 -36.35 -21.03
C GLN C 305 -14.85 -35.61 -20.70
N PHE C 306 -14.34 -35.81 -19.49
CA PHE C 306 -13.14 -35.11 -19.04
C PHE C 306 -12.36 -35.95 -18.04
N PRO C 307 -11.87 -37.12 -18.50
CA PRO C 307 -11.25 -38.15 -17.65
C PRO C 307 -9.88 -37.77 -17.10
N GLN C 308 -9.30 -36.66 -17.56
CA GLN C 308 -7.91 -36.35 -17.23
C GLN C 308 -7.77 -35.41 -16.05
N MET C 309 -8.88 -34.82 -15.62
CA MET C 309 -8.84 -33.84 -14.56
C MET C 309 -8.42 -34.47 -13.23
N THR C 310 -7.86 -33.64 -12.36
CA THR C 310 -7.45 -34.09 -11.03
C THR C 310 -7.62 -32.92 -10.09
N VAL C 311 -8.32 -33.14 -8.99
CA VAL C 311 -8.54 -32.06 -8.05
C VAL C 311 -7.21 -31.53 -7.53
N SER C 312 -7.15 -30.23 -7.29
CA SER C 312 -5.97 -29.59 -6.77
C SER C 312 -6.30 -29.01 -5.42
N SER C 313 -5.31 -28.94 -4.53
CA SER C 313 -5.48 -28.28 -3.25
C SER C 313 -5.37 -26.75 -3.40
N LEU C 314 -6.51 -26.08 -3.55
CA LEU C 314 -6.56 -24.63 -3.67
C LEU C 314 -6.77 -23.94 -2.32
N GLN C 315 -6.08 -22.82 -2.10
CA GLN C 315 -6.16 -22.09 -0.84
C GLN C 315 -6.80 -20.74 -1.10
N CYS C 316 -7.78 -20.37 -0.29
CA CYS C 316 -8.51 -19.12 -0.49
C CYS C 316 -7.63 -17.89 -0.26
N ASN C 317 -7.77 -16.92 -1.16
CA ASN C 317 -7.11 -15.61 -1.03
C ASN C 317 -5.61 -15.72 -1.24
N ARG C 318 -5.20 -16.73 -2.01
CA ARG C 318 -3.79 -17.03 -2.20
C ARG C 318 -3.57 -17.59 -3.59
N HIS C 319 -4.24 -18.71 -3.87
CA HIS C 319 -4.02 -19.38 -5.15
C HIS C 319 -4.90 -18.82 -6.23
N LYS C 320 -4.70 -19.37 -7.42
CA LYS C 320 -5.34 -18.89 -8.62
C LYS C 320 -6.28 -20.01 -8.99
N PRO C 321 -7.19 -19.74 -9.92
CA PRO C 321 -8.23 -20.72 -10.24
C PRO C 321 -7.67 -22.08 -10.65
N TRP C 322 -8.39 -23.13 -10.28
CA TRP C 322 -8.14 -24.49 -10.74
C TRP C 322 -7.94 -24.53 -12.25
N ARG C 323 -6.91 -25.23 -12.70
CA ARG C 323 -6.56 -25.23 -14.12
C ARG C 323 -7.48 -26.10 -14.98
N PHE C 324 -8.34 -26.88 -14.35
CA PHE C 324 -9.34 -27.67 -15.07
C PHE C 324 -10.73 -27.06 -14.94
N GLY C 325 -10.86 -26.05 -14.11
CA GLY C 325 -12.16 -25.51 -13.75
C GLY C 325 -12.97 -25.04 -14.95
N THR C 326 -12.40 -24.15 -15.75
CA THR C 326 -13.15 -23.51 -16.82
C THR C 326 -13.70 -24.54 -17.78
N ARG C 327 -12.89 -25.54 -18.10
CA ARG C 327 -13.32 -26.60 -19.01
C ARG C 327 -14.47 -27.39 -18.37
N PHE C 328 -14.24 -27.86 -17.15
CA PHE C 328 -15.20 -28.71 -16.46
C PHE C 328 -16.55 -28.02 -16.32
N MET C 329 -16.54 -26.72 -16.05
CA MET C 329 -17.77 -25.96 -15.88
C MET C 329 -18.51 -25.84 -17.21
N SER C 330 -17.76 -25.71 -18.30
CA SER C 330 -18.37 -25.66 -19.63
C SER C 330 -19.12 -26.95 -19.92
N LEU C 331 -18.53 -28.08 -19.54
CA LEU C 331 -19.11 -29.38 -19.87
C LEU C 331 -20.37 -29.60 -19.08
N ILE C 332 -20.39 -29.09 -17.85
CA ILE C 332 -21.56 -29.24 -17.01
C ILE C 332 -22.72 -28.47 -17.63
N LYS C 333 -22.48 -27.23 -18.04
CA LYS C 333 -23.53 -26.42 -18.64
C LYS C 333 -24.03 -26.99 -19.97
N GLU C 334 -23.25 -27.86 -20.59
CA GLU C 334 -23.63 -28.48 -21.85
C GLU C 334 -24.16 -29.88 -21.66
N ALA C 335 -24.13 -30.35 -20.42
CA ALA C 335 -24.53 -31.71 -20.11
C ALA C 335 -26.00 -31.96 -20.41
N HIS C 336 -26.33 -33.22 -20.69
CA HIS C 336 -27.71 -33.65 -20.87
C HIS C 336 -27.89 -34.94 -20.07
N TRP C 337 -29.02 -35.07 -19.39
CA TRP C 337 -29.27 -36.26 -18.58
C TRP C 337 -30.77 -36.46 -18.43
N GLU C 338 -31.22 -37.71 -18.54
CA GLU C 338 -32.61 -38.06 -18.30
C GLU C 338 -32.70 -38.63 -16.87
N GLY C 339 -33.27 -37.84 -15.96
CA GLY C 339 -33.23 -38.16 -14.55
C GLY C 339 -34.58 -38.30 -13.89
N LEU C 340 -34.58 -38.28 -12.56
CA LEU C 340 -35.81 -38.44 -11.80
C LEU C 340 -36.78 -37.32 -12.13
N THR C 341 -36.24 -36.14 -12.45
CA THR C 341 -37.09 -34.96 -12.67
C THR C 341 -37.22 -34.66 -14.16
N GLY C 342 -37.26 -35.72 -14.97
CA GLY C 342 -37.44 -35.59 -16.39
C GLY C 342 -36.14 -35.19 -17.04
N ARG C 343 -36.22 -34.70 -18.28
CA ARG C 343 -35.01 -34.31 -18.98
C ARG C 343 -34.41 -33.08 -18.31
N ILE C 344 -33.09 -33.09 -18.23
CA ILE C 344 -32.32 -32.03 -17.58
C ILE C 344 -31.45 -31.34 -18.61
N THR C 345 -31.54 -30.01 -18.67
CA THR C 345 -30.66 -29.24 -19.52
C THR C 345 -30.53 -27.82 -18.98
N PHE C 346 -29.32 -27.28 -19.03
CA PHE C 346 -29.08 -25.96 -18.51
C PHE C 346 -28.99 -24.95 -19.65
N ASN C 347 -29.23 -23.69 -19.29
CA ASN C 347 -29.11 -22.56 -20.19
C ASN C 347 -27.66 -22.10 -20.13
N LYS C 348 -26.95 -22.14 -21.27
CA LYS C 348 -25.55 -21.74 -21.28
C LYS C 348 -25.35 -20.29 -20.87
N THR C 349 -26.39 -19.47 -21.02
CA THR C 349 -26.27 -18.03 -20.78
C THR C 349 -26.26 -17.65 -19.30
N ASN C 350 -26.79 -18.51 -18.43
CA ASN C 350 -26.90 -18.18 -17.01
C ASN C 350 -26.81 -19.37 -16.05
N GLY C 351 -26.52 -20.55 -16.58
CA GLY C 351 -26.38 -21.74 -15.77
C GLY C 351 -27.65 -22.20 -15.06
N LEU C 352 -28.77 -21.56 -15.39
CA LEU C 352 -30.05 -21.89 -14.77
C LEU C 352 -30.85 -22.90 -15.60
N ARG C 353 -31.74 -23.63 -14.94
CA ARG C 353 -32.56 -24.62 -15.62
C ARG C 353 -33.86 -23.98 -16.07
N THR C 354 -33.85 -23.34 -17.23
CA THR C 354 -35.02 -22.63 -17.70
C THR C 354 -35.88 -23.47 -18.64
N ASP C 355 -35.33 -24.59 -19.12
CA ASP C 355 -36.07 -25.50 -19.99
C ASP C 355 -36.25 -26.86 -19.33
N PHE C 356 -37.50 -27.31 -19.21
CA PHE C 356 -37.81 -28.55 -18.51
C PHE C 356 -39.26 -28.95 -18.74
N ASP C 357 -39.64 -30.16 -18.33
CA ASP C 357 -41.01 -30.63 -18.53
C ASP C 357 -41.76 -30.75 -17.22
N LEU C 358 -43.05 -30.42 -17.26
CA LEU C 358 -43.93 -30.56 -16.11
C LEU C 358 -45.14 -31.41 -16.47
N ASP C 359 -45.69 -32.08 -15.46
CA ASP C 359 -47.02 -32.67 -15.57
C ASP C 359 -47.97 -31.73 -14.83
N VAL C 360 -49.17 -31.56 -15.36
CA VAL C 360 -50.19 -30.77 -14.67
C VAL C 360 -51.03 -31.72 -13.83
N ILE C 361 -51.10 -31.47 -12.52
CA ILE C 361 -51.91 -32.31 -11.63
C ILE C 361 -53.07 -31.52 -11.04
N SER C 362 -54.20 -32.19 -10.82
CA SER C 362 -55.42 -31.55 -10.35
C SER C 362 -56.23 -32.50 -9.46
N LEU C 363 -57.00 -31.93 -8.55
CA LEU C 363 -57.81 -32.71 -7.63
C LEU C 363 -59.07 -33.23 -8.31
N LYS C 364 -59.11 -34.52 -8.57
CA LYS C 364 -60.33 -35.19 -8.98
C LYS C 364 -60.95 -35.85 -7.76
N GLU C 365 -62.13 -36.44 -7.91
CA GLU C 365 -62.82 -37.03 -6.76
C GLU C 365 -62.03 -38.20 -6.19
N GLU C 366 -61.18 -38.81 -7.02
CA GLU C 366 -60.40 -39.96 -6.63
C GLU C 366 -59.09 -39.59 -5.93
N GLY C 367 -58.64 -38.36 -6.12
CA GLY C 367 -57.37 -37.89 -5.55
C GLY C 367 -56.66 -36.96 -6.51
N LEU C 368 -55.40 -36.66 -6.24
CA LEU C 368 -54.61 -35.81 -7.15
C LEU C 368 -54.16 -36.64 -8.35
N GLU C 369 -54.54 -36.22 -9.55
CA GLU C 369 -54.22 -36.97 -10.76
C GLU C 369 -53.65 -36.07 -11.85
N LYS C 370 -53.05 -36.68 -12.87
CA LYS C 370 -52.52 -35.95 -14.01
C LYS C 370 -53.66 -35.56 -14.94
N ILE C 371 -53.55 -34.38 -15.54
CA ILE C 371 -54.58 -33.88 -16.43
C ILE C 371 -53.98 -33.06 -17.56
N GLY C 372 -52.67 -33.22 -17.80
CA GLY C 372 -52.01 -32.49 -18.86
C GLY C 372 -50.52 -32.43 -18.65
N THR C 373 -49.86 -31.62 -19.49
CA THR C 373 -48.42 -31.42 -19.38
C THR C 373 -48.11 -29.99 -19.77
N TRP C 374 -46.86 -29.60 -19.62
CA TRP C 374 -46.45 -28.26 -19.96
C TRP C 374 -44.95 -28.26 -20.22
N ASP C 375 -44.53 -27.45 -21.18
CA ASP C 375 -43.13 -27.12 -21.36
C ASP C 375 -43.06 -25.74 -21.99
N PRO C 376 -41.92 -25.06 -21.85
CA PRO C 376 -41.82 -23.67 -22.28
C PRO C 376 -42.06 -23.46 -23.78
N ALA C 377 -41.70 -24.44 -24.60
CA ALA C 377 -41.74 -24.26 -26.06
C ALA C 377 -43.14 -24.33 -26.64
N SER C 378 -43.95 -25.29 -26.18
CA SER C 378 -45.27 -25.51 -26.76
C SER C 378 -46.41 -25.14 -25.81
N GLY C 379 -46.08 -24.62 -24.64
CA GLY C 379 -47.07 -24.13 -23.72
C GLY C 379 -47.86 -25.22 -23.03
N LEU C 380 -49.07 -24.88 -22.60
CA LEU C 380 -49.91 -25.82 -21.86
C LEU C 380 -50.58 -26.84 -22.78
N ASN C 381 -50.76 -28.06 -22.27
CA ASN C 381 -51.33 -29.15 -23.04
C ASN C 381 -52.26 -29.98 -22.16
N MET C 382 -53.43 -29.45 -21.88
CA MET C 382 -54.41 -30.16 -21.06
C MET C 382 -54.95 -31.36 -21.84
N THR C 383 -55.34 -32.41 -21.13
CA THR C 383 -55.76 -33.64 -21.78
C THR C 383 -57.19 -33.97 -21.42
N THR D 2 37.64 -15.40 -31.79
CA THR D 2 36.54 -16.25 -32.22
C THR D 2 35.34 -16.09 -31.27
N HIS D 3 35.61 -16.07 -29.97
CA HIS D 3 34.58 -15.71 -29.00
C HIS D 3 34.66 -14.23 -28.67
N VAL D 4 33.57 -13.50 -28.86
CA VAL D 4 33.56 -12.07 -28.61
C VAL D 4 32.94 -11.77 -27.25
N LEU D 5 33.69 -11.07 -26.41
CA LEU D 5 33.22 -10.67 -25.08
C LEU D 5 33.24 -9.14 -25.01
N ARG D 6 32.14 -8.52 -24.57
CA ARG D 6 32.04 -7.07 -24.56
C ARG D 6 32.09 -6.42 -23.18
N PHE D 7 33.01 -5.47 -23.01
CA PHE D 7 33.12 -4.68 -21.80
C PHE D 7 32.50 -3.30 -22.02
N GLY D 8 31.91 -2.72 -20.98
CA GLY D 8 31.45 -1.35 -21.06
C GLY D 8 32.35 -0.41 -20.30
N GLY D 9 32.55 0.80 -20.84
CA GLY D 9 33.33 1.81 -20.15
C GLY D 9 32.55 3.10 -20.04
N ILE D 10 32.69 3.79 -18.91
CA ILE D 10 32.04 5.07 -18.71
C ILE D 10 33.10 6.12 -18.32
N PHE D 11 33.21 7.18 -19.12
CA PHE D 11 34.25 8.18 -18.93
C PHE D 11 33.70 9.60 -18.80
N GLU D 12 34.33 10.42 -17.98
CA GLU D 12 33.93 11.82 -17.86
C GLU D 12 34.37 12.63 -19.07
N TYR D 13 33.59 13.62 -19.45
CA TYR D 13 34.01 14.57 -20.47
C TYR D 13 35.18 15.38 -19.94
N VAL D 14 36.05 15.81 -20.83
CA VAL D 14 37.28 16.49 -20.44
C VAL D 14 37.47 17.75 -21.26
N GLU D 15 37.97 18.79 -20.63
CA GLU D 15 38.28 20.03 -21.33
C GLU D 15 39.42 19.81 -22.33
N SER D 16 40.45 19.07 -21.91
CA SER D 16 41.63 18.77 -22.73
C SER D 16 41.33 18.46 -24.19
N GLY D 17 40.43 17.51 -24.42
CA GLY D 17 40.11 17.08 -25.77
C GLY D 17 38.94 16.12 -25.76
N PRO D 18 38.78 15.33 -26.83
CA PRO D 18 37.62 14.43 -26.89
C PRO D 18 37.81 13.17 -26.08
N MET D 19 39.04 12.87 -25.69
CA MET D 19 39.32 11.67 -24.92
C MET D 19 40.32 11.92 -23.81
N GLY D 20 39.91 11.64 -22.58
CA GLY D 20 40.77 11.83 -21.42
C GLY D 20 41.81 10.73 -21.31
N ALA D 21 42.60 10.77 -20.24
CA ALA D 21 43.66 9.80 -20.02
C ALA D 21 43.11 8.39 -19.78
N GLU D 22 42.07 8.26 -18.97
CA GLU D 22 41.48 6.97 -18.69
C GLU D 22 41.01 6.29 -19.97
N GLU D 23 40.19 6.99 -20.73
CA GLU D 23 39.63 6.43 -21.95
C GLU D 23 40.70 6.01 -22.97
N LEU D 24 41.73 6.83 -23.14
CA LEU D 24 42.83 6.49 -24.04
C LEU D 24 43.57 5.22 -23.58
N ALA D 25 43.74 5.09 -22.27
CA ALA D 25 44.47 3.97 -21.71
C ALA D 25 43.64 2.70 -21.83
N PHE D 26 42.33 2.84 -21.66
CA PHE D 26 41.41 1.74 -21.79
C PHE D 26 41.52 1.12 -23.19
N ARG D 27 41.38 1.96 -24.22
CA ARG D 27 41.48 1.50 -25.61
C ARG D 27 42.87 0.95 -25.90
N PHE D 28 43.88 1.65 -25.43
CA PHE D 28 45.25 1.23 -25.59
C PHE D 28 45.41 -0.21 -25.07
N ALA D 29 44.75 -0.51 -23.96
CA ALA D 29 44.91 -1.80 -23.31
C ALA D 29 44.17 -2.89 -24.09
N VAL D 30 42.95 -2.60 -24.49
CA VAL D 30 42.17 -3.57 -25.23
C VAL D 30 42.88 -3.96 -26.54
N ASN D 31 43.45 -2.97 -27.24
CA ASN D 31 44.16 -3.23 -28.49
C ASN D 31 45.36 -4.14 -28.29
N THR D 32 46.16 -3.82 -27.29
CA THR D 32 47.33 -4.63 -26.97
C THR D 32 46.97 -6.10 -26.70
N ILE D 33 45.89 -6.32 -25.96
CA ILE D 33 45.50 -7.67 -25.54
C ILE D 33 44.97 -8.51 -26.70
N ASN D 34 44.34 -7.86 -27.67
CA ASN D 34 43.86 -8.57 -28.84
C ASN D 34 44.99 -8.86 -29.81
N ARG D 35 46.00 -8.01 -29.82
CA ARG D 35 47.19 -8.22 -30.62
C ARG D 35 48.04 -9.32 -30.00
N ASN D 36 47.88 -9.51 -28.69
CA ASN D 36 48.66 -10.50 -27.97
C ASN D 36 48.03 -11.88 -28.16
N ARG D 37 48.87 -12.90 -28.34
CA ARG D 37 48.38 -14.25 -28.64
C ARG D 37 48.41 -15.15 -27.43
N THR D 38 49.32 -14.88 -26.50
CA THR D 38 49.42 -15.69 -25.30
C THR D 38 48.24 -15.42 -24.36
N LEU D 39 47.82 -14.16 -24.28
CA LEU D 39 46.75 -13.74 -23.39
C LEU D 39 45.44 -13.62 -24.16
N LEU D 40 44.41 -14.31 -23.66
CA LEU D 40 43.13 -14.39 -24.37
C LEU D 40 43.36 -14.69 -25.84
N PRO D 41 43.73 -15.94 -26.14
CA PRO D 41 44.03 -16.40 -27.50
C PRO D 41 42.79 -16.62 -28.34
N ASN D 42 41.71 -17.08 -27.70
CA ASN D 42 40.49 -17.42 -28.43
C ASN D 42 39.39 -16.38 -28.22
N THR D 43 39.66 -15.36 -27.42
CA THR D 43 38.69 -14.30 -27.16
C THR D 43 39.11 -12.97 -27.78
N THR D 44 38.15 -12.24 -28.34
CA THR D 44 38.37 -10.89 -28.85
C THR D 44 37.56 -9.86 -28.07
N LEU D 45 38.25 -8.96 -27.38
CA LEU D 45 37.60 -7.94 -26.55
C LEU D 45 37.03 -6.80 -27.38
N THR D 46 35.78 -6.48 -27.11
CA THR D 46 35.14 -5.29 -27.68
C THR D 46 34.59 -4.45 -26.53
N TYR D 47 34.01 -3.30 -26.83
CA TYR D 47 33.46 -2.47 -25.76
C TYR D 47 32.52 -1.40 -26.24
N ASP D 48 31.67 -0.93 -25.32
CA ASP D 48 30.78 0.18 -25.59
C ASP D 48 31.24 1.30 -24.67
N THR D 49 31.36 2.52 -25.20
CA THR D 49 31.75 3.65 -24.37
C THR D 49 30.60 4.65 -24.19
N GLN D 50 30.38 5.06 -22.95
CA GLN D 50 29.41 6.09 -22.61
C GLN D 50 30.16 7.24 -21.93
N LYS D 51 29.77 8.47 -22.20
CA LYS D 51 30.42 9.59 -21.56
C LYS D 51 29.39 10.42 -20.79
N ILE D 52 29.81 11.01 -19.67
CA ILE D 52 28.94 11.82 -18.84
C ILE D 52 29.67 13.09 -18.41
N ASN D 53 28.92 14.14 -18.08
CA ASN D 53 29.53 15.35 -17.51
C ASN D 53 30.17 15.06 -16.16
N LEU D 54 31.28 15.72 -15.88
CA LEU D 54 31.92 15.65 -14.57
C LEU D 54 30.93 16.08 -13.48
N TYR D 55 30.82 15.29 -12.42
CA TYR D 55 29.95 15.60 -11.28
C TYR D 55 28.49 15.18 -11.49
N ASP D 56 28.19 14.54 -12.61
CA ASP D 56 26.80 14.20 -12.91
C ASP D 56 26.53 12.75 -12.52
N SER D 57 26.16 12.53 -11.26
CA SER D 57 25.99 11.18 -10.76
C SER D 57 24.70 10.57 -11.33
N PHE D 58 23.68 11.40 -11.49
CA PHE D 58 22.39 10.96 -12.00
C PHE D 58 22.52 10.44 -13.45
N GLU D 59 23.32 11.12 -14.26
CA GLU D 59 23.59 10.66 -15.62
C GLU D 59 24.43 9.37 -15.61
N ALA D 60 25.24 9.18 -14.57
CA ALA D 60 26.06 7.99 -14.48
C ALA D 60 25.18 6.74 -14.25
N SER D 61 24.08 6.91 -13.54
CA SER D 61 23.13 5.83 -13.35
C SER D 61 22.52 5.43 -14.68
N LYS D 62 22.05 6.43 -15.42
CA LYS D 62 21.36 6.16 -16.65
C LYS D 62 22.26 5.47 -17.67
N LYS D 63 23.50 5.93 -17.79
CA LYS D 63 24.45 5.37 -18.74
C LYS D 63 24.87 3.97 -18.32
N ALA D 64 25.07 3.75 -17.03
CA ALA D 64 25.37 2.42 -16.54
C ALA D 64 24.22 1.48 -16.89
N CYS D 65 22.99 1.95 -16.74
CA CYS D 65 21.83 1.11 -17.02
C CYS D 65 21.63 0.85 -18.51
N ASP D 66 22.08 1.80 -19.33
CA ASP D 66 22.06 1.63 -20.77
C ASP D 66 23.00 0.51 -21.15
N GLN D 67 24.17 0.49 -20.52
CA GLN D 67 25.18 -0.51 -20.83
C GLN D 67 24.77 -1.89 -20.39
N LEU D 68 24.14 -2.01 -19.22
CA LEU D 68 23.70 -3.31 -18.74
C LEU D 68 22.55 -3.83 -19.60
N SER D 69 21.71 -2.92 -20.08
CA SER D 69 20.63 -3.29 -20.97
C SER D 69 21.20 -3.74 -22.31
N LEU D 70 22.35 -3.19 -22.67
CA LEU D 70 22.98 -3.51 -23.95
C LEU D 70 23.68 -4.86 -23.88
N GLY D 71 24.23 -5.17 -22.71
CA GLY D 71 24.91 -6.43 -22.49
C GLY D 71 26.40 -6.24 -22.36
N VAL D 72 26.91 -6.30 -21.12
CA VAL D 72 28.35 -6.19 -20.89
C VAL D 72 28.77 -7.12 -19.78
N ALA D 73 30.06 -7.44 -19.73
CA ALA D 73 30.59 -8.39 -18.74
C ALA D 73 31.16 -7.67 -17.52
N ALA D 74 31.57 -6.43 -17.71
CA ALA D 74 32.05 -5.60 -16.61
C ALA D 74 31.92 -4.14 -17.01
N ILE D 75 32.01 -3.24 -16.05
CA ILE D 75 31.93 -1.81 -16.33
C ILE D 75 33.11 -1.09 -15.69
N PHE D 76 33.85 -0.34 -16.50
CA PHE D 76 35.05 0.36 -16.06
C PHE D 76 34.75 1.85 -15.96
N GLY D 77 34.89 2.43 -14.77
CA GLY D 77 34.68 3.86 -14.58
C GLY D 77 33.30 4.13 -14.03
N PRO D 78 32.93 5.41 -13.87
CA PRO D 78 33.72 6.63 -14.10
C PRO D 78 34.66 6.93 -12.93
N SER D 79 35.32 8.09 -12.98
CA SER D 79 36.42 8.41 -12.08
C SER D 79 35.98 9.17 -10.84
N HIS D 80 35.12 10.18 -11.03
CA HIS D 80 34.66 11.00 -9.93
C HIS D 80 33.86 10.15 -8.95
N SER D 81 34.05 10.39 -7.65
CA SER D 81 33.52 9.50 -6.61
C SER D 81 31.99 9.38 -6.60
N SER D 82 31.27 10.47 -6.76
CA SER D 82 29.80 10.46 -6.68
C SER D 82 29.19 9.57 -7.74
N SER D 83 29.74 9.63 -8.94
CA SER D 83 29.24 8.86 -10.05
C SER D 83 29.68 7.42 -9.93
N ALA D 84 30.89 7.23 -9.42
CA ALA D 84 31.44 5.89 -9.26
C ALA D 84 30.59 5.11 -8.28
N ASN D 85 30.10 5.81 -7.26
CA ASN D 85 29.25 5.22 -6.25
C ASN D 85 27.87 4.87 -6.80
N ALA D 86 27.35 5.73 -7.68
CA ALA D 86 26.08 5.45 -8.33
C ALA D 86 26.17 4.20 -9.21
N VAL D 87 27.26 4.07 -9.95
CA VAL D 87 27.43 2.92 -10.83
C VAL D 87 27.69 1.68 -10.01
N GLN D 88 28.47 1.81 -8.96
CA GLN D 88 28.78 0.67 -8.09
C GLN D 88 27.51 0.08 -7.50
N SER D 89 26.56 0.95 -7.18
CA SER D 89 25.29 0.53 -6.59
C SER D 89 24.50 -0.29 -7.60
N ILE D 90 24.42 0.21 -8.83
CA ILE D 90 23.72 -0.49 -9.90
C ILE D 90 24.37 -1.84 -10.19
N CYS D 91 25.70 -1.84 -10.31
CA CYS D 91 26.43 -3.06 -10.65
C CYS D 91 26.23 -4.13 -9.59
N ASN D 92 26.10 -3.70 -8.34
CA ASN D 92 25.82 -4.63 -7.26
C ASN D 92 24.40 -5.23 -7.37
N ALA D 93 23.44 -4.41 -7.80
CA ALA D 93 22.06 -4.85 -7.85
C ALA D 93 21.86 -5.91 -8.93
N LEU D 94 22.49 -5.71 -10.07
CA LEU D 94 22.30 -6.57 -11.22
C LEU D 94 23.43 -7.58 -11.35
N GLY D 95 24.33 -7.59 -10.38
CA GLY D 95 25.38 -8.59 -10.32
C GLY D 95 26.40 -8.60 -11.45
N VAL D 96 26.73 -7.43 -11.97
CA VAL D 96 27.76 -7.28 -13.01
C VAL D 96 28.96 -6.55 -12.41
N PRO D 97 30.17 -7.10 -12.58
CA PRO D 97 31.38 -6.52 -11.96
C PRO D 97 31.68 -5.06 -12.31
N HIS D 98 32.05 -4.29 -11.28
CA HIS D 98 32.37 -2.87 -11.44
C HIS D 98 33.84 -2.63 -11.13
N ILE D 99 34.61 -2.24 -12.15
CA ILE D 99 36.07 -2.10 -12.02
C ILE D 99 36.51 -0.65 -11.86
N GLN D 100 37.01 -0.29 -10.68
CA GLN D 100 37.39 1.09 -10.36
C GLN D 100 38.91 1.30 -10.44
N THR D 101 39.35 2.48 -10.85
CA THR D 101 40.78 2.74 -10.99
C THR D 101 41.21 3.96 -10.17
N ARG D 102 40.24 4.77 -9.76
CA ARG D 102 40.52 5.93 -8.92
C ARG D 102 40.05 5.71 -7.50
N TRP D 103 40.65 6.41 -6.56
CA TRP D 103 40.27 6.28 -5.18
C TRP D 103 38.95 7.01 -4.96
N LYS D 104 38.08 6.44 -4.13
CA LYS D 104 36.88 7.15 -3.72
C LYS D 104 36.56 6.78 -2.29
N HIS D 105 35.81 7.64 -1.61
CA HIS D 105 35.43 7.36 -0.24
C HIS D 105 34.50 6.16 -0.20
N GLN D 106 34.98 5.07 0.41
CA GLN D 106 34.19 3.85 0.56
C GLN D 106 33.44 3.84 1.88
N VAL D 107 32.18 4.29 1.84
CA VAL D 107 31.36 4.39 3.06
C VAL D 107 31.39 3.08 3.83
N SER D 108 31.23 3.16 5.15
CA SER D 108 31.36 2.02 6.04
C SER D 108 30.14 1.10 5.97
N ASP D 109 28.96 1.70 6.03
CA ASP D 109 27.73 0.93 6.03
C ASP D 109 27.41 0.34 4.65
N ASN D 110 28.37 0.40 3.73
CA ASN D 110 28.17 -0.12 2.38
C ASN D 110 28.42 -1.62 2.26
N LYS D 111 27.46 -2.31 1.67
CA LYS D 111 27.51 -3.76 1.57
C LYS D 111 27.51 -4.24 0.12
N ASP D 112 28.02 -3.40 -0.79
CA ASP D 112 28.15 -3.81 -2.18
C ASP D 112 29.37 -4.73 -2.24
N SER D 113 29.29 -5.73 -3.11
CA SER D 113 30.33 -6.75 -3.17
C SER D 113 30.78 -7.00 -4.61
N PHE D 114 30.09 -6.38 -5.56
CA PHE D 114 30.40 -6.58 -6.96
C PHE D 114 31.26 -5.44 -7.52
N TYR D 115 32.46 -5.29 -6.97
CA TYR D 115 33.42 -4.31 -7.45
C TYR D 115 34.82 -4.57 -6.92
N VAL D 116 35.77 -3.98 -7.60
CA VAL D 116 37.17 -4.15 -7.26
C VAL D 116 37.84 -2.81 -7.55
N SER D 117 38.94 -2.50 -6.87
CA SER D 117 39.61 -1.22 -7.08
C SER D 117 41.10 -1.42 -7.25
N LEU D 118 41.66 -0.85 -8.31
CA LEU D 118 43.09 -0.99 -8.55
C LEU D 118 43.92 0.10 -7.90
N TYR D 119 43.29 1.08 -7.27
CA TYR D 119 44.05 2.11 -6.58
C TYR D 119 44.53 1.56 -5.23
N PRO D 120 45.81 1.80 -4.89
CA PRO D 120 46.36 1.34 -3.62
C PRO D 120 45.61 1.90 -2.41
N ASP D 121 45.03 1.02 -1.59
CA ASP D 121 44.26 1.46 -0.43
C ASP D 121 44.99 2.59 0.26
N PHE D 122 44.27 3.63 0.65
CA PHE D 122 44.94 4.79 1.23
C PHE D 122 45.38 4.53 2.65
N SER D 123 44.81 3.53 3.30
CA SER D 123 45.28 3.18 4.63
C SER D 123 46.67 2.54 4.56
N SER D 124 46.90 1.71 3.55
CA SER D 124 48.24 1.14 3.36
C SER D 124 49.23 2.22 2.99
N LEU D 125 48.85 3.13 2.12
CA LEU D 125 49.71 4.26 1.76
C LEU D 125 50.04 5.08 2.98
N SER D 126 49.06 5.24 3.88
CA SER D 126 49.26 6.00 5.09
C SER D 126 50.23 5.32 6.04
N ARG D 127 50.17 4.00 6.11
CA ARG D 127 51.09 3.26 6.97
C ARG D 127 52.50 3.40 6.43
N ALA D 128 52.63 3.49 5.11
CA ALA D 128 53.94 3.66 4.49
C ALA D 128 54.46 5.06 4.79
N ILE D 129 53.55 6.00 4.98
CA ILE D 129 53.95 7.36 5.27
C ILE D 129 54.36 7.48 6.74
N LEU D 130 53.72 6.69 7.60
CA LEU D 130 54.13 6.61 9.00
C LEU D 130 55.53 6.04 9.09
N ASP D 131 55.79 5.03 8.27
CA ASP D 131 57.08 4.37 8.31
C ASP D 131 58.19 5.37 7.94
N LEU D 132 57.91 6.24 6.98
CA LEU D 132 58.86 7.30 6.64
C LEU D 132 59.04 8.23 7.83
N VAL D 133 57.93 8.60 8.46
CA VAL D 133 57.96 9.55 9.56
C VAL D 133 58.77 9.00 10.75
N GLN D 134 58.63 7.72 11.05
CA GLN D 134 59.33 7.12 12.17
C GLN D 134 60.80 6.96 11.84
N PHE D 135 61.08 6.66 10.58
CA PHE D 135 62.44 6.51 10.13
C PHE D 135 63.21 7.83 10.24
N PHE D 136 62.62 8.91 9.74
CA PHE D 136 63.22 10.23 9.83
C PHE D 136 63.23 10.77 11.26
N LYS D 137 62.68 10.01 12.20
CA LYS D 137 62.68 10.41 13.62
C LYS D 137 61.98 11.75 13.85
N TRP D 138 60.87 11.96 13.17
CA TRP D 138 60.07 13.16 13.35
C TRP D 138 59.23 13.05 14.62
N LYS D 139 59.22 14.12 15.42
CA LYS D 139 58.38 14.14 16.60
C LYS D 139 57.15 14.98 16.31
N THR D 140 57.32 16.00 15.48
CA THR D 140 56.22 16.87 15.10
C THR D 140 56.10 16.90 13.58
N VAL D 141 54.87 16.85 13.10
CA VAL D 141 54.60 16.95 11.68
C VAL D 141 53.29 17.68 11.45
N THR D 142 53.13 18.27 10.27
CA THR D 142 51.92 18.98 9.91
C THR D 142 51.34 18.41 8.63
N VAL D 143 50.10 17.93 8.69
CA VAL D 143 49.44 17.36 7.51
C VAL D 143 48.57 18.39 6.81
N VAL D 144 48.82 18.59 5.52
CA VAL D 144 48.03 19.50 4.71
C VAL D 144 47.23 18.67 3.72
N TYR D 145 45.90 18.83 3.71
CA TYR D 145 45.07 18.05 2.80
C TYR D 145 44.16 18.96 2.00
N ASP D 146 43.70 18.48 0.84
CA ASP D 146 42.80 19.27 0.04
C ASP D 146 41.36 19.04 0.50
N ASP D 147 40.56 20.08 0.47
CA ASP D 147 39.15 19.96 0.85
C ASP D 147 38.47 18.87 0.04
N SER D 148 38.84 18.78 -1.24
CA SER D 148 38.24 17.82 -2.17
C SER D 148 38.19 16.42 -1.56
N THR D 149 39.31 15.93 -1.05
CA THR D 149 39.35 14.64 -0.36
C THR D 149 39.17 14.84 1.14
N GLY D 150 38.58 13.87 1.81
CA GLY D 150 38.27 14.06 3.21
C GLY D 150 39.50 13.91 4.07
N LEU D 151 39.28 14.02 5.37
CA LEU D 151 40.25 13.62 6.38
C LEU D 151 40.27 12.11 6.48
N ILE D 152 39.16 11.50 6.04
CA ILE D 152 38.92 10.08 6.25
C ILE D 152 40.02 9.18 5.70
N ARG D 153 40.59 9.52 4.54
CA ARG D 153 41.58 8.63 3.95
C ARG D 153 42.91 8.69 4.68
N LEU D 154 43.10 9.72 5.49
CA LEU D 154 44.31 9.87 6.27
C LEU D 154 44.12 9.36 7.70
N GLN D 155 43.03 8.64 7.94
CA GLN D 155 42.68 8.24 9.30
C GLN D 155 43.82 7.51 10.01
N GLU D 156 44.60 6.76 9.24
CA GLU D 156 45.72 6.05 9.85
C GLU D 156 46.72 7.04 10.44
N LEU D 157 46.92 8.17 9.76
CA LEU D 157 47.82 9.22 10.26
C LEU D 157 47.24 9.89 11.49
N ILE D 158 45.94 10.12 11.50
CA ILE D 158 45.29 10.83 12.60
C ILE D 158 45.32 9.99 13.87
N LYS D 159 45.34 8.67 13.72
CA LYS D 159 45.32 7.77 14.89
C LYS D 159 46.71 7.55 15.48
N ALA D 160 47.74 7.98 14.75
CA ALA D 160 49.11 7.62 15.08
C ALA D 160 49.58 8.17 16.43
N PRO D 161 49.24 9.44 16.73
CA PRO D 161 49.66 10.05 18.01
C PRO D 161 49.10 9.33 19.24
N SER D 162 48.18 8.38 19.02
CA SER D 162 47.63 7.58 20.12
C SER D 162 48.56 6.43 20.52
N ARG D 163 49.50 6.09 19.64
CA ARG D 163 50.35 4.94 19.81
C ARG D 163 51.83 5.27 19.76
N TYR D 164 52.15 6.45 19.23
CA TYR D 164 53.54 6.86 19.07
C TYR D 164 53.73 8.29 19.56
N ASN D 165 54.95 8.63 19.97
CA ASN D 165 55.25 9.97 20.48
C ASN D 165 55.24 11.00 19.36
N LEU D 166 54.05 11.46 18.99
CA LEU D 166 53.87 12.33 17.83
C LEU D 166 52.88 13.46 18.09
N ARG D 167 53.17 14.63 17.55
CA ARG D 167 52.28 15.79 17.65
C ARG D 167 51.91 16.25 16.25
N LEU D 168 50.63 16.13 15.92
CA LEU D 168 50.16 16.33 14.56
C LEU D 168 49.27 17.56 14.42
N LYS D 169 49.62 18.47 13.52
CA LYS D 169 48.78 19.64 13.26
C LYS D 169 48.11 19.51 11.88
N ILE D 170 46.78 19.63 11.85
CA ILE D 170 46.02 19.47 10.60
C ILE D 170 45.63 20.81 9.97
N ARG D 171 46.06 21.02 8.73
CA ARG D 171 45.81 22.28 8.02
C ARG D 171 45.16 22.01 6.67
N GLN D 172 44.13 22.78 6.33
CA GLN D 172 43.38 22.53 5.11
C GLN D 172 43.75 23.53 4.02
N LEU D 173 43.87 23.04 2.79
CA LEU D 173 44.09 23.90 1.63
C LEU D 173 42.80 24.59 1.24
N PRO D 174 42.88 25.90 0.95
CA PRO D 174 41.71 26.68 0.51
C PRO D 174 40.95 26.02 -0.63
N ALA D 175 39.63 26.15 -0.61
CA ALA D 175 38.76 25.54 -1.61
C ALA D 175 38.14 26.60 -2.54
N ASP D 176 38.74 27.78 -2.58
CA ASP D 176 38.18 28.88 -3.35
C ASP D 176 39.19 29.48 -4.34
N THR D 177 40.46 29.12 -4.20
CA THR D 177 41.50 29.61 -5.10
C THR D 177 42.64 28.61 -5.24
N LYS D 178 43.76 29.06 -5.77
CA LYS D 178 44.98 28.26 -5.85
C LYS D 178 46.13 28.98 -5.16
N ASP D 179 45.81 30.05 -4.46
CA ASP D 179 46.80 30.78 -3.66
C ASP D 179 46.92 30.12 -2.29
N ALA D 180 48.01 29.42 -2.08
CA ALA D 180 48.26 28.77 -0.80
C ALA D 180 49.27 29.57 0.02
N LYS D 181 49.47 30.84 -0.32
CA LYS D 181 50.46 31.66 0.38
C LYS D 181 50.04 31.98 1.83
N PRO D 182 48.73 32.23 2.06
CA PRO D 182 48.27 32.46 3.42
C PRO D 182 48.58 31.29 4.35
N LEU D 183 48.40 30.07 3.84
CA LEU D 183 48.68 28.86 4.60
C LEU D 183 50.18 28.67 4.81
N LEU D 184 50.97 28.88 3.76
CA LEU D 184 52.42 28.76 3.87
C LEU D 184 52.96 29.74 4.92
N LYS D 185 52.34 30.90 5.01
CA LYS D 185 52.77 31.92 5.95
C LYS D 185 52.55 31.44 7.37
N GLU D 186 51.41 30.79 7.61
CA GLU D 186 51.07 30.27 8.93
C GLU D 186 52.06 29.22 9.38
N MET D 187 52.46 28.35 8.46
CA MET D 187 53.40 27.29 8.78
C MET D 187 54.79 27.88 9.06
N LYS D 188 55.27 28.70 8.12
CA LYS D 188 56.56 29.38 8.27
C LYS D 188 56.62 30.06 9.64
N ARG D 189 55.50 30.66 10.02
CA ARG D 189 55.37 31.36 11.29
C ARG D 189 55.58 30.39 12.46
N GLY D 190 54.89 29.26 12.40
CA GLY D 190 54.95 28.29 13.47
C GLY D 190 56.10 27.30 13.38
N LYS D 191 57.12 27.62 12.58
CA LYS D 191 58.29 26.74 12.48
C LYS D 191 57.90 25.30 12.12
N GLU D 192 56.93 25.15 11.22
CA GLU D 192 56.48 23.83 10.80
C GLU D 192 57.34 23.34 9.64
N PHE D 193 58.44 22.69 9.98
CA PHE D 193 59.44 22.33 8.99
C PHE D 193 59.18 20.97 8.36
N HIS D 194 58.47 20.11 9.08
CA HIS D 194 58.17 18.77 8.59
C HIS D 194 56.72 18.72 8.15
N VAL D 195 56.48 18.37 6.90
CA VAL D 195 55.15 18.50 6.30
C VAL D 195 54.77 17.34 5.40
N ILE D 196 53.52 16.92 5.48
CA ILE D 196 52.98 15.90 4.59
C ILE D 196 51.90 16.54 3.73
N PHE D 197 52.08 16.52 2.41
CA PHE D 197 51.07 17.04 1.48
C PHE D 197 50.18 15.94 0.92
N ASP D 198 48.90 15.96 1.28
CA ASP D 198 47.90 15.10 0.65
C ASP D 198 47.13 15.85 -0.44
N CYS D 199 47.63 15.75 -1.67
CA CYS D 199 47.00 16.40 -2.80
C CYS D 199 47.57 15.86 -4.10
N SER D 200 46.91 16.18 -5.21
CA SER D 200 47.37 15.70 -6.51
C SER D 200 48.74 16.30 -6.85
N HIS D 201 49.41 15.72 -7.84
CA HIS D 201 50.71 16.24 -8.28
C HIS D 201 50.57 17.58 -8.99
N GLU D 202 49.43 17.81 -9.63
CA GLU D 202 49.18 19.09 -10.27
C GLU D 202 49.22 20.18 -9.19
N MET D 203 48.46 19.95 -8.12
CA MET D 203 48.38 20.94 -7.06
C MET D 203 49.70 21.05 -6.30
N ALA D 204 50.51 19.99 -6.32
CA ALA D 204 51.79 20.02 -5.62
C ALA D 204 52.81 20.87 -6.36
N ALA D 205 52.80 20.78 -7.68
CA ALA D 205 53.70 21.58 -8.49
C ALA D 205 53.50 23.05 -8.15
N GLY D 206 52.24 23.48 -8.17
CA GLY D 206 51.92 24.87 -7.91
C GLY D 206 52.20 25.30 -6.48
N ILE D 207 52.17 24.36 -5.54
CA ILE D 207 52.38 24.68 -4.14
C ILE D 207 53.86 24.84 -3.81
N LEU D 208 54.72 24.10 -4.53
CA LEU D 208 56.16 24.23 -4.33
C LEU D 208 56.66 25.52 -4.96
N LYS D 209 55.96 25.97 -5.99
CA LYS D 209 56.31 27.20 -6.67
C LYS D 209 56.20 28.38 -5.70
N GLN D 210 55.08 28.43 -4.97
CA GLN D 210 54.83 29.51 -4.02
C GLN D 210 55.70 29.34 -2.79
N ALA D 211 56.00 28.09 -2.45
CA ALA D 211 56.87 27.80 -1.32
C ALA D 211 58.28 28.27 -1.62
N LEU D 212 58.63 28.32 -2.89
CA LEU D 212 59.93 28.81 -3.31
C LEU D 212 59.96 30.33 -3.22
N ASN D 213 58.84 30.96 -3.57
CA ASN D 213 58.71 32.42 -3.52
C ASN D 213 58.61 32.93 -2.08
N MET D 214 58.73 32.03 -1.11
CA MET D 214 58.62 32.41 0.30
C MET D 214 59.77 31.84 1.13
N SER D 215 60.83 31.43 0.45
CA SER D 215 62.04 31.00 1.13
C SER D 215 61.81 29.76 1.97
N MET D 216 60.85 28.94 1.55
CA MET D 216 60.52 27.71 2.28
C MET D 216 61.02 26.47 1.55
N MET D 217 61.81 26.67 0.49
CA MET D 217 62.48 25.58 -0.18
C MET D 217 63.96 25.64 0.20
N THR D 218 64.26 25.21 1.42
CA THR D 218 65.62 25.29 1.91
C THR D 218 66.00 24.04 2.69
N GLU D 219 67.23 24.03 3.17
CA GLU D 219 67.76 22.90 3.94
C GLU D 219 66.98 22.62 5.21
N TYR D 220 66.17 23.57 5.64
CA TYR D 220 65.40 23.41 6.86
C TYR D 220 64.15 22.54 6.67
N TYR D 221 63.52 22.62 5.49
CA TYR D 221 62.23 21.96 5.28
C TYR D 221 62.35 20.58 4.66
N HIS D 222 61.50 19.66 5.10
CA HIS D 222 61.43 18.30 4.55
C HIS D 222 59.97 17.98 4.19
N TYR D 223 59.71 17.72 2.90
CA TYR D 223 58.34 17.49 2.43
C TYR D 223 58.09 16.06 1.98
N ILE D 224 57.00 15.48 2.48
CA ILE D 224 56.55 14.15 2.09
C ILE D 224 55.24 14.26 1.31
N PHE D 225 55.13 13.60 0.16
CA PHE D 225 53.94 13.70 -0.69
C PHE D 225 53.21 12.37 -0.90
N THR D 226 51.88 12.39 -0.84
CA THR D 226 51.08 11.20 -1.03
C THR D 226 50.92 10.84 -2.52
N THR D 227 51.11 11.81 -3.41
CA THR D 227 50.91 11.53 -4.83
C THR D 227 51.94 10.51 -5.32
N LEU D 228 51.47 9.57 -6.13
CA LEU D 228 52.33 8.56 -6.71
C LEU D 228 52.93 9.04 -8.02
N ASP D 229 52.45 10.17 -8.50
CA ASP D 229 52.97 10.78 -9.72
C ASP D 229 53.99 11.85 -9.39
N LEU D 230 54.68 11.65 -8.27
CA LEU D 230 55.66 12.62 -7.79
C LEU D 230 56.82 12.74 -8.76
N PHE D 231 57.24 11.60 -9.31
CA PHE D 231 58.39 11.54 -10.20
C PHE D 231 58.17 12.36 -11.47
N ALA D 232 56.91 12.55 -11.84
CA ALA D 232 56.57 13.27 -13.06
C ALA D 232 56.58 14.77 -12.85
N LEU D 233 57.16 15.20 -11.74
CA LEU D 233 57.25 16.62 -11.42
C LEU D 233 58.57 17.17 -11.93
N ASP D 234 58.58 18.47 -12.23
CA ASP D 234 59.80 19.15 -12.63
C ASP D 234 60.48 19.73 -11.39
N VAL D 235 61.60 19.14 -11.01
CA VAL D 235 62.31 19.56 -9.80
C VAL D 235 63.60 20.30 -10.11
N GLU D 236 63.71 20.83 -11.33
CA GLU D 236 64.90 21.57 -11.71
C GLU D 236 65.09 22.79 -10.81
N PRO D 237 64.04 23.61 -10.66
CA PRO D 237 64.14 24.82 -9.82
C PRO D 237 64.57 24.56 -8.38
N TYR D 238 64.39 23.34 -7.89
CA TYR D 238 64.55 23.06 -6.46
C TYR D 238 65.75 22.18 -6.11
N ARG D 239 66.33 21.51 -7.10
CA ARG D 239 67.30 20.45 -6.80
C ARG D 239 68.66 20.96 -6.26
N TYR D 240 68.78 22.27 -6.08
CA TYR D 240 70.03 22.82 -5.53
C TYR D 240 69.78 23.65 -4.27
N SER D 241 68.51 23.84 -3.91
CA SER D 241 68.15 24.64 -2.75
C SER D 241 68.48 23.93 -1.45
N GLY D 242 68.69 22.62 -1.52
CA GLY D 242 69.03 21.84 -0.35
C GLY D 242 67.82 21.30 0.39
N VAL D 243 66.63 21.54 -0.16
CA VAL D 243 65.40 21.01 0.42
C VAL D 243 65.31 19.51 0.22
N ASN D 244 64.78 18.81 1.21
CA ASN D 244 64.51 17.38 1.09
C ASN D 244 63.06 17.15 0.63
N MET D 245 62.87 16.25 -0.33
CA MET D 245 61.53 15.85 -0.77
C MET D 245 61.51 14.33 -0.84
N THR D 246 60.39 13.73 -0.45
CA THR D 246 60.29 12.29 -0.39
C THR D 246 58.85 11.87 -0.70
N GLY D 247 58.71 10.76 -1.40
CA GLY D 247 57.41 10.23 -1.75
C GLY D 247 57.51 8.80 -2.23
N PHE D 248 56.46 8.34 -2.92
CA PHE D 248 56.42 6.98 -3.40
C PHE D 248 56.08 6.91 -4.89
N ARG D 249 56.43 5.78 -5.49
CA ARG D 249 56.12 5.51 -6.88
C ARG D 249 55.65 4.08 -6.96
N ILE D 250 54.56 3.85 -7.68
CA ILE D 250 54.04 2.50 -7.83
C ILE D 250 54.25 2.02 -9.26
N LEU D 251 54.60 2.93 -10.17
CA LEU D 251 54.97 2.55 -11.53
C LEU D 251 56.30 1.83 -11.52
N ASN D 252 56.26 0.55 -11.86
CA ASN D 252 57.45 -0.28 -11.95
C ASN D 252 58.32 0.07 -13.17
N THR D 253 58.89 1.27 -13.17
CA THR D 253 59.60 1.80 -14.33
C THR D 253 60.99 1.21 -14.49
N GLU D 254 61.50 0.58 -13.44
CA GLU D 254 62.82 -0.06 -13.53
C GLU D 254 62.73 -1.34 -14.33
N ASN D 255 61.52 -1.87 -14.47
CA ASN D 255 61.28 -3.03 -15.33
C ASN D 255 61.28 -2.62 -16.81
N THR D 256 62.14 -3.26 -17.61
CA THR D 256 62.32 -2.85 -18.99
C THR D 256 61.08 -3.05 -19.88
N GLN D 257 60.34 -4.12 -19.65
CA GLN D 257 59.09 -4.37 -20.38
C GLN D 257 58.10 -3.23 -20.15
N VAL D 258 58.13 -2.66 -18.95
CA VAL D 258 57.25 -1.55 -18.62
C VAL D 258 57.72 -0.27 -19.30
N SER D 259 59.01 0.00 -19.22
CA SER D 259 59.56 1.23 -19.77
C SER D 259 59.19 1.40 -21.24
N SER D 260 59.21 0.30 -21.98
CA SER D 260 58.96 0.36 -23.42
C SER D 260 57.50 0.76 -23.68
N ILE D 261 56.59 0.27 -22.84
CA ILE D 261 55.18 0.62 -22.95
C ILE D 261 54.93 2.09 -22.60
N ILE D 262 55.58 2.59 -21.56
CA ILE D 262 55.53 4.00 -21.23
C ILE D 262 55.96 4.82 -22.44
N GLU D 263 56.86 4.26 -23.23
CA GLU D 263 57.41 4.94 -24.39
C GLU D 263 56.39 5.04 -25.51
N LYS D 264 55.71 3.93 -25.80
CA LYS D 264 54.65 3.92 -26.80
C LYS D 264 53.60 4.95 -26.44
N TRP D 265 53.31 5.05 -25.15
CA TRP D 265 52.32 5.99 -24.64
C TRP D 265 52.68 7.42 -24.99
N SER D 266 53.98 7.71 -25.07
CA SER D 266 54.44 8.99 -25.58
C SER D 266 54.36 9.02 -27.09
N MET D 267 53.11 8.95 -27.57
CA MET D 267 52.74 9.15 -28.96
C MET D 267 51.28 9.58 -28.96
N GLU D 268 50.96 10.54 -28.07
CA GLU D 268 49.60 11.02 -27.88
C GLU D 268 49.52 12.52 -28.10
N SER D 278 53.16 25.59 -15.64
CA SER D 278 52.86 24.15 -15.62
C SER D 278 54.11 23.37 -15.23
N GLY D 279 54.30 23.21 -13.92
CA GLY D 279 55.48 22.57 -13.37
C GLY D 279 55.62 21.09 -13.68
N LEU D 280 54.75 20.55 -14.54
CA LEU D 280 54.77 19.13 -14.88
C LEU D 280 55.58 18.88 -16.16
N LEU D 281 56.34 17.79 -16.16
CA LEU D 281 57.13 17.42 -17.32
C LEU D 281 56.24 16.75 -18.35
N ASP D 282 56.83 16.30 -19.45
CA ASP D 282 56.08 15.61 -20.50
C ASP D 282 56.75 14.29 -20.85
N GLY D 283 56.01 13.41 -21.52
CA GLY D 283 56.53 12.11 -21.89
C GLY D 283 56.40 11.11 -20.76
N PHE D 284 55.43 11.36 -19.87
CA PHE D 284 55.16 10.47 -18.76
C PHE D 284 53.74 9.92 -18.82
N MET D 285 53.58 8.65 -18.48
CA MET D 285 52.26 8.07 -18.30
C MET D 285 51.86 8.24 -16.84
N THR D 286 50.74 8.91 -16.57
CA THR D 286 50.30 9.11 -15.20
C THR D 286 49.84 7.79 -14.57
N THR D 287 49.85 7.74 -13.25
CA THR D 287 49.41 6.56 -12.53
C THR D 287 47.93 6.29 -12.79
N ASP D 288 47.16 7.34 -13.00
CA ASP D 288 45.73 7.21 -13.27
C ASP D 288 45.49 6.48 -14.57
N ALA D 289 46.38 6.68 -15.53
CA ALA D 289 46.25 6.03 -16.83
C ALA D 289 46.83 4.61 -16.80
N ALA D 290 47.92 4.43 -16.06
CA ALA D 290 48.55 3.13 -15.94
C ALA D 290 47.62 2.14 -15.25
N LEU D 291 46.86 2.62 -14.26
CA LEU D 291 45.97 1.77 -13.49
C LEU D 291 44.79 1.27 -14.34
N MET D 292 44.29 2.11 -15.23
CA MET D 292 43.20 1.71 -16.13
C MET D 292 43.72 0.64 -17.08
N TYR D 293 44.97 0.81 -17.53
CA TYR D 293 45.62 -0.14 -18.42
C TYR D 293 45.78 -1.49 -17.73
N ASP D 294 46.07 -1.46 -16.42
CA ASP D 294 46.22 -2.69 -15.65
C ASP D 294 44.90 -3.32 -15.28
N ALA D 295 43.84 -2.52 -15.24
CA ALA D 295 42.53 -3.05 -14.90
C ALA D 295 42.03 -3.93 -16.05
N VAL D 296 42.20 -3.47 -17.28
CA VAL D 296 41.73 -4.27 -18.41
C VAL D 296 42.50 -5.60 -18.47
N HIS D 297 43.77 -5.58 -18.08
CA HIS D 297 44.58 -6.79 -18.09
C HIS D 297 44.21 -7.79 -16.99
N VAL D 298 44.07 -7.31 -15.76
CA VAL D 298 43.78 -8.20 -14.64
C VAL D 298 42.37 -8.81 -14.76
N VAL D 299 41.41 -8.06 -15.29
CA VAL D 299 40.09 -8.62 -15.60
C VAL D 299 40.19 -9.68 -16.70
N SER D 300 41.03 -9.46 -17.70
CA SER D 300 41.22 -10.43 -18.79
C SER D 300 41.75 -11.76 -18.29
N VAL D 301 42.59 -11.71 -17.26
CA VAL D 301 43.11 -12.93 -16.67
C VAL D 301 41.96 -13.75 -16.11
N ALA D 302 40.94 -13.06 -15.61
CA ALA D 302 39.78 -13.75 -15.07
C ALA D 302 38.91 -14.31 -16.19
N VAL D 303 38.90 -13.64 -17.32
CA VAL D 303 38.06 -14.06 -18.45
C VAL D 303 38.62 -15.35 -19.05
N GLN D 304 39.92 -15.57 -18.87
CA GLN D 304 40.56 -16.72 -19.48
C GLN D 304 40.27 -17.97 -18.66
N GLN D 305 39.90 -17.77 -17.40
CA GLN D 305 39.53 -18.87 -16.52
C GLN D 305 38.02 -19.06 -16.49
N PHE D 306 37.31 -18.26 -17.27
CA PHE D 306 35.87 -18.40 -17.41
C PHE D 306 35.48 -18.18 -18.87
N PRO D 307 35.97 -19.06 -19.74
CA PRO D 307 35.91 -18.80 -21.18
C PRO D 307 34.51 -18.94 -21.72
N GLN D 308 34.21 -18.19 -22.78
CA GLN D 308 32.94 -18.30 -23.47
C GLN D 308 31.75 -18.06 -22.57
N MET D 309 31.82 -17.02 -21.75
CA MET D 309 30.65 -16.58 -20.98
C MET D 309 29.81 -15.63 -21.86
N THR D 310 28.50 -15.61 -21.63
CA THR D 310 27.60 -14.86 -22.50
C THR D 310 26.86 -13.75 -21.74
N VAL D 311 26.98 -12.51 -22.21
CA VAL D 311 26.41 -11.38 -21.48
C VAL D 311 24.90 -11.34 -21.63
N SER D 312 24.24 -10.62 -20.74
CA SER D 312 22.79 -10.60 -20.75
C SER D 312 22.27 -9.19 -20.88
N SER D 313 21.07 -9.07 -21.43
CA SER D 313 20.37 -7.81 -21.47
C SER D 313 19.61 -7.67 -20.16
N LEU D 314 20.23 -6.98 -19.20
CA LEU D 314 19.64 -6.77 -17.89
C LEU D 314 18.98 -5.40 -17.82
N GLN D 315 17.82 -5.36 -17.18
CA GLN D 315 17.02 -4.15 -17.14
C GLN D 315 16.94 -3.66 -15.71
N CYS D 316 17.42 -2.44 -15.50
CA CYS D 316 17.37 -1.85 -14.19
C CYS D 316 15.96 -1.89 -13.60
N ASN D 317 15.90 -2.37 -12.38
CA ASN D 317 14.72 -2.22 -11.54
C ASN D 317 13.61 -3.17 -11.97
N ARG D 318 14.00 -4.28 -12.59
CA ARG D 318 13.05 -5.35 -12.85
C ARG D 318 13.71 -6.72 -12.86
N HIS D 319 14.85 -6.83 -13.53
CA HIS D 319 15.49 -8.14 -13.69
C HIS D 319 16.26 -8.61 -12.46
N LYS D 320 16.60 -9.89 -12.48
CA LYS D 320 17.39 -10.49 -11.44
C LYS D 320 18.84 -10.40 -11.91
N PRO D 321 19.79 -10.60 -10.98
CA PRO D 321 21.21 -10.50 -11.32
C PRO D 321 21.65 -11.44 -12.41
N TRP D 322 22.57 -10.95 -13.23
CA TRP D 322 23.29 -11.76 -14.21
C TRP D 322 23.69 -13.11 -13.60
N ARG D 323 23.54 -14.20 -14.33
CA ARG D 323 23.81 -15.52 -13.77
C ARG D 323 25.31 -15.84 -13.65
N PHE D 324 26.12 -15.33 -14.57
CA PHE D 324 27.57 -15.55 -14.52
C PHE D 324 28.29 -14.59 -13.57
N GLY D 325 27.56 -13.60 -13.08
CA GLY D 325 28.17 -12.53 -12.30
C GLY D 325 28.95 -12.98 -11.09
N THR D 326 28.31 -13.73 -10.22
CA THR D 326 28.95 -14.13 -8.96
C THR D 326 30.25 -14.88 -9.18
N ARG D 327 30.26 -15.78 -10.16
CA ARG D 327 31.47 -16.55 -10.48
C ARG D 327 32.55 -15.60 -10.97
N PHE D 328 32.20 -14.81 -11.98
CA PHE D 328 33.14 -13.91 -12.63
C PHE D 328 33.79 -12.95 -11.64
N MET D 329 32.99 -12.46 -10.68
CA MET D 329 33.48 -11.52 -9.69
C MET D 329 34.45 -12.20 -8.73
N SER D 330 34.18 -13.46 -8.41
CA SER D 330 35.08 -14.25 -7.57
C SER D 330 36.44 -14.38 -8.21
N LEU D 331 36.46 -14.64 -9.51
CA LEU D 331 37.71 -14.86 -10.23
C LEU D 331 38.52 -13.60 -10.31
N ILE D 332 37.84 -12.47 -10.41
CA ILE D 332 38.53 -11.19 -10.48
C ILE D 332 39.24 -10.95 -9.15
N LYS D 333 38.54 -11.16 -8.04
CA LYS D 333 39.14 -10.92 -6.73
C LYS D 333 40.28 -11.88 -6.42
N GLU D 334 40.35 -12.99 -7.15
CA GLU D 334 41.41 -13.98 -6.95
C GLU D 334 42.51 -13.85 -8.00
N ALA D 335 42.31 -12.93 -8.95
CA ALA D 335 43.22 -12.77 -10.05
C ALA D 335 44.60 -12.32 -9.58
N HIS D 336 45.63 -12.67 -10.34
CA HIS D 336 46.99 -12.17 -10.14
C HIS D 336 47.53 -11.70 -11.47
N TRP D 337 48.21 -10.55 -11.46
CA TRP D 337 48.79 -10.02 -12.69
C TRP D 337 50.01 -9.15 -12.39
N GLU D 338 51.06 -9.30 -13.17
CA GLU D 338 52.24 -8.45 -13.06
C GLU D 338 52.12 -7.33 -14.10
N GLY D 339 51.84 -6.12 -13.64
CA GLY D 339 51.49 -5.05 -14.57
C GLY D 339 52.37 -3.82 -14.50
N LEU D 340 51.90 -2.73 -15.08
CA LEU D 340 52.65 -1.49 -15.09
C LEU D 340 52.93 -1.03 -13.67
N THR D 341 52.02 -1.32 -12.75
CA THR D 341 52.11 -0.81 -11.39
C THR D 341 52.57 -1.90 -10.42
N GLY D 342 53.44 -2.77 -10.92
CA GLY D 342 53.99 -3.84 -10.09
C GLY D 342 53.01 -4.97 -9.95
N ARG D 343 53.24 -5.86 -9.00
CA ARG D 343 52.34 -6.97 -8.82
C ARG D 343 50.98 -6.45 -8.33
N ILE D 344 49.92 -7.04 -8.87
CA ILE D 344 48.55 -6.68 -8.54
C ILE D 344 47.86 -7.85 -7.85
N THR D 345 47.23 -7.58 -6.70
CA THR D 345 46.45 -8.59 -6.03
C THR D 345 45.41 -7.93 -5.14
N PHE D 346 44.20 -8.46 -5.15
CA PHE D 346 43.13 -7.86 -4.37
C PHE D 346 42.91 -8.63 -3.08
N ASN D 347 42.33 -7.94 -2.11
CA ASN D 347 41.94 -8.50 -0.84
C ASN D 347 40.55 -9.11 -1.01
N LYS D 348 40.42 -10.42 -0.81
CA LYS D 348 39.12 -11.08 -1.00
C LYS D 348 38.04 -10.52 -0.05
N THR D 349 38.47 -9.94 1.07
CA THR D 349 37.52 -9.49 2.09
C THR D 349 36.80 -8.17 1.74
N ASN D 350 37.37 -7.37 0.84
CA ASN D 350 36.78 -6.06 0.54
C ASN D 350 37.02 -5.58 -0.89
N GLY D 351 37.61 -6.42 -1.72
CA GLY D 351 37.88 -6.09 -3.12
C GLY D 351 38.85 -4.95 -3.32
N LEU D 352 39.49 -4.50 -2.25
CA LEU D 352 40.44 -3.39 -2.33
C LEU D 352 41.87 -3.89 -2.49
N ARG D 353 42.73 -3.03 -3.05
CA ARG D 353 44.13 -3.39 -3.28
C ARG D 353 44.96 -2.93 -2.08
N THR D 354 45.01 -3.76 -1.05
CA THR D 354 45.69 -3.39 0.17
C THR D 354 47.12 -3.90 0.21
N ASP D 355 47.44 -4.85 -0.68
CA ASP D 355 48.79 -5.39 -0.77
C ASP D 355 49.44 -5.03 -2.11
N PHE D 356 50.61 -4.39 -2.07
CA PHE D 356 51.26 -3.92 -3.29
C PHE D 356 52.69 -3.45 -2.97
N ASP D 357 53.48 -3.18 -4.00
CA ASP D 357 54.86 -2.72 -3.79
C ASP D 357 55.05 -1.26 -4.19
N LEU D 358 55.88 -0.56 -3.43
CA LEU D 358 56.23 0.82 -3.73
C LEU D 358 57.75 0.96 -3.86
N ASP D 359 58.18 1.93 -4.66
CA ASP D 359 59.55 2.41 -4.60
C ASP D 359 59.54 3.72 -3.80
N VAL D 360 60.58 3.94 -3.00
CA VAL D 360 60.69 5.20 -2.27
C VAL D 360 61.57 6.13 -3.10
N ILE D 361 61.03 7.30 -3.46
CA ILE D 361 61.81 8.27 -4.23
C ILE D 361 62.10 9.53 -3.42
N SER D 362 63.26 10.13 -3.64
CA SER D 362 63.69 11.30 -2.88
C SER D 362 64.51 12.26 -3.75
N LEU D 363 64.48 13.53 -3.39
CA LEU D 363 65.21 14.55 -4.14
C LEU D 363 66.70 14.55 -3.82
N LYS D 364 67.51 14.06 -4.75
CA LYS D 364 68.96 14.19 -4.67
C LYS D 364 69.36 15.39 -5.52
N GLU D 365 70.64 15.76 -5.49
CA GLU D 365 71.08 16.93 -6.22
C GLU D 365 70.91 16.74 -7.73
N GLU D 366 70.86 15.49 -8.17
CA GLU D 366 70.74 15.17 -9.58
C GLU D 366 69.29 15.16 -10.07
N GLY D 367 68.34 15.01 -9.13
CA GLY D 367 66.93 14.93 -9.46
C GLY D 367 66.21 13.95 -8.55
N LEU D 368 64.97 13.62 -8.87
CA LEU D 368 64.22 12.62 -8.08
C LEU D 368 64.71 11.22 -8.40
N GLU D 369 65.20 10.52 -7.38
CA GLU D 369 65.77 9.19 -7.57
C GLU D 369 65.22 8.18 -6.56
N LYS D 370 65.47 6.90 -6.83
CA LYS D 370 65.05 5.83 -5.93
C LYS D 370 66.04 5.73 -4.79
N ILE D 371 65.54 5.43 -3.59
CA ILE D 371 66.39 5.31 -2.41
C ILE D 371 65.88 4.24 -1.48
N GLY D 372 65.06 3.33 -2.00
CA GLY D 372 64.51 2.26 -1.18
C GLY D 372 63.22 1.70 -1.75
N THR D 373 62.55 0.85 -0.96
CA THR D 373 61.30 0.24 -1.36
C THR D 373 60.45 0.03 -0.13
N TRP D 374 59.21 -0.37 -0.35
CA TRP D 374 58.28 -0.58 0.76
C TRP D 374 57.21 -1.56 0.32
N ASP D 375 56.80 -2.40 1.26
CA ASP D 375 55.60 -3.21 1.08
C ASP D 375 55.03 -3.47 2.47
N PRO D 376 53.73 -3.79 2.55
CA PRO D 376 53.06 -3.91 3.85
C PRO D 376 53.66 -5.00 4.74
N ALA D 377 54.19 -6.07 4.18
CA ALA D 377 54.62 -7.21 4.96
C ALA D 377 55.95 -6.98 5.69
N SER D 378 56.91 -6.36 5.01
CA SER D 378 58.26 -6.23 5.56
C SER D 378 58.62 -4.77 5.86
N GLY D 379 57.65 -3.88 5.67
CA GLY D 379 57.85 -2.48 6.00
C GLY D 379 58.86 -1.79 5.12
N LEU D 380 59.47 -0.75 5.65
CA LEU D 380 60.35 0.12 4.87
C LEU D 380 61.72 -0.53 4.67
N ASN D 381 62.33 -0.27 3.52
CA ASN D 381 63.62 -0.85 3.18
C ASN D 381 64.50 0.18 2.45
N MET D 382 65.04 1.14 3.20
CA MET D 382 65.88 2.18 2.62
C MET D 382 67.18 1.55 2.17
N THR D 383 67.79 2.12 1.14
CA THR D 383 69.00 1.54 0.56
C THR D 383 70.17 2.52 0.64
#